data_2DGC
# 
_entry.id   2DGC 
# 
_audit_conform.dict_name       mmcif_pdbx.dic 
_audit_conform.dict_version    5.387 
_audit_conform.dict_location   http://mmcif.pdb.org/dictionaries/ascii/mmcif_pdbx.dic 
# 
loop_
_database_2.database_id 
_database_2.database_code 
_database_2.pdbx_database_accession 
_database_2.pdbx_DOI 
PDB   2DGC         pdb_00002dgc 10.2210/pdb2dgc/pdb 
RCSB  PDT029       ?            ?                   
WWPDB D_1000177993 ?            ?                   
# 
loop_
_pdbx_audit_revision_history.ordinal 
_pdbx_audit_revision_history.data_content_type 
_pdbx_audit_revision_history.major_revision 
_pdbx_audit_revision_history.minor_revision 
_pdbx_audit_revision_history.revision_date 
1 'Structure model' 1 0 1996-03-08 
2 'Structure model' 1 1 2008-05-22 
3 'Structure model' 1 2 2011-07-13 
4 'Structure model' 1 3 2024-02-14 
# 
_pdbx_audit_revision_details.ordinal             1 
_pdbx_audit_revision_details.revision_ordinal    1 
_pdbx_audit_revision_details.data_content_type   'Structure model' 
_pdbx_audit_revision_details.provider            repository 
_pdbx_audit_revision_details.type                'Initial release' 
_pdbx_audit_revision_details.description         ? 
_pdbx_audit_revision_details.details             ? 
# 
loop_
_pdbx_audit_revision_group.ordinal 
_pdbx_audit_revision_group.revision_ordinal 
_pdbx_audit_revision_group.data_content_type 
_pdbx_audit_revision_group.group 
1 2 'Structure model' 'Version format compliance' 
2 3 'Structure model' 'Version format compliance' 
3 4 'Structure model' 'Data collection'           
4 4 'Structure model' 'Database references'       
# 
loop_
_pdbx_audit_revision_category.ordinal 
_pdbx_audit_revision_category.revision_ordinal 
_pdbx_audit_revision_category.data_content_type 
_pdbx_audit_revision_category.category 
1 4 'Structure model' chem_comp_atom 
2 4 'Structure model' chem_comp_bond 
3 4 'Structure model' database_2     
4 4 'Structure model' diffrn_source  
# 
loop_
_pdbx_audit_revision_item.ordinal 
_pdbx_audit_revision_item.revision_ordinal 
_pdbx_audit_revision_item.data_content_type 
_pdbx_audit_revision_item.item 
1 4 'Structure model' '_database_2.pdbx_DOI'                 
2 4 'Structure model' '_database_2.pdbx_database_accession'  
3 4 'Structure model' '_diffrn_source.pdbx_synchrotron_site' 
# 
_pdbx_database_status.status_code                     REL 
_pdbx_database_status.entry_id                        2DGC 
_pdbx_database_status.recvd_initial_deposition_date   1995-09-28 
_pdbx_database_status.deposit_site                    BNL 
_pdbx_database_status.process_site                    BNL 
_pdbx_database_status.SG_entry                        . 
_pdbx_database_status.pdb_format_compatible           Y 
_pdbx_database_status.status_code_mr                  ? 
_pdbx_database_status.status_code_sf                  ? 
_pdbx_database_status.status_code_cs                  ? 
_pdbx_database_status.status_code_nmr_data            ? 
_pdbx_database_status.methods_development_category    ? 
# 
_pdbx_database_related.db_name        PDB 
_pdbx_database_related.db_id          1DGC 
_pdbx_database_related.details        '2DGC IS A HIGH RESOLUTION, FULLY REFINED VERSION OF 1DGC THAT INCLUDES 46 WATER MOLECULES.' 
_pdbx_database_related.content_type   unspecified 
# 
loop_
_audit_author.name 
_audit_author.pdbx_ordinal 
'Keller, W.'     1 
'Koenig, P.'     2 
'Richmond, T.J.' 3 
# 
loop_
_citation.id 
_citation.title 
_citation.journal_abbrev 
_citation.journal_volume 
_citation.page_first 
_citation.page_last 
_citation.year 
_citation.journal_id_ASTM 
_citation.country 
_citation.journal_id_ISSN 
_citation.journal_id_CSD 
_citation.book_publisher 
_citation.pdbx_database_id_PubMed 
_citation.pdbx_database_id_DOI 
primary 'Crystal structure of a bZIP/DNA complex at 2.2 A: determinants of DNA specific recognition.' J.Mol.Biol.             254 
657  667 1995 JMOBAK UK 0022-2836 0070 ? 7500340 10.1006/jmbi.1995.0645 
1       'The X-Ray Structure of the GCN4-bZIP Bound to ATF/CREB Site DNA Shows the Complex Depends on DNA Flexibility' J.Mol.Biol. 
233 139  ?   1993 JMOBAK UK 0022-2836 0070 ? ?       ?                      
2       
;The GCN4 Basic Region Leucine Zipper Binds DNA as a Dimer of Uninterrupted Alpha Helices: Crystal Structure of the Protein-DNA Complex
;
'Cell(Cambridge,Mass.)' 71  1223 ?   1992 CELLB5 US 0092-8674 0998 ? ?       ?                      
# 
loop_
_citation_author.citation_id 
_citation_author.name 
_citation_author.ordinal 
_citation_author.identifier_ORCID 
primary 'Keller, W.'        1 ? 
primary 'Konig, P.'         2 ? 
primary 'Richmond, T.J.'    3 ? 
1       'Koenig, P.'        4 ? 
1       'Richmond, T.J.'    5 ? 
2       'Ellenberger, T.E.' 6 ? 
2       'Brandl, C.J.'      7 ? 
2       'Struhl, K.'        8 ? 
2       'Harrison, S.C.'    9 ? 
# 
loop_
_entity.id 
_entity.type 
_entity.src_method 
_entity.pdbx_description 
_entity.formula_weight 
_entity.pdbx_number_of_molecules 
_entity.pdbx_ec 
_entity.pdbx_mutation 
_entity.pdbx_fragment 
_entity.details 
1 polymer syn 
;DNA (5'-D(*TP*GP*GP*AP*GP*AP*TP*GP*AP*CP*GP*TP*CP*AP*TP*CP*T P*CP*C)-3')
;
5820.771 1  ? ? ? ? 
2 polymer nat 'PROTEIN (GCN4)'                                                           7375.564 1  ? ? ? ? 
3 water   nat water                                                                      18.015   46 ? ? ? ? 
# 
loop_
_entity_poly.entity_id 
_entity_poly.type 
_entity_poly.nstd_linkage 
_entity_poly.nstd_monomer 
_entity_poly.pdbx_seq_one_letter_code 
_entity_poly.pdbx_seq_one_letter_code_can 
_entity_poly.pdbx_strand_id 
_entity_poly.pdbx_target_identifier 
1 polydeoxyribonucleotide no no '(DT)(DG)(DG)(DA)(DG)(DA)(DT)(DG)(DA)(DC)(DG)(DT)(DC)(DA)(DT)(DC)(DT)(DC)(DC)' TGGAGATGACGTCATCTCC 
B ? 
2 'polypeptide(L)'        no no MIVPESSDPAALKRARNTEAARRSRARKLQRMKQLEDKVEELLSKNYHLENEVARLKKLVGER                
MIVPESSDPAALKRARNTEAARRSRARKLQRMKQLEDKVEELLSKNYHLENEVARLKKLVGER A ? 
# 
_pdbx_entity_nonpoly.entity_id   3 
_pdbx_entity_nonpoly.name        water 
_pdbx_entity_nonpoly.comp_id     HOH 
# 
loop_
_entity_poly_seq.entity_id 
_entity_poly_seq.num 
_entity_poly_seq.mon_id 
_entity_poly_seq.hetero 
1 1  DT  n 
1 2  DG  n 
1 3  DG  n 
1 4  DA  n 
1 5  DG  n 
1 6  DA  n 
1 7  DT  n 
1 8  DG  n 
1 9  DA  n 
1 10 DC  n 
1 11 DG  n 
1 12 DT  n 
1 13 DC  n 
1 14 DA  n 
1 15 DT  n 
1 16 DC  n 
1 17 DT  n 
1 18 DC  n 
1 19 DC  n 
2 1  MET n 
2 2  ILE n 
2 3  VAL n 
2 4  PRO n 
2 5  GLU n 
2 6  SER n 
2 7  SER n 
2 8  ASP n 
2 9  PRO n 
2 10 ALA n 
2 11 ALA n 
2 12 LEU n 
2 13 LYS n 
2 14 ARG n 
2 15 ALA n 
2 16 ARG n 
2 17 ASN n 
2 18 THR n 
2 19 GLU n 
2 20 ALA n 
2 21 ALA n 
2 22 ARG n 
2 23 ARG n 
2 24 SER n 
2 25 ARG n 
2 26 ALA n 
2 27 ARG n 
2 28 LYS n 
2 29 LEU n 
2 30 GLN n 
2 31 ARG n 
2 32 MET n 
2 33 LYS n 
2 34 GLN n 
2 35 LEU n 
2 36 GLU n 
2 37 ASP n 
2 38 LYS n 
2 39 VAL n 
2 40 GLU n 
2 41 GLU n 
2 42 LEU n 
2 43 LEU n 
2 44 SER n 
2 45 LYS n 
2 46 ASN n 
2 47 TYR n 
2 48 HIS n 
2 49 LEU n 
2 50 GLU n 
2 51 ASN n 
2 52 GLU n 
2 53 VAL n 
2 54 ALA n 
2 55 ARG n 
2 56 LEU n 
2 57 LYS n 
2 58 LYS n 
2 59 LEU n 
2 60 VAL n 
2 61 GLY n 
2 62 GLU n 
2 63 ARG n 
# 
_entity_src_nat.entity_id                  2 
_entity_src_nat.pdbx_src_id                1 
_entity_src_nat.pdbx_alt_source_flag       sample 
_entity_src_nat.pdbx_beg_seq_num           ? 
_entity_src_nat.pdbx_end_seq_num           ? 
_entity_src_nat.common_name                
;baker's yeast
;
_entity_src_nat.pdbx_organism_scientific   'Saccharomyces cerevisiae' 
_entity_src_nat.pdbx_ncbi_taxonomy_id      4932 
_entity_src_nat.genus                      Saccharomyces 
_entity_src_nat.species                    ? 
_entity_src_nat.strain                     ? 
_entity_src_nat.tissue                     ? 
_entity_src_nat.tissue_fraction            ? 
_entity_src_nat.pdbx_secretion             ? 
_entity_src_nat.pdbx_fragment              ? 
_entity_src_nat.pdbx_variant               ? 
_entity_src_nat.pdbx_cell_line             ? 
_entity_src_nat.pdbx_atcc                  ? 
_entity_src_nat.pdbx_cellular_location     ? 
_entity_src_nat.pdbx_organ                 ? 
_entity_src_nat.pdbx_organelle             ? 
_entity_src_nat.pdbx_cell                  ? 
_entity_src_nat.pdbx_plasmid_name          ? 
_entity_src_nat.pdbx_plasmid_details       ? 
_entity_src_nat.details                    ? 
# 
loop_
_chem_comp.id 
_chem_comp.type 
_chem_comp.mon_nstd_flag 
_chem_comp.name 
_chem_comp.pdbx_synonyms 
_chem_comp.formula 
_chem_comp.formula_weight 
ALA 'L-peptide linking' y ALANINE                              ? 'C3 H7 N O2'      89.093  
ARG 'L-peptide linking' y ARGININE                             ? 'C6 H15 N4 O2 1'  175.209 
ASN 'L-peptide linking' y ASPARAGINE                           ? 'C4 H8 N2 O3'     132.118 
ASP 'L-peptide linking' y 'ASPARTIC ACID'                      ? 'C4 H7 N O4'      133.103 
DA  'DNA linking'       y "2'-DEOXYADENOSINE-5'-MONOPHOSPHATE" ? 'C10 H14 N5 O6 P' 331.222 
DC  'DNA linking'       y "2'-DEOXYCYTIDINE-5'-MONOPHOSPHATE"  ? 'C9 H14 N3 O7 P'  307.197 
DG  'DNA linking'       y "2'-DEOXYGUANOSINE-5'-MONOPHOSPHATE" ? 'C10 H14 N5 O7 P' 347.221 
DT  'DNA linking'       y "THYMIDINE-5'-MONOPHOSPHATE"         ? 'C10 H15 N2 O8 P' 322.208 
GLN 'L-peptide linking' y GLUTAMINE                            ? 'C5 H10 N2 O3'    146.144 
GLU 'L-peptide linking' y 'GLUTAMIC ACID'                      ? 'C5 H9 N O4'      147.129 
GLY 'peptide linking'   y GLYCINE                              ? 'C2 H5 N O2'      75.067  
HIS 'L-peptide linking' y HISTIDINE                            ? 'C6 H10 N3 O2 1'  156.162 
HOH non-polymer         . WATER                                ? 'H2 O'            18.015  
ILE 'L-peptide linking' y ISOLEUCINE                           ? 'C6 H13 N O2'     131.173 
LEU 'L-peptide linking' y LEUCINE                              ? 'C6 H13 N O2'     131.173 
LYS 'L-peptide linking' y LYSINE                               ? 'C6 H15 N2 O2 1'  147.195 
MET 'L-peptide linking' y METHIONINE                           ? 'C5 H11 N O2 S'   149.211 
PRO 'L-peptide linking' y PROLINE                              ? 'C5 H9 N O2'      115.130 
SER 'L-peptide linking' y SERINE                               ? 'C3 H7 N O3'      105.093 
THR 'L-peptide linking' y THREONINE                            ? 'C4 H9 N O3'      119.119 
TYR 'L-peptide linking' y TYROSINE                             ? 'C9 H11 N O3'     181.189 
VAL 'L-peptide linking' y VALINE                               ? 'C5 H11 N O2'     117.146 
# 
loop_
_pdbx_poly_seq_scheme.asym_id 
_pdbx_poly_seq_scheme.entity_id 
_pdbx_poly_seq_scheme.seq_id 
_pdbx_poly_seq_scheme.mon_id 
_pdbx_poly_seq_scheme.ndb_seq_num 
_pdbx_poly_seq_scheme.pdb_seq_num 
_pdbx_poly_seq_scheme.auth_seq_num 
_pdbx_poly_seq_scheme.pdb_mon_id 
_pdbx_poly_seq_scheme.auth_mon_id 
_pdbx_poly_seq_scheme.pdb_strand_id 
_pdbx_poly_seq_scheme.pdb_ins_code 
_pdbx_poly_seq_scheme.hetero 
A 1 1  DT  1  -10 -10 DT  T   B . n 
A 1 2  DG  2  -9  -9  DG  G   B . n 
A 1 3  DG  3  -8  -8  DG  G   B . n 
A 1 4  DA  4  -7  -7  DA  A   B . n 
A 1 5  DG  5  -6  -6  DG  G   B . n 
A 1 6  DA  6  -5  -5  DA  A   B . n 
A 1 7  DT  7  -4  -4  DT  T   B . n 
A 1 8  DG  8  -3  -3  DG  G   B . n 
A 1 9  DA  9  -2  -2  DA  A   B . n 
A 1 10 DC  10 -1  -1  DC  C   B . n 
A 1 11 DG  11 1   1   DG  G   B . n 
A 1 12 DT  12 2   2   DT  T   B . n 
A 1 13 DC  13 3   3   DC  C   B . n 
A 1 14 DA  14 4   4   DA  A   B . n 
A 1 15 DT  15 5   5   DT  T   B . n 
A 1 16 DC  16 6   6   DC  C   B . n 
A 1 17 DT  17 7   7   DT  T   B . n 
A 1 18 DC  18 8   8   DC  C   B . n 
A 1 19 DC  19 9   9   DC  C   B . n 
B 2 1  MET 1  219 ?   ?   ?   A . n 
B 2 2  ILE 2  220 ?   ?   ?   A . n 
B 2 3  VAL 3  221 ?   ?   ?   A . n 
B 2 4  PRO 4  222 ?   ?   ?   A . n 
B 2 5  GLU 5  223 ?   ?   ?   A . n 
B 2 6  SER 6  224 ?   ?   ?   A . n 
B 2 7  SER 7  225 ?   ?   ?   A . n 
B 2 8  ASP 8  226 ?   ?   ?   A . n 
B 2 9  PRO 9  227 ?   ?   ?   A . n 
B 2 10 ALA 10 228 ?   ?   ?   A . n 
B 2 11 ALA 11 229 229 ALA ALA A . n 
B 2 12 LEU 12 230 230 LEU LEU A . n 
B 2 13 LYS 13 231 231 LYS LYS A . n 
B 2 14 ARG 14 232 232 ARG ARG A . n 
B 2 15 ALA 15 233 233 ALA ALA A . n 
B 2 16 ARG 16 234 234 ARG ARG A . n 
B 2 17 ASN 17 235 235 ASN ASN A . n 
B 2 18 THR 18 236 236 THR THR A . n 
B 2 19 GLU 19 237 237 GLU GLU A . n 
B 2 20 ALA 20 238 238 ALA ALA A . n 
B 2 21 ALA 21 239 239 ALA ALA A . n 
B 2 22 ARG 22 240 240 ARG ARG A . n 
B 2 23 ARG 23 241 241 ARG ARG A . n 
B 2 24 SER 24 242 242 SER SER A . n 
B 2 25 ARG 25 243 243 ARG ARG A . n 
B 2 26 ALA 26 244 244 ALA ALA A . n 
B 2 27 ARG 27 245 245 ARG ARG A . n 
B 2 28 LYS 28 246 246 LYS LYS A . n 
B 2 29 LEU 29 247 247 LEU LEU A . n 
B 2 30 GLN 30 248 248 GLN GLN A . n 
B 2 31 ARG 31 249 249 ARG ARG A . n 
B 2 32 MET 32 250 250 MET MET A . n 
B 2 33 LYS 33 251 251 LYS LYS A . n 
B 2 34 GLN 34 252 252 GLN GLN A . n 
B 2 35 LEU 35 253 253 LEU LEU A . n 
B 2 36 GLU 36 254 254 GLU GLU A . n 
B 2 37 ASP 37 255 255 ASP ASP A . n 
B 2 38 LYS 38 256 256 LYS LYS A . n 
B 2 39 VAL 39 257 257 VAL VAL A . n 
B 2 40 GLU 40 258 258 GLU GLU A . n 
B 2 41 GLU 41 259 259 GLU GLU A . n 
B 2 42 LEU 42 260 260 LEU LEU A . n 
B 2 43 LEU 43 261 261 LEU LEU A . n 
B 2 44 SER 44 262 262 SER SER A . n 
B 2 45 LYS 45 263 263 LYS LYS A . n 
B 2 46 ASN 46 264 264 ASN ASN A . n 
B 2 47 TYR 47 265 265 TYR TYR A . n 
B 2 48 HIS 48 266 266 HIS HIS A . n 
B 2 49 LEU 49 267 267 LEU LEU A . n 
B 2 50 GLU 50 268 268 GLU GLU A . n 
B 2 51 ASN 51 269 269 ASN ASN A . n 
B 2 52 GLU 52 270 270 GLU GLU A . n 
B 2 53 VAL 53 271 271 VAL VAL A . n 
B 2 54 ALA 54 272 272 ALA ALA A . n 
B 2 55 ARG 55 273 273 ARG ARG A . n 
B 2 56 LEU 56 274 274 LEU LEU A . n 
B 2 57 LYS 57 275 275 LYS LYS A . n 
B 2 58 LYS 58 276 276 LYS LYS A . n 
B 2 59 LEU 59 277 277 LEU LEU A . n 
B 2 60 VAL 60 278 ?   ?   ?   A . n 
B 2 61 GLY 61 279 ?   ?   ?   A . n 
B 2 62 GLU 62 280 ?   ?   ?   A . n 
B 2 63 ARG 63 281 ?   ?   ?   A . n 
# 
loop_
_pdbx_nonpoly_scheme.asym_id 
_pdbx_nonpoly_scheme.entity_id 
_pdbx_nonpoly_scheme.mon_id 
_pdbx_nonpoly_scheme.ndb_seq_num 
_pdbx_nonpoly_scheme.pdb_seq_num 
_pdbx_nonpoly_scheme.auth_seq_num 
_pdbx_nonpoly_scheme.pdb_mon_id 
_pdbx_nonpoly_scheme.auth_mon_id 
_pdbx_nonpoly_scheme.pdb_strand_id 
_pdbx_nonpoly_scheme.pdb_ins_code 
C 3 HOH 1  10 1  HOH HOH B . 
C 3 HOH 2  11 2  HOH HOH B . 
C 3 HOH 3  12 3  HOH HOH B . 
C 3 HOH 4  13 4  HOH HOH B . 
C 3 HOH 5  14 6  HOH HOH B . 
C 3 HOH 6  15 7  HOH HOH B . 
C 3 HOH 7  16 8  HOH HOH B . 
C 3 HOH 8  17 10 HOH HOH B . 
C 3 HOH 9  18 11 HOH HOH B . 
C 3 HOH 10 19 12 HOH HOH B . 
C 3 HOH 11 20 13 HOH HOH B . 
C 3 HOH 12 21 15 HOH HOH B . 
C 3 HOH 13 22 17 HOH HOH B . 
C 3 HOH 14 23 22 HOH HOH B . 
C 3 HOH 15 24 24 HOH HOH B . 
C 3 HOH 16 25 28 HOH HOH B . 
C 3 HOH 17 26 29 HOH HOH B . 
C 3 HOH 18 27 31 HOH HOH B . 
C 3 HOH 19 28 34 HOH HOH B . 
C 3 HOH 20 29 35 HOH HOH B . 
C 3 HOH 21 30 36 HOH HOH B . 
C 3 HOH 22 31 40 HOH HOH B . 
C 3 HOH 23 32 41 HOH HOH B . 
C 3 HOH 24 33 45 HOH HOH B . 
D 3 HOH 1  5  5  HOH HOH A . 
D 3 HOH 2  9  9  HOH HOH A . 
D 3 HOH 3  14 14 HOH HOH A . 
D 3 HOH 4  16 16 HOH HOH A . 
D 3 HOH 5  18 18 HOH HOH A . 
D 3 HOH 6  19 19 HOH HOH A . 
D 3 HOH 7  20 20 HOH HOH A . 
D 3 HOH 8  21 21 HOH HOH A . 
D 3 HOH 9  23 23 HOH HOH A . 
D 3 HOH 10 25 25 HOH HOH A . 
D 3 HOH 11 26 26 HOH HOH A . 
D 3 HOH 12 27 27 HOH HOH A . 
D 3 HOH 13 30 30 HOH HOH A . 
D 3 HOH 14 32 32 HOH HOH A . 
D 3 HOH 15 33 33 HOH HOH A . 
D 3 HOH 16 37 37 HOH HOH A . 
D 3 HOH 17 38 38 HOH HOH A . 
D 3 HOH 18 39 39 HOH HOH A . 
D 3 HOH 19 42 42 HOH HOH A . 
D 3 HOH 20 43 43 HOH HOH A . 
D 3 HOH 21 44 44 HOH HOH A . 
D 3 HOH 22 46 46 HOH HOH A . 
# 
loop_
_pdbx_unobs_or_zero_occ_atoms.id 
_pdbx_unobs_or_zero_occ_atoms.PDB_model_num 
_pdbx_unobs_or_zero_occ_atoms.polymer_flag 
_pdbx_unobs_or_zero_occ_atoms.occupancy_flag 
_pdbx_unobs_or_zero_occ_atoms.auth_asym_id 
_pdbx_unobs_or_zero_occ_atoms.auth_comp_id 
_pdbx_unobs_or_zero_occ_atoms.auth_seq_id 
_pdbx_unobs_or_zero_occ_atoms.PDB_ins_code 
_pdbx_unobs_or_zero_occ_atoms.auth_atom_id 
_pdbx_unobs_or_zero_occ_atoms.label_alt_id 
_pdbx_unobs_or_zero_occ_atoms.label_asym_id 
_pdbx_unobs_or_zero_occ_atoms.label_comp_id 
_pdbx_unobs_or_zero_occ_atoms.label_seq_id 
_pdbx_unobs_or_zero_occ_atoms.label_atom_id 
1 1 Y 1 A LYS 276 ? CG  ? B LYS 58 CG  
2 1 Y 1 A LYS 276 ? CD  ? B LYS 58 CD  
3 1 Y 1 A LYS 276 ? CE  ? B LYS 58 CE  
4 1 Y 1 A LYS 276 ? NZ  ? B LYS 58 NZ  
5 1 Y 1 A LEU 277 ? CG  ? B LEU 59 CG  
6 1 Y 1 A LEU 277 ? CD1 ? B LEU 59 CD1 
7 1 Y 1 A LEU 277 ? CD2 ? B LEU 59 CD2 
# 
loop_
_software.name 
_software.classification 
_software.version 
_software.citation_id 
_software.pdbx_ordinal 
X-PLOR    refinement       . ? 1 
OSCREF    'data reduction' . ? 2 
OSCKRUNCH 'data reduction' . ? 3 
# 
_cell.entry_id           2DGC 
_cell.length_a           58.660 
_cell.length_b           58.660 
_cell.length_c           86.880 
_cell.angle_alpha        90.00 
_cell.angle_beta         90.00 
_cell.angle_gamma        90.00 
_cell.Z_PDB              8 
_cell.pdbx_unique_axis   ? 
# 
_symmetry.entry_id                         2DGC 
_symmetry.space_group_name_H-M             'P 41 21 2' 
_symmetry.pdbx_full_space_group_name_H-M   ? 
_symmetry.cell_setting                     ? 
_symmetry.Int_Tables_number                92 
# 
_exptl.entry_id          2DGC 
_exptl.method            'X-RAY DIFFRACTION' 
_exptl.crystals_number   1 
# 
_exptl_crystal.id                    1 
_exptl_crystal.density_meas          ? 
_exptl_crystal.density_Matthews      2.78 
_exptl_crystal.density_percent_sol   55.82 
_exptl_crystal.description           ? 
# 
_exptl_crystal_grow.crystal_id      1 
_exptl_crystal_grow.method          'VAPOR DIFFUSION' 
_exptl_crystal_grow.temp            ? 
_exptl_crystal_grow.temp_details    ? 
_exptl_crystal_grow.pH              4.60 
_exptl_crystal_grow.pdbx_details    'pH 4.60, VAPOR DIFFUSION' 
_exptl_crystal_grow.pdbx_pH_range   ? 
# 
loop_
_exptl_crystal_grow_comp.crystal_id 
_exptl_crystal_grow_comp.id 
_exptl_crystal_grow_comp.sol_id 
_exptl_crystal_grow_comp.name 
_exptl_crystal_grow_comp.volume 
_exptl_crystal_grow_comp.conc 
_exptl_crystal_grow_comp.details 
1 1 1 WATER        ? ? ? 
1 2 1 'PEG 6000'   ? ? ? 
1 3 1 MGCL2        ? ? ? 
1 4 1 'NA CITRATE' ? ? ? 
1 5 1 'NA AZIDE'   ? ? ? 
# 
_diffrn.id                     1 
_diffrn.ambient_temp           277.00 
_diffrn.ambient_temp_details   ? 
_diffrn.crystal_id             1 
# 
_diffrn_detector.diffrn_id              1 
_diffrn_detector.detector               'IMAGE PLATE' 
_diffrn_detector.type                   MARRESEARCH 
_diffrn_detector.pdbx_collection_date   ? 
_diffrn_detector.details                ? 
# 
_diffrn_radiation.diffrn_id                        1 
_diffrn_radiation.wavelength_id                    1 
_diffrn_radiation.pdbx_monochromatic_or_laue_m_l   M 
_diffrn_radiation.monochromator                    ? 
_diffrn_radiation.pdbx_diffrn_protocol             'SINGLE WAVELENGTH' 
_diffrn_radiation.pdbx_scattering_type             x-ray 
# 
_diffrn_radiation_wavelength.id           1 
_diffrn_radiation_wavelength.wavelength   0.92 
_diffrn_radiation_wavelength.wt           1.0 
# 
_diffrn_source.diffrn_id                   1 
_diffrn_source.source                      SYNCHROTRON 
_diffrn_source.type                        'EMBL/DESY, HAMBURG BEAMLINE X11' 
_diffrn_source.pdbx_synchrotron_site       'EMBL/DESY, HAMBURG' 
_diffrn_source.pdbx_synchrotron_beamline   X11 
_diffrn_source.pdbx_wavelength             ? 
_diffrn_source.pdbx_wavelength_list        0.92 
# 
_reflns.entry_id                     2DGC 
_reflns.observed_criterion_sigma_I   ? 
_reflns.observed_criterion_sigma_F   3.000 
_reflns.d_resolution_low             15.000 
_reflns.d_resolution_high            2.200 
_reflns.number_obs                   6597 
_reflns.number_all                   ? 
_reflns.percent_possible_obs         80.800 
_reflns.pdbx_Rmerge_I_obs            0.0900000 
_reflns.pdbx_Rsym_value              ? 
_reflns.pdbx_netI_over_sigmaI        ? 
_reflns.B_iso_Wilson_estimate        ? 
_reflns.pdbx_redundancy              5.000 
_reflns.R_free_details               ? 
_reflns.pdbx_diffrn_id               1 
_reflns.pdbx_ordinal                 1 
# 
_refine.entry_id                                 2DGC 
_refine.ls_number_reflns_obs                     5576 
_refine.ls_number_reflns_all                     ? 
_refine.pdbx_ls_sigma_I                          ? 
_refine.pdbx_ls_sigma_F                          3.000 
_refine.pdbx_data_cutoff_high_absF               ? 
_refine.pdbx_data_cutoff_low_absF                ? 
_refine.pdbx_data_cutoff_high_rms_absF           ? 
_refine.ls_d_res_low                             6.000 
_refine.ls_d_res_high                            2.200 
_refine.ls_percent_reflns_obs                    80.700 
_refine.ls_R_factor_obs                          0.2140000 
_refine.ls_R_factor_all                          ? 
_refine.ls_R_factor_R_work                       0.2140000 
_refine.ls_R_factor_R_free                       0.3160000 
_refine.ls_R_factor_R_free_error                 ? 
_refine.ls_R_factor_R_free_error_details         ? 
_refine.ls_percent_reflns_R_free                 ? 
_refine.ls_number_reflns_R_free                  ? 
_refine.ls_number_parameters                     ? 
_refine.ls_number_restraints                     ? 
_refine.occupancy_min                            ? 
_refine.occupancy_max                            ? 
_refine.B_iso_mean                               41.30 
_refine.aniso_B[1][1]                            ? 
_refine.aniso_B[2][2]                            ? 
_refine.aniso_B[3][3]                            ? 
_refine.aniso_B[1][2]                            ? 
_refine.aniso_B[1][3]                            ? 
_refine.aniso_B[2][3]                            ? 
_refine.solvent_model_details                    ? 
_refine.solvent_model_param_ksol                 ? 
_refine.solvent_model_param_bsol                 ? 
_refine.pdbx_ls_cross_valid_method               ? 
_refine.details                                  ? 
_refine.pdbx_starting_model                      ? 
_refine.pdbx_method_to_determine_struct          ? 
_refine.pdbx_isotropic_thermal_model             ? 
_refine.pdbx_stereochemistry_target_values       ? 
_refine.pdbx_stereochem_target_val_spec_case     ? 
_refine.pdbx_R_Free_selection_details            ? 
_refine.pdbx_overall_ESU_R                       ? 
_refine.pdbx_overall_ESU_R_Free                  ? 
_refine.overall_SU_ML                            ? 
_refine.overall_SU_B                             ? 
_refine.ls_redundancy_reflns_obs                 ? 
_refine.pdbx_refine_id                           'X-RAY DIFFRACTION' 
_refine.pdbx_diffrn_id                           1 
_refine.pdbx_TLS_residual_ADP_flag               ? 
_refine.correlation_coeff_Fo_to_Fc               ? 
_refine.correlation_coeff_Fo_to_Fc_free          ? 
_refine.pdbx_solvent_vdw_probe_radii             ? 
_refine.pdbx_solvent_ion_probe_radii             ? 
_refine.pdbx_solvent_shrinkage_radii             ? 
_refine.pdbx_overall_phase_error                 ? 
_refine.overall_SU_R_Cruickshank_DPI             ? 
_refine.pdbx_overall_SU_R_free_Cruickshank_DPI   ? 
_refine.pdbx_overall_SU_R_Blow_DPI               ? 
_refine.pdbx_overall_SU_R_free_Blow_DPI          ? 
# 
_refine_analyze.entry_id                        2DGC 
_refine_analyze.Luzzati_coordinate_error_obs    0.32 
_refine_analyze.Luzzati_sigma_a_obs             ? 
_refine_analyze.Luzzati_d_res_low_obs           ? 
_refine_analyze.Luzzati_coordinate_error_free   ? 
_refine_analyze.Luzzati_sigma_a_free            ? 
_refine_analyze.Luzzati_d_res_low_free          ? 
_refine_analyze.number_disordered_residues      ? 
_refine_analyze.occupancy_sum_hydrogen          ? 
_refine_analyze.occupancy_sum_non_hydrogen      ? 
_refine_analyze.pdbx_refine_id                  'X-RAY DIFFRACTION' 
# 
_refine_hist.pdbx_refine_id                   'X-RAY DIFFRACTION' 
_refine_hist.cycle_id                         LAST 
_refine_hist.pdbx_number_atoms_protein        427 
_refine_hist.pdbx_number_atoms_nucleic_acid   386 
_refine_hist.pdbx_number_atoms_ligand         0 
_refine_hist.number_atoms_solvent             46 
_refine_hist.number_atoms_total               859 
_refine_hist.d_res_high                       2.200 
_refine_hist.d_res_low                        6.000 
# 
loop_
_refine_ls_restr.type 
_refine_ls_restr.dev_ideal 
_refine_ls_restr.dev_ideal_target 
_refine_ls_restr.weight 
_refine_ls_restr.number 
_refine_ls_restr.pdbx_refine_id 
_refine_ls_restr.pdbx_restraint_function 
x_bond_d                ?     ? ? ? 'X-RAY DIFFRACTION' ? 
x_bond_d_na             0.022 ? ? ? 'X-RAY DIFFRACTION' ? 
x_bond_d_prot           0.006 ? ? ? 'X-RAY DIFFRACTION' ? 
x_angle_d               ?     ? ? ? 'X-RAY DIFFRACTION' ? 
x_angle_d_na            ?     ? ? ? 'X-RAY DIFFRACTION' ? 
x_angle_d_prot          ?     ? ? ? 'X-RAY DIFFRACTION' ? 
x_angle_deg             ?     ? ? ? 'X-RAY DIFFRACTION' ? 
x_angle_deg_na          3.64  ? ? ? 'X-RAY DIFFRACTION' ? 
x_angle_deg_prot        1.13  ? ? ? 'X-RAY DIFFRACTION' ? 
x_dihedral_angle_d      ?     ? ? ? 'X-RAY DIFFRACTION' ? 
x_dihedral_angle_d_na   ?     ? ? ? 'X-RAY DIFFRACTION' ? 
x_dihedral_angle_d_prot ?     ? ? ? 'X-RAY DIFFRACTION' ? 
x_improper_angle_d      ?     ? ? ? 'X-RAY DIFFRACTION' ? 
x_improper_angle_d_na   ?     ? ? ? 'X-RAY DIFFRACTION' ? 
x_improper_angle_d_prot ?     ? ? ? 'X-RAY DIFFRACTION' ? 
x_mcbond_it             ?     ? ? ? 'X-RAY DIFFRACTION' ? 
x_mcangle_it            ?     ? ? ? 'X-RAY DIFFRACTION' ? 
x_scbond_it             ?     ? ? ? 'X-RAY DIFFRACTION' ? 
x_scangle_it            ?     ? ? ? 'X-RAY DIFFRACTION' ? 
# 
_pdbx_xplor_file.serial_no        1 
_pdbx_xplor_file.param_file       PARAM11.DNA 
_pdbx_xplor_file.topol_file       ? 
_pdbx_xplor_file.pdbx_refine_id   'X-RAY DIFFRACTION' 
# 
_struct.entry_id                  2DGC 
_struct.title                     'GCN4 BASIC DOMAIN, LEUCINE ZIPPER COMPLEXED WITH ATF/CREB SITE DNA' 
_struct.pdbx_model_details        ? 
_struct.pdbx_CASP_flag            ? 
_struct.pdbx_model_type_details   ? 
# 
_struct_keywords.entry_id        2DGC 
_struct_keywords.pdbx_keywords   TRANSCRIPTION/DNA 
_struct_keywords.text            
'BASIC DOMAIN, LEUCINE ZIPPER, DNA BINDING, EUKARYOTIC REGULATORY PROTEIN, TRANSCRIPTION-DNA COMPLEX' 
# 
loop_
_struct_asym.id 
_struct_asym.pdbx_blank_PDB_chainid_flag 
_struct_asym.pdbx_modified 
_struct_asym.entity_id 
_struct_asym.details 
A N N 1 ? 
B N N 2 ? 
C N N 3 ? 
D N N 3 ? 
# 
loop_
_struct_ref.id 
_struct_ref.db_name 
_struct_ref.db_code 
_struct_ref.entity_id 
_struct_ref.pdbx_db_accession 
_struct_ref.pdbx_align_begin 
_struct_ref.pdbx_seq_one_letter_code 
_struct_ref.pdbx_db_isoform 
1 UNP GCN4_YEAST 2 P03069 ? ? ? 
2 PDB 2DGC       1 2DGC   ? ? ? 
# 
loop_
_struct_ref_seq.align_id 
_struct_ref_seq.ref_id 
_struct_ref_seq.pdbx_PDB_id_code 
_struct_ref_seq.pdbx_strand_id 
_struct_ref_seq.seq_align_beg 
_struct_ref_seq.pdbx_seq_align_beg_ins_code 
_struct_ref_seq.seq_align_end 
_struct_ref_seq.pdbx_seq_align_end_ins_code 
_struct_ref_seq.pdbx_db_accession 
_struct_ref_seq.db_align_beg 
_struct_ref_seq.pdbx_db_align_beg_ins_code 
_struct_ref_seq.db_align_end 
_struct_ref_seq.pdbx_db_align_end_ins_code 
_struct_ref_seq.pdbx_auth_seq_align_beg 
_struct_ref_seq.pdbx_auth_seq_align_end 
1 1 2DGC A 2 ? 63 ? P03069 220 ? 281 ? 220 281 
2 2 2DGC B 1 ? 19 ? 2DGC   -10 ? 9   ? -10 9   
# 
_pdbx_struct_assembly.id                   1 
_pdbx_struct_assembly.details              author_defined_assembly 
_pdbx_struct_assembly.method_details       ? 
_pdbx_struct_assembly.oligomeric_details   tetrameric 
_pdbx_struct_assembly.oligomeric_count     4 
# 
_pdbx_struct_assembly_gen.assembly_id       1 
_pdbx_struct_assembly_gen.oper_expression   1,2 
_pdbx_struct_assembly_gen.asym_id_list      A,B,C,D 
# 
loop_
_pdbx_struct_oper_list.id 
_pdbx_struct_oper_list.type 
_pdbx_struct_oper_list.name 
_pdbx_struct_oper_list.symmetry_operation 
_pdbx_struct_oper_list.matrix[1][1] 
_pdbx_struct_oper_list.matrix[1][2] 
_pdbx_struct_oper_list.matrix[1][3] 
_pdbx_struct_oper_list.vector[1] 
_pdbx_struct_oper_list.matrix[2][1] 
_pdbx_struct_oper_list.matrix[2][2] 
_pdbx_struct_oper_list.matrix[2][3] 
_pdbx_struct_oper_list.vector[2] 
_pdbx_struct_oper_list.matrix[3][1] 
_pdbx_struct_oper_list.matrix[3][2] 
_pdbx_struct_oper_list.matrix[3][3] 
_pdbx_struct_oper_list.vector[3] 
1 'identity operation'         1_555 x,y,z            1.0000000000 0.0000000000 0.0000000000  0.0000000000  0.0000000000 1.0000000000  0.0000000000  0.0000000000 0.0000000000  0.0000000000  1.0000000000  0.0000000000  
2 'crystal symmetry operation' 8_775 -y+2,-x+2,-z+1/2 0.2547385021 0.6786929441 -0.6888281231 -6.1037501060 0.6786929441 -0.6328923425 -0.3725898154 5.8126173611 -0.6888281231 -0.3725898154 -0.6218461597 -5.3912256935 
# 
_struct_biol.id                    1 
_struct_biol.details               
;THE ASYMMETRIC UNIT CONTAINS ONE HALF OF PROTEIN/DNA
COMPLEX PER ASYMMETRIC UNIT.

MOLECULAR DYAD AXIS OF PROTEIN DIMER AND PALINDROMIC HALF
SITES OF THE DNA COINCIDES WITH CRYSTALLOGRAPHIC TWO-FOLD
AXIS.  THE FULL PROTEIN/DNA COMPLEX CAN BE OBTAINED BY
APPLYING THE FOLLOWING TRANSFORMATION MATRIX AND
TRANSLATION VECTOR TO THE COORDINATES X Y Z:

SYMMETRY
 THE CRYSTALLOGRAPHIC SYMMETRY TRANSFORMATIONS PRESENTED
 BELOW GENERATE THE SUBUNITS OF THE POLYMERIC MOLECULE.

 APPLIED TO RESIDUES:  A   229 ..     277
 APPLIED TO RESIDUES:  B   -10 ..       9
 SYMMETRY1   1  0.000000 -1.000000  0.000000      117.32000
 SYMMETRY2   1 -1.000000  0.000000  0.000000      117.32000
 SYMMETRY3   1  0.000000  0.000000 -1.000000       43.44000
;
_struct_biol.pdbx_parent_biol_id   ? 
# 
_struct_conf.conf_type_id            HELX_P 
_struct_conf.id                      HELX_P1 
_struct_conf.pdbx_PDB_helix_id       1 
_struct_conf.beg_label_comp_id       ALA 
_struct_conf.beg_label_asym_id       B 
_struct_conf.beg_label_seq_id        11 
_struct_conf.pdbx_beg_PDB_ins_code   ? 
_struct_conf.end_label_comp_id       LYS 
_struct_conf.end_label_asym_id       B 
_struct_conf.end_label_seq_id        58 
_struct_conf.pdbx_end_PDB_ins_code   ? 
_struct_conf.beg_auth_comp_id        ALA 
_struct_conf.beg_auth_asym_id        A 
_struct_conf.beg_auth_seq_id         229 
_struct_conf.end_auth_comp_id        LYS 
_struct_conf.end_auth_asym_id        A 
_struct_conf.end_auth_seq_id         276 
_struct_conf.pdbx_PDB_helix_class    1 
_struct_conf.details                 ? 
_struct_conf.pdbx_PDB_helix_length   48 
# 
_struct_conf_type.id          HELX_P 
_struct_conf_type.criteria    ? 
_struct_conf_type.reference   ? 
# 
loop_
_struct_conn.id 
_struct_conn.conn_type_id 
_struct_conn.pdbx_leaving_atom_flag 
_struct_conn.pdbx_PDB_id 
_struct_conn.ptnr1_label_asym_id 
_struct_conn.ptnr1_label_comp_id 
_struct_conn.ptnr1_label_seq_id 
_struct_conn.ptnr1_label_atom_id 
_struct_conn.pdbx_ptnr1_label_alt_id 
_struct_conn.pdbx_ptnr1_PDB_ins_code 
_struct_conn.pdbx_ptnr1_standard_comp_id 
_struct_conn.ptnr1_symmetry 
_struct_conn.ptnr2_label_asym_id 
_struct_conn.ptnr2_label_comp_id 
_struct_conn.ptnr2_label_seq_id 
_struct_conn.ptnr2_label_atom_id 
_struct_conn.pdbx_ptnr2_label_alt_id 
_struct_conn.pdbx_ptnr2_PDB_ins_code 
_struct_conn.ptnr1_auth_asym_id 
_struct_conn.ptnr1_auth_comp_id 
_struct_conn.ptnr1_auth_seq_id 
_struct_conn.ptnr2_auth_asym_id 
_struct_conn.ptnr2_auth_comp_id 
_struct_conn.ptnr2_auth_seq_id 
_struct_conn.ptnr2_symmetry 
_struct_conn.pdbx_ptnr3_label_atom_id 
_struct_conn.pdbx_ptnr3_label_seq_id 
_struct_conn.pdbx_ptnr3_label_comp_id 
_struct_conn.pdbx_ptnr3_label_asym_id 
_struct_conn.pdbx_ptnr3_label_alt_id 
_struct_conn.pdbx_ptnr3_PDB_ins_code 
_struct_conn.details 
_struct_conn.pdbx_dist_value 
_struct_conn.pdbx_value_order 
_struct_conn.pdbx_role 
hydrog1  hydrog ? ? A DG 2  N1 ? ? ? 1_555 A DC 19 N3 ? ? B DG -9 B DC 9  8_775 ? ? ? ? ? ? WATSON-CRICK ? ? ? 
hydrog2  hydrog ? ? A DG 2  N2 ? ? ? 1_555 A DC 19 O2 ? ? B DG -9 B DC 9  8_775 ? ? ? ? ? ? WATSON-CRICK ? ? ? 
hydrog3  hydrog ? ? A DG 2  O6 ? ? ? 1_555 A DC 19 N4 ? ? B DG -9 B DC 9  8_775 ? ? ? ? ? ? WATSON-CRICK ? ? ? 
hydrog4  hydrog ? ? A DG 3  N1 ? ? ? 1_555 A DC 18 N3 ? ? B DG -8 B DC 8  8_775 ? ? ? ? ? ? WATSON-CRICK ? ? ? 
hydrog5  hydrog ? ? A DG 3  N2 ? ? ? 1_555 A DC 18 O2 ? ? B DG -8 B DC 8  8_775 ? ? ? ? ? ? WATSON-CRICK ? ? ? 
hydrog6  hydrog ? ? A DG 3  O6 ? ? ? 1_555 A DC 18 N4 ? ? B DG -8 B DC 8  8_775 ? ? ? ? ? ? WATSON-CRICK ? ? ? 
hydrog7  hydrog ? ? A DA 4  N1 ? ? ? 1_555 A DT 17 N3 ? ? B DA -7 B DT 7  8_775 ? ? ? ? ? ? WATSON-CRICK ? ? ? 
hydrog8  hydrog ? ? A DA 4  N6 ? ? ? 1_555 A DT 17 O4 ? ? B DA -7 B DT 7  8_775 ? ? ? ? ? ? WATSON-CRICK ? ? ? 
hydrog9  hydrog ? ? A DG 5  N1 ? ? ? 1_555 A DC 16 N3 ? ? B DG -6 B DC 6  8_775 ? ? ? ? ? ? WATSON-CRICK ? ? ? 
hydrog10 hydrog ? ? A DG 5  N2 ? ? ? 1_555 A DC 16 O2 ? ? B DG -6 B DC 6  8_775 ? ? ? ? ? ? WATSON-CRICK ? ? ? 
hydrog11 hydrog ? ? A DG 5  O6 ? ? ? 1_555 A DC 16 N4 ? ? B DG -6 B DC 6  8_775 ? ? ? ? ? ? WATSON-CRICK ? ? ? 
hydrog12 hydrog ? ? A DA 6  N1 ? ? ? 1_555 A DT 15 N3 ? ? B DA -5 B DT 5  8_775 ? ? ? ? ? ? WATSON-CRICK ? ? ? 
hydrog13 hydrog ? ? A DA 6  N6 ? ? ? 1_555 A DT 15 O4 ? ? B DA -5 B DT 5  8_775 ? ? ? ? ? ? WATSON-CRICK ? ? ? 
hydrog14 hydrog ? ? A DT 7  N3 ? ? ? 1_555 A DA 14 N1 ? ? B DT -4 B DA 4  8_775 ? ? ? ? ? ? WATSON-CRICK ? ? ? 
hydrog15 hydrog ? ? A DT 7  O4 ? ? ? 1_555 A DA 14 N6 ? ? B DT -4 B DA 4  8_775 ? ? ? ? ? ? WATSON-CRICK ? ? ? 
hydrog16 hydrog ? ? A DG 8  N1 ? ? ? 1_555 A DC 13 N3 ? ? B DG -3 B DC 3  8_775 ? ? ? ? ? ? WATSON-CRICK ? ? ? 
hydrog17 hydrog ? ? A DG 8  N2 ? ? ? 1_555 A DC 13 O2 ? ? B DG -3 B DC 3  8_775 ? ? ? ? ? ? WATSON-CRICK ? ? ? 
hydrog18 hydrog ? ? A DG 8  O6 ? ? ? 1_555 A DC 13 N4 ? ? B DG -3 B DC 3  8_775 ? ? ? ? ? ? WATSON-CRICK ? ? ? 
hydrog19 hydrog ? ? A DA 9  N1 ? ? ? 1_555 A DT 12 N3 ? ? B DA -2 B DT 2  8_775 ? ? ? ? ? ? WATSON-CRICK ? ? ? 
hydrog20 hydrog ? ? A DA 9  N6 ? ? ? 1_555 A DT 12 O4 ? ? B DA -2 B DT 2  8_775 ? ? ? ? ? ? WATSON-CRICK ? ? ? 
hydrog21 hydrog ? ? A DC 10 N3 ? ? ? 1_555 A DG 11 N1 ? ? B DC -1 B DG 1  8_775 ? ? ? ? ? ? WATSON-CRICK ? ? ? 
hydrog22 hydrog ? ? A DC 10 N4 ? ? ? 1_555 A DG 11 O6 ? ? B DC -1 B DG 1  8_775 ? ? ? ? ? ? WATSON-CRICK ? ? ? 
hydrog23 hydrog ? ? A DC 10 O2 ? ? ? 1_555 A DG 11 N2 ? ? B DC -1 B DG 1  8_775 ? ? ? ? ? ? WATSON-CRICK ? ? ? 
hydrog24 hydrog ? ? A DG 11 N1 ? ? ? 1_555 A DC 10 N3 ? ? B DG 1  B DC -1 8_775 ? ? ? ? ? ? WATSON-CRICK ? ? ? 
hydrog25 hydrog ? ? A DG 11 N2 ? ? ? 1_555 A DC 10 O2 ? ? B DG 1  B DC -1 8_775 ? ? ? ? ? ? WATSON-CRICK ? ? ? 
hydrog26 hydrog ? ? A DG 11 O6 ? ? ? 1_555 A DC 10 N4 ? ? B DG 1  B DC -1 8_775 ? ? ? ? ? ? WATSON-CRICK ? ? ? 
hydrog27 hydrog ? ? A DT 12 N3 ? ? ? 1_555 A DA 9  N1 ? ? B DT 2  B DA -2 8_775 ? ? ? ? ? ? WATSON-CRICK ? ? ? 
hydrog28 hydrog ? ? A DT 12 O4 ? ? ? 1_555 A DA 9  N6 ? ? B DT 2  B DA -2 8_775 ? ? ? ? ? ? WATSON-CRICK ? ? ? 
hydrog29 hydrog ? ? A DC 13 N3 ? ? ? 1_555 A DG 8  N1 ? ? B DC 3  B DG -3 8_775 ? ? ? ? ? ? WATSON-CRICK ? ? ? 
hydrog30 hydrog ? ? A DC 13 N4 ? ? ? 1_555 A DG 8  O6 ? ? B DC 3  B DG -3 8_775 ? ? ? ? ? ? WATSON-CRICK ? ? ? 
hydrog31 hydrog ? ? A DC 13 O2 ? ? ? 1_555 A DG 8  N2 ? ? B DC 3  B DG -3 8_775 ? ? ? ? ? ? WATSON-CRICK ? ? ? 
hydrog32 hydrog ? ? A DA 14 N1 ? ? ? 1_555 A DT 7  N3 ? ? B DA 4  B DT -4 8_775 ? ? ? ? ? ? WATSON-CRICK ? ? ? 
hydrog33 hydrog ? ? A DA 14 N6 ? ? ? 1_555 A DT 7  O4 ? ? B DA 4  B DT -4 8_775 ? ? ? ? ? ? WATSON-CRICK ? ? ? 
hydrog34 hydrog ? ? A DT 15 N3 ? ? ? 1_555 A DA 6  N1 ? ? B DT 5  B DA -5 8_775 ? ? ? ? ? ? WATSON-CRICK ? ? ? 
hydrog35 hydrog ? ? A DT 15 O4 ? ? ? 1_555 A DA 6  N6 ? ? B DT 5  B DA -5 8_775 ? ? ? ? ? ? WATSON-CRICK ? ? ? 
hydrog36 hydrog ? ? A DC 16 N3 ? ? ? 1_555 A DG 5  N1 ? ? B DC 6  B DG -6 8_775 ? ? ? ? ? ? WATSON-CRICK ? ? ? 
hydrog37 hydrog ? ? A DC 16 N4 ? ? ? 1_555 A DG 5  O6 ? ? B DC 6  B DG -6 8_775 ? ? ? ? ? ? WATSON-CRICK ? ? ? 
hydrog38 hydrog ? ? A DC 16 O2 ? ? ? 1_555 A DG 5  N2 ? ? B DC 6  B DG -6 8_775 ? ? ? ? ? ? WATSON-CRICK ? ? ? 
hydrog39 hydrog ? ? A DT 17 N3 ? ? ? 1_555 A DA 4  N1 ? ? B DT 7  B DA -7 8_775 ? ? ? ? ? ? WATSON-CRICK ? ? ? 
hydrog40 hydrog ? ? A DT 17 O4 ? ? ? 1_555 A DA 4  N6 ? ? B DT 7  B DA -7 8_775 ? ? ? ? ? ? WATSON-CRICK ? ? ? 
hydrog41 hydrog ? ? A DC 18 N3 ? ? ? 1_555 A DG 3  N1 ? ? B DC 8  B DG -8 8_775 ? ? ? ? ? ? WATSON-CRICK ? ? ? 
hydrog42 hydrog ? ? A DC 18 N4 ? ? ? 1_555 A DG 3  O6 ? ? B DC 8  B DG -8 8_775 ? ? ? ? ? ? WATSON-CRICK ? ? ? 
hydrog43 hydrog ? ? A DC 18 O2 ? ? ? 1_555 A DG 3  N2 ? ? B DC 8  B DG -8 8_775 ? ? ? ? ? ? WATSON-CRICK ? ? ? 
hydrog44 hydrog ? ? A DC 19 N3 ? ? ? 1_555 A DG 2  N1 ? ? B DC 9  B DG -9 8_775 ? ? ? ? ? ? WATSON-CRICK ? ? ? 
hydrog45 hydrog ? ? A DC 19 N4 ? ? ? 1_555 A DG 2  O6 ? ? B DC 9  B DG -9 8_775 ? ? ? ? ? ? WATSON-CRICK ? ? ? 
hydrog46 hydrog ? ? A DC 19 O2 ? ? ? 1_555 A DG 2  N2 ? ? B DC 9  B DG -9 8_775 ? ? ? ? ? ? WATSON-CRICK ? ? ? 
# 
_struct_conn_type.id          hydrog 
_struct_conn_type.criteria    ? 
_struct_conn_type.reference   ? 
# 
loop_
_pdbx_validate_rmsd_bond.id 
_pdbx_validate_rmsd_bond.PDB_model_num 
_pdbx_validate_rmsd_bond.auth_atom_id_1 
_pdbx_validate_rmsd_bond.auth_asym_id_1 
_pdbx_validate_rmsd_bond.auth_comp_id_1 
_pdbx_validate_rmsd_bond.auth_seq_id_1 
_pdbx_validate_rmsd_bond.PDB_ins_code_1 
_pdbx_validate_rmsd_bond.label_alt_id_1 
_pdbx_validate_rmsd_bond.auth_atom_id_2 
_pdbx_validate_rmsd_bond.auth_asym_id_2 
_pdbx_validate_rmsd_bond.auth_comp_id_2 
_pdbx_validate_rmsd_bond.auth_seq_id_2 
_pdbx_validate_rmsd_bond.PDB_ins_code_2 
_pdbx_validate_rmsd_bond.label_alt_id_2 
_pdbx_validate_rmsd_bond.bond_value 
_pdbx_validate_rmsd_bond.bond_target_value 
_pdbx_validate_rmsd_bond.bond_deviation 
_pdbx_validate_rmsd_bond.bond_standard_deviation 
_pdbx_validate_rmsd_bond.linker_flag 
1  1 "C5'" B DT -10 ? ? "C4'" B DT -10 ? ? 1.570 1.512 0.058  0.007 N 
2  1 N1    B DT -10 ? ? C2    B DT -10 ? ? 1.432 1.376 0.056  0.008 N 
3  1 "C5'" B DG -9  ? ? "C4'" B DG -9  ? ? 1.570 1.512 0.058  0.007 N 
4  1 C6    B DG -9  ? ? N1    B DG -9  ? ? 1.346 1.391 -0.045 0.007 N 
5  1 P     B DG -8  ? ? "O5'" B DG -8  ? ? 1.688 1.593 0.095  0.010 N 
6  1 "C5'" B DG -8  ? ? "C4'" B DG -8  ? ? 1.570 1.512 0.058  0.007 N 
7  1 N9    B DA -2  ? ? C4    B DA -2  ? ? 1.419 1.374 0.045  0.006 N 
8  1 C6    B DG 1   ? ? N1    B DG 1   ? ? 1.340 1.391 -0.051 0.007 N 
9  1 C5    B DT 2   ? ? C7    B DT 2   ? ? 1.560 1.496 0.064  0.006 N 
10 1 P     B DC 6   ? ? "O5'" B DC 6   ? ? 1.685 1.593 0.092  0.010 N 
11 1 "O3'" B DC 6   ? ? P     B DT 7   ? ? 1.724 1.607 0.117  0.012 Y 
12 1 P     B DC 8   ? ? "O5'" B DC 8   ? ? 1.675 1.593 0.082  0.010 N 
13 1 P     B DC 9   ? ? "O5'" B DC 9   ? ? 1.682 1.593 0.089  0.010 N 
# 
loop_
_pdbx_validate_rmsd_angle.id 
_pdbx_validate_rmsd_angle.PDB_model_num 
_pdbx_validate_rmsd_angle.auth_atom_id_1 
_pdbx_validate_rmsd_angle.auth_asym_id_1 
_pdbx_validate_rmsd_angle.auth_comp_id_1 
_pdbx_validate_rmsd_angle.auth_seq_id_1 
_pdbx_validate_rmsd_angle.PDB_ins_code_1 
_pdbx_validate_rmsd_angle.label_alt_id_1 
_pdbx_validate_rmsd_angle.auth_atom_id_2 
_pdbx_validate_rmsd_angle.auth_asym_id_2 
_pdbx_validate_rmsd_angle.auth_comp_id_2 
_pdbx_validate_rmsd_angle.auth_seq_id_2 
_pdbx_validate_rmsd_angle.PDB_ins_code_2 
_pdbx_validate_rmsd_angle.label_alt_id_2 
_pdbx_validate_rmsd_angle.auth_atom_id_3 
_pdbx_validate_rmsd_angle.auth_asym_id_3 
_pdbx_validate_rmsd_angle.auth_comp_id_3 
_pdbx_validate_rmsd_angle.auth_seq_id_3 
_pdbx_validate_rmsd_angle.PDB_ins_code_3 
_pdbx_validate_rmsd_angle.label_alt_id_3 
_pdbx_validate_rmsd_angle.angle_value 
_pdbx_validate_rmsd_angle.angle_target_value 
_pdbx_validate_rmsd_angle.angle_deviation 
_pdbx_validate_rmsd_angle.angle_standard_deviation 
_pdbx_validate_rmsd_angle.linker_flag 
1  1 "O4'" B DT -10 ? ? "C1'" B DT -10 ? ? "C2'" B DT -10 ? ? 98.97  105.90 -6.93  0.80 N 
2  1 "O4'" B DT -10 ? ? "C1'" B DT -10 ? ? N1    B DT -10 ? ? 117.99 108.30 9.69   0.30 N 
3  1 C4    B DT -10 ? ? C5    B DT -10 ? ? C6    B DT -10 ? ? 122.13 118.00 4.13   0.60 N 
4  1 N3    B DT -10 ? ? C2    B DT -10 ? ? O2    B DT -10 ? ? 117.50 122.30 -4.80  0.60 N 
5  1 "O4'" B DG -9  ? ? "C1'" B DG -9  ? ? N9    B DG -9  ? ? 102.06 108.00 -5.94  0.70 N 
6  1 "O4'" B DG -8  ? ? "C1'" B DG -8  ? ? N9    B DG -8  ? ? 113.49 108.30 5.19   0.30 N 
7  1 "C5'" B DA -7  ? ? "C4'" B DA -7  ? ? "O4'" B DA -7  ? ? 118.89 109.80 9.09   1.10 N 
8  1 "O4'" B DA -7  ? ? "C1'" B DA -7  ? ? "C2'" B DA -7  ? ? 100.45 105.90 -5.45  0.80 N 
9  1 "C1'" B DA -5  ? ? "O4'" B DA -5  ? ? "C4'" B DA -5  ? ? 115.79 110.30 5.49   0.70 N 
10 1 "O4'" B DA -5  ? ? "C1'" B DA -5  ? ? "C2'" B DA -5  ? ? 99.77  105.90 -6.13  0.80 N 
11 1 "O4'" B DT -4  ? ? "C1'" B DT -4  ? ? N1    B DT -4  ? ? 110.82 108.30 2.52   0.30 N 
12 1 "C3'" B DT -4  ? ? "O3'" B DT -4  ? ? P     B DG -3  ? ? 132.23 119.70 12.53  1.20 Y 
13 1 "O4'" B DG -3  ? ? "C4'" B DG -3  ? ? "C3'" B DG -3  ? ? 110.96 106.00 4.96   0.60 N 
14 1 "C3'" B DG -3  ? ? "O3'" B DG -3  ? ? P     B DA -2  ? ? 130.42 119.70 10.72  1.20 Y 
15 1 "O4'" B DA -2  ? ? "C4'" B DA -2  ? ? "C3'" B DA -2  ? ? 110.25 106.00 4.25   0.60 N 
16 1 "C3'" B DA -2  ? ? "O3'" B DA -2  ? ? P     B DC -1  ? ? 127.95 119.70 8.25   1.20 Y 
17 1 "O4'" B DC -1  ? ? "C1'" B DC -1  ? ? N1    B DC -1  ? ? 103.13 108.00 -4.87  0.70 N 
18 1 "C3'" B DG 1   ? ? "O3'" B DG 1   ? ? P     B DT 2   ? ? 133.97 119.70 14.27  1.20 Y 
19 1 N1    B DT 2   ? ? C2    B DT 2   ? ? N3    B DT 2   ? ? 118.21 114.60 3.61   0.60 N 
20 1 N3    B DT 2   ? ? C2    B DT 2   ? ? O2    B DT 2   ? ? 117.64 122.30 -4.66  0.60 N 
21 1 "O4'" B DC 3   ? ? "C1'" B DC 3   ? ? "C2'" B DC 3   ? ? 99.80  105.90 -6.10  0.80 N 
22 1 "O4'" B DC 3   ? ? "C1'" B DC 3   ? ? N1    B DC 3   ? ? 111.80 108.30 3.50   0.30 N 
23 1 N1    B DC 3   ? ? C2    B DC 3   ? ? O2    B DC 3   ? ? 124.34 118.90 5.44   0.60 N 
24 1 "O4'" B DA 4   ? ? "C1'" B DA 4   ? ? N9    B DA 4   ? ? 103.67 108.00 -4.33  0.70 N 
25 1 "C3'" B DA 4   ? ? "O3'" B DA 4   ? ? P     B DT 5   ? ? 130.63 119.70 10.93  1.20 Y 
26 1 "C5'" B DT 5   ? ? "C4'" B DT 5   ? ? "C3'" B DT 5   ? ? 101.92 114.10 -12.18 1.80 N 
27 1 "C5'" B DT 5   ? ? "C4'" B DT 5   ? ? "O4'" B DT 5   ? ? 116.60 109.80 6.80   1.10 N 
28 1 "C1'" B DT 5   ? ? "O4'" B DT 5   ? ? "C4'" B DT 5   ? ? 103.04 110.10 -7.06  1.00 N 
29 1 C4    B DT 5   ? ? C5    B DT 5   ? ? C6    B DT 5   ? ? 122.02 118.00 4.02   0.60 N 
30 1 C6    B DT 5   ? ? C5    B DT 5   ? ? C7    B DT 5   ? ? 118.38 122.90 -4.52  0.60 N 
31 1 "O4'" B DC 6   ? ? "C1'" B DC 6   ? ? "C2'" B DC 6   ? ? 100.58 105.90 -5.32  0.80 N 
32 1 "O4'" B DC 6   ? ? "C1'" B DC 6   ? ? N1    B DC 6   ? ? 112.36 108.30 4.06   0.30 N 
33 1 N1    B DC 6   ? ? C2    B DC 6   ? ? O2    B DC 6   ? ? 123.06 118.90 4.16   0.60 N 
34 1 "C5'" B DT 7   ? ? "C4'" B DT 7   ? ? "C3'" B DT 7   ? ? 102.97 114.10 -11.13 1.80 N 
35 1 N3    B DT 7   ? ? C2    B DT 7   ? ? O2    B DT 7   ? ? 116.95 122.30 -5.35  0.60 N 
36 1 "O4'" B DC 8   ? ? "C1'" B DC 8   ? ? N1    B DC 8   ? ? 112.75 108.30 4.45   0.30 N 
37 1 N1    B DC 8   ? ? C2    B DC 8   ? ? O2    B DC 8   ? ? 123.61 118.90 4.71   0.60 N 
38 1 N3    B DC 8   ? ? C2    B DC 8   ? ? O2    B DC 8   ? ? 117.60 121.90 -4.30  0.70 N 
39 1 "C3'" B DC 8   ? ? "O3'" B DC 8   ? ? P     B DC 9   ? ? 130.00 119.70 10.30  1.20 Y 
40 1 "O4'" B DC 9   ? ? "C1'" B DC 9   ? ? N1    B DC 9   ? ? 111.64 108.30 3.34   0.30 N 
# 
_pdbx_entry_details.entry_id                 2DGC 
_pdbx_entry_details.compound_details         ? 
_pdbx_entry_details.source_details           ? 
_pdbx_entry_details.nonpolymer_details       ? 
_pdbx_entry_details.sequence_details         
;AMINO ACID NUMBERING (RESIDUE NUMBER) CORRESPONDS TO THE
281 AMINO ACIDS OF INTACT GCN4.

RESIDUE NUMBERING OF NUCLEOTIDES:
 5'  T  G  G  A  G  A  T  G  A  C  G  T  C  A  T  C  T
   -10 -9 -8 -7 -6 -5 -4 -3 -2 -1  1  2  3  4  5  6  7

  C  C  3'
  8  9
;
_pdbx_entry_details.has_ligand_of_interest   ? 
# 
loop_
_pdbx_unobs_or_zero_occ_residues.id 
_pdbx_unobs_or_zero_occ_residues.PDB_model_num 
_pdbx_unobs_or_zero_occ_residues.polymer_flag 
_pdbx_unobs_or_zero_occ_residues.occupancy_flag 
_pdbx_unobs_or_zero_occ_residues.auth_asym_id 
_pdbx_unobs_or_zero_occ_residues.auth_comp_id 
_pdbx_unobs_or_zero_occ_residues.auth_seq_id 
_pdbx_unobs_or_zero_occ_residues.PDB_ins_code 
_pdbx_unobs_or_zero_occ_residues.label_asym_id 
_pdbx_unobs_or_zero_occ_residues.label_comp_id 
_pdbx_unobs_or_zero_occ_residues.label_seq_id 
1  1 Y 1 A MET 219 ? B MET 1  
2  1 Y 1 A ILE 220 ? B ILE 2  
3  1 Y 1 A VAL 221 ? B VAL 3  
4  1 Y 1 A PRO 222 ? B PRO 4  
5  1 Y 1 A GLU 223 ? B GLU 5  
6  1 Y 1 A SER 224 ? B SER 6  
7  1 Y 1 A SER 225 ? B SER 7  
8  1 Y 1 A ASP 226 ? B ASP 8  
9  1 Y 1 A PRO 227 ? B PRO 9  
10 1 Y 1 A ALA 228 ? B ALA 10 
11 1 Y 1 A VAL 278 ? B VAL 60 
12 1 Y 1 A GLY 279 ? B GLY 61 
13 1 Y 1 A GLU 280 ? B GLU 62 
14 1 Y 1 A ARG 281 ? B ARG 63 
# 
loop_
_chem_comp_atom.comp_id 
_chem_comp_atom.atom_id 
_chem_comp_atom.type_symbol 
_chem_comp_atom.pdbx_aromatic_flag 
_chem_comp_atom.pdbx_stereo_config 
_chem_comp_atom.pdbx_ordinal 
ALA N      N N N 1   
ALA CA     C N S 2   
ALA C      C N N 3   
ALA O      O N N 4   
ALA CB     C N N 5   
ALA OXT    O N N 6   
ALA H      H N N 7   
ALA H2     H N N 8   
ALA HA     H N N 9   
ALA HB1    H N N 10  
ALA HB2    H N N 11  
ALA HB3    H N N 12  
ALA HXT    H N N 13  
ARG N      N N N 14  
ARG CA     C N S 15  
ARG C      C N N 16  
ARG O      O N N 17  
ARG CB     C N N 18  
ARG CG     C N N 19  
ARG CD     C N N 20  
ARG NE     N N N 21  
ARG CZ     C N N 22  
ARG NH1    N N N 23  
ARG NH2    N N N 24  
ARG OXT    O N N 25  
ARG H      H N N 26  
ARG H2     H N N 27  
ARG HA     H N N 28  
ARG HB2    H N N 29  
ARG HB3    H N N 30  
ARG HG2    H N N 31  
ARG HG3    H N N 32  
ARG HD2    H N N 33  
ARG HD3    H N N 34  
ARG HE     H N N 35  
ARG HH11   H N N 36  
ARG HH12   H N N 37  
ARG HH21   H N N 38  
ARG HH22   H N N 39  
ARG HXT    H N N 40  
ASN N      N N N 41  
ASN CA     C N S 42  
ASN C      C N N 43  
ASN O      O N N 44  
ASN CB     C N N 45  
ASN CG     C N N 46  
ASN OD1    O N N 47  
ASN ND2    N N N 48  
ASN OXT    O N N 49  
ASN H      H N N 50  
ASN H2     H N N 51  
ASN HA     H N N 52  
ASN HB2    H N N 53  
ASN HB3    H N N 54  
ASN HD21   H N N 55  
ASN HD22   H N N 56  
ASN HXT    H N N 57  
ASP N      N N N 58  
ASP CA     C N S 59  
ASP C      C N N 60  
ASP O      O N N 61  
ASP CB     C N N 62  
ASP CG     C N N 63  
ASP OD1    O N N 64  
ASP OD2    O N N 65  
ASP OXT    O N N 66  
ASP H      H N N 67  
ASP H2     H N N 68  
ASP HA     H N N 69  
ASP HB2    H N N 70  
ASP HB3    H N N 71  
ASP HD2    H N N 72  
ASP HXT    H N N 73  
DA  OP3    O N N 74  
DA  P      P N N 75  
DA  OP1    O N N 76  
DA  OP2    O N N 77  
DA  "O5'"  O N N 78  
DA  "C5'"  C N N 79  
DA  "C4'"  C N R 80  
DA  "O4'"  O N N 81  
DA  "C3'"  C N S 82  
DA  "O3'"  O N N 83  
DA  "C2'"  C N N 84  
DA  "C1'"  C N R 85  
DA  N9     N Y N 86  
DA  C8     C Y N 87  
DA  N7     N Y N 88  
DA  C5     C Y N 89  
DA  C6     C Y N 90  
DA  N6     N N N 91  
DA  N1     N Y N 92  
DA  C2     C Y N 93  
DA  N3     N Y N 94  
DA  C4     C Y N 95  
DA  HOP3   H N N 96  
DA  HOP2   H N N 97  
DA  "H5'"  H N N 98  
DA  "H5''" H N N 99  
DA  "H4'"  H N N 100 
DA  "H3'"  H N N 101 
DA  "HO3'" H N N 102 
DA  "H2'"  H N N 103 
DA  "H2''" H N N 104 
DA  "H1'"  H N N 105 
DA  H8     H N N 106 
DA  H61    H N N 107 
DA  H62    H N N 108 
DA  H2     H N N 109 
DC  OP3    O N N 110 
DC  P      P N N 111 
DC  OP1    O N N 112 
DC  OP2    O N N 113 
DC  "O5'"  O N N 114 
DC  "C5'"  C N N 115 
DC  "C4'"  C N R 116 
DC  "O4'"  O N N 117 
DC  "C3'"  C N S 118 
DC  "O3'"  O N N 119 
DC  "C2'"  C N N 120 
DC  "C1'"  C N R 121 
DC  N1     N N N 122 
DC  C2     C N N 123 
DC  O2     O N N 124 
DC  N3     N N N 125 
DC  C4     C N N 126 
DC  N4     N N N 127 
DC  C5     C N N 128 
DC  C6     C N N 129 
DC  HOP3   H N N 130 
DC  HOP2   H N N 131 
DC  "H5'"  H N N 132 
DC  "H5''" H N N 133 
DC  "H4'"  H N N 134 
DC  "H3'"  H N N 135 
DC  "HO3'" H N N 136 
DC  "H2'"  H N N 137 
DC  "H2''" H N N 138 
DC  "H1'"  H N N 139 
DC  H41    H N N 140 
DC  H42    H N N 141 
DC  H5     H N N 142 
DC  H6     H N N 143 
DG  OP3    O N N 144 
DG  P      P N N 145 
DG  OP1    O N N 146 
DG  OP2    O N N 147 
DG  "O5'"  O N N 148 
DG  "C5'"  C N N 149 
DG  "C4'"  C N R 150 
DG  "O4'"  O N N 151 
DG  "C3'"  C N S 152 
DG  "O3'"  O N N 153 
DG  "C2'"  C N N 154 
DG  "C1'"  C N R 155 
DG  N9     N Y N 156 
DG  C8     C Y N 157 
DG  N7     N Y N 158 
DG  C5     C Y N 159 
DG  C6     C N N 160 
DG  O6     O N N 161 
DG  N1     N N N 162 
DG  C2     C N N 163 
DG  N2     N N N 164 
DG  N3     N N N 165 
DG  C4     C Y N 166 
DG  HOP3   H N N 167 
DG  HOP2   H N N 168 
DG  "H5'"  H N N 169 
DG  "H5''" H N N 170 
DG  "H4'"  H N N 171 
DG  "H3'"  H N N 172 
DG  "HO3'" H N N 173 
DG  "H2'"  H N N 174 
DG  "H2''" H N N 175 
DG  "H1'"  H N N 176 
DG  H8     H N N 177 
DG  H1     H N N 178 
DG  H21    H N N 179 
DG  H22    H N N 180 
DT  OP3    O N N 181 
DT  P      P N N 182 
DT  OP1    O N N 183 
DT  OP2    O N N 184 
DT  "O5'"  O N N 185 
DT  "C5'"  C N N 186 
DT  "C4'"  C N R 187 
DT  "O4'"  O N N 188 
DT  "C3'"  C N S 189 
DT  "O3'"  O N N 190 
DT  "C2'"  C N N 191 
DT  "C1'"  C N R 192 
DT  N1     N N N 193 
DT  C2     C N N 194 
DT  O2     O N N 195 
DT  N3     N N N 196 
DT  C4     C N N 197 
DT  O4     O N N 198 
DT  C5     C N N 199 
DT  C7     C N N 200 
DT  C6     C N N 201 
DT  HOP3   H N N 202 
DT  HOP2   H N N 203 
DT  "H5'"  H N N 204 
DT  "H5''" H N N 205 
DT  "H4'"  H N N 206 
DT  "H3'"  H N N 207 
DT  "HO3'" H N N 208 
DT  "H2'"  H N N 209 
DT  "H2''" H N N 210 
DT  "H1'"  H N N 211 
DT  H3     H N N 212 
DT  H71    H N N 213 
DT  H72    H N N 214 
DT  H73    H N N 215 
DT  H6     H N N 216 
GLN N      N N N 217 
GLN CA     C N S 218 
GLN C      C N N 219 
GLN O      O N N 220 
GLN CB     C N N 221 
GLN CG     C N N 222 
GLN CD     C N N 223 
GLN OE1    O N N 224 
GLN NE2    N N N 225 
GLN OXT    O N N 226 
GLN H      H N N 227 
GLN H2     H N N 228 
GLN HA     H N N 229 
GLN HB2    H N N 230 
GLN HB3    H N N 231 
GLN HG2    H N N 232 
GLN HG3    H N N 233 
GLN HE21   H N N 234 
GLN HE22   H N N 235 
GLN HXT    H N N 236 
GLU N      N N N 237 
GLU CA     C N S 238 
GLU C      C N N 239 
GLU O      O N N 240 
GLU CB     C N N 241 
GLU CG     C N N 242 
GLU CD     C N N 243 
GLU OE1    O N N 244 
GLU OE2    O N N 245 
GLU OXT    O N N 246 
GLU H      H N N 247 
GLU H2     H N N 248 
GLU HA     H N N 249 
GLU HB2    H N N 250 
GLU HB3    H N N 251 
GLU HG2    H N N 252 
GLU HG3    H N N 253 
GLU HE2    H N N 254 
GLU HXT    H N N 255 
GLY N      N N N 256 
GLY CA     C N N 257 
GLY C      C N N 258 
GLY O      O N N 259 
GLY OXT    O N N 260 
GLY H      H N N 261 
GLY H2     H N N 262 
GLY HA2    H N N 263 
GLY HA3    H N N 264 
GLY HXT    H N N 265 
HIS N      N N N 266 
HIS CA     C N S 267 
HIS C      C N N 268 
HIS O      O N N 269 
HIS CB     C N N 270 
HIS CG     C Y N 271 
HIS ND1    N Y N 272 
HIS CD2    C Y N 273 
HIS CE1    C Y N 274 
HIS NE2    N Y N 275 
HIS OXT    O N N 276 
HIS H      H N N 277 
HIS H2     H N N 278 
HIS HA     H N N 279 
HIS HB2    H N N 280 
HIS HB3    H N N 281 
HIS HD1    H N N 282 
HIS HD2    H N N 283 
HIS HE1    H N N 284 
HIS HE2    H N N 285 
HIS HXT    H N N 286 
HOH O      O N N 287 
HOH H1     H N N 288 
HOH H2     H N N 289 
ILE N      N N N 290 
ILE CA     C N S 291 
ILE C      C N N 292 
ILE O      O N N 293 
ILE CB     C N S 294 
ILE CG1    C N N 295 
ILE CG2    C N N 296 
ILE CD1    C N N 297 
ILE OXT    O N N 298 
ILE H      H N N 299 
ILE H2     H N N 300 
ILE HA     H N N 301 
ILE HB     H N N 302 
ILE HG12   H N N 303 
ILE HG13   H N N 304 
ILE HG21   H N N 305 
ILE HG22   H N N 306 
ILE HG23   H N N 307 
ILE HD11   H N N 308 
ILE HD12   H N N 309 
ILE HD13   H N N 310 
ILE HXT    H N N 311 
LEU N      N N N 312 
LEU CA     C N S 313 
LEU C      C N N 314 
LEU O      O N N 315 
LEU CB     C N N 316 
LEU CG     C N N 317 
LEU CD1    C N N 318 
LEU CD2    C N N 319 
LEU OXT    O N N 320 
LEU H      H N N 321 
LEU H2     H N N 322 
LEU HA     H N N 323 
LEU HB2    H N N 324 
LEU HB3    H N N 325 
LEU HG     H N N 326 
LEU HD11   H N N 327 
LEU HD12   H N N 328 
LEU HD13   H N N 329 
LEU HD21   H N N 330 
LEU HD22   H N N 331 
LEU HD23   H N N 332 
LEU HXT    H N N 333 
LYS N      N N N 334 
LYS CA     C N S 335 
LYS C      C N N 336 
LYS O      O N N 337 
LYS CB     C N N 338 
LYS CG     C N N 339 
LYS CD     C N N 340 
LYS CE     C N N 341 
LYS NZ     N N N 342 
LYS OXT    O N N 343 
LYS H      H N N 344 
LYS H2     H N N 345 
LYS HA     H N N 346 
LYS HB2    H N N 347 
LYS HB3    H N N 348 
LYS HG2    H N N 349 
LYS HG3    H N N 350 
LYS HD2    H N N 351 
LYS HD3    H N N 352 
LYS HE2    H N N 353 
LYS HE3    H N N 354 
LYS HZ1    H N N 355 
LYS HZ2    H N N 356 
LYS HZ3    H N N 357 
LYS HXT    H N N 358 
MET N      N N N 359 
MET CA     C N S 360 
MET C      C N N 361 
MET O      O N N 362 
MET CB     C N N 363 
MET CG     C N N 364 
MET SD     S N N 365 
MET CE     C N N 366 
MET OXT    O N N 367 
MET H      H N N 368 
MET H2     H N N 369 
MET HA     H N N 370 
MET HB2    H N N 371 
MET HB3    H N N 372 
MET HG2    H N N 373 
MET HG3    H N N 374 
MET HE1    H N N 375 
MET HE2    H N N 376 
MET HE3    H N N 377 
MET HXT    H N N 378 
PRO N      N N N 379 
PRO CA     C N S 380 
PRO C      C N N 381 
PRO O      O N N 382 
PRO CB     C N N 383 
PRO CG     C N N 384 
PRO CD     C N N 385 
PRO OXT    O N N 386 
PRO H      H N N 387 
PRO HA     H N N 388 
PRO HB2    H N N 389 
PRO HB3    H N N 390 
PRO HG2    H N N 391 
PRO HG3    H N N 392 
PRO HD2    H N N 393 
PRO HD3    H N N 394 
PRO HXT    H N N 395 
SER N      N N N 396 
SER CA     C N S 397 
SER C      C N N 398 
SER O      O N N 399 
SER CB     C N N 400 
SER OG     O N N 401 
SER OXT    O N N 402 
SER H      H N N 403 
SER H2     H N N 404 
SER HA     H N N 405 
SER HB2    H N N 406 
SER HB3    H N N 407 
SER HG     H N N 408 
SER HXT    H N N 409 
THR N      N N N 410 
THR CA     C N S 411 
THR C      C N N 412 
THR O      O N N 413 
THR CB     C N R 414 
THR OG1    O N N 415 
THR CG2    C N N 416 
THR OXT    O N N 417 
THR H      H N N 418 
THR H2     H N N 419 
THR HA     H N N 420 
THR HB     H N N 421 
THR HG1    H N N 422 
THR HG21   H N N 423 
THR HG22   H N N 424 
THR HG23   H N N 425 
THR HXT    H N N 426 
TYR N      N N N 427 
TYR CA     C N S 428 
TYR C      C N N 429 
TYR O      O N N 430 
TYR CB     C N N 431 
TYR CG     C Y N 432 
TYR CD1    C Y N 433 
TYR CD2    C Y N 434 
TYR CE1    C Y N 435 
TYR CE2    C Y N 436 
TYR CZ     C Y N 437 
TYR OH     O N N 438 
TYR OXT    O N N 439 
TYR H      H N N 440 
TYR H2     H N N 441 
TYR HA     H N N 442 
TYR HB2    H N N 443 
TYR HB3    H N N 444 
TYR HD1    H N N 445 
TYR HD2    H N N 446 
TYR HE1    H N N 447 
TYR HE2    H N N 448 
TYR HH     H N N 449 
TYR HXT    H N N 450 
VAL N      N N N 451 
VAL CA     C N S 452 
VAL C      C N N 453 
VAL O      O N N 454 
VAL CB     C N N 455 
VAL CG1    C N N 456 
VAL CG2    C N N 457 
VAL OXT    O N N 458 
VAL H      H N N 459 
VAL H2     H N N 460 
VAL HA     H N N 461 
VAL HB     H N N 462 
VAL HG11   H N N 463 
VAL HG12   H N N 464 
VAL HG13   H N N 465 
VAL HG21   H N N 466 
VAL HG22   H N N 467 
VAL HG23   H N N 468 
VAL HXT    H N N 469 
# 
loop_
_chem_comp_bond.comp_id 
_chem_comp_bond.atom_id_1 
_chem_comp_bond.atom_id_2 
_chem_comp_bond.value_order 
_chem_comp_bond.pdbx_aromatic_flag 
_chem_comp_bond.pdbx_stereo_config 
_chem_comp_bond.pdbx_ordinal 
ALA N     CA     sing N N 1   
ALA N     H      sing N N 2   
ALA N     H2     sing N N 3   
ALA CA    C      sing N N 4   
ALA CA    CB     sing N N 5   
ALA CA    HA     sing N N 6   
ALA C     O      doub N N 7   
ALA C     OXT    sing N N 8   
ALA CB    HB1    sing N N 9   
ALA CB    HB2    sing N N 10  
ALA CB    HB3    sing N N 11  
ALA OXT   HXT    sing N N 12  
ARG N     CA     sing N N 13  
ARG N     H      sing N N 14  
ARG N     H2     sing N N 15  
ARG CA    C      sing N N 16  
ARG CA    CB     sing N N 17  
ARG CA    HA     sing N N 18  
ARG C     O      doub N N 19  
ARG C     OXT    sing N N 20  
ARG CB    CG     sing N N 21  
ARG CB    HB2    sing N N 22  
ARG CB    HB3    sing N N 23  
ARG CG    CD     sing N N 24  
ARG CG    HG2    sing N N 25  
ARG CG    HG3    sing N N 26  
ARG CD    NE     sing N N 27  
ARG CD    HD2    sing N N 28  
ARG CD    HD3    sing N N 29  
ARG NE    CZ     sing N N 30  
ARG NE    HE     sing N N 31  
ARG CZ    NH1    sing N N 32  
ARG CZ    NH2    doub N N 33  
ARG NH1   HH11   sing N N 34  
ARG NH1   HH12   sing N N 35  
ARG NH2   HH21   sing N N 36  
ARG NH2   HH22   sing N N 37  
ARG OXT   HXT    sing N N 38  
ASN N     CA     sing N N 39  
ASN N     H      sing N N 40  
ASN N     H2     sing N N 41  
ASN CA    C      sing N N 42  
ASN CA    CB     sing N N 43  
ASN CA    HA     sing N N 44  
ASN C     O      doub N N 45  
ASN C     OXT    sing N N 46  
ASN CB    CG     sing N N 47  
ASN CB    HB2    sing N N 48  
ASN CB    HB3    sing N N 49  
ASN CG    OD1    doub N N 50  
ASN CG    ND2    sing N N 51  
ASN ND2   HD21   sing N N 52  
ASN ND2   HD22   sing N N 53  
ASN OXT   HXT    sing N N 54  
ASP N     CA     sing N N 55  
ASP N     H      sing N N 56  
ASP N     H2     sing N N 57  
ASP CA    C      sing N N 58  
ASP CA    CB     sing N N 59  
ASP CA    HA     sing N N 60  
ASP C     O      doub N N 61  
ASP C     OXT    sing N N 62  
ASP CB    CG     sing N N 63  
ASP CB    HB2    sing N N 64  
ASP CB    HB3    sing N N 65  
ASP CG    OD1    doub N N 66  
ASP CG    OD2    sing N N 67  
ASP OD2   HD2    sing N N 68  
ASP OXT   HXT    sing N N 69  
DA  OP3   P      sing N N 70  
DA  OP3   HOP3   sing N N 71  
DA  P     OP1    doub N N 72  
DA  P     OP2    sing N N 73  
DA  P     "O5'"  sing N N 74  
DA  OP2   HOP2   sing N N 75  
DA  "O5'" "C5'"  sing N N 76  
DA  "C5'" "C4'"  sing N N 77  
DA  "C5'" "H5'"  sing N N 78  
DA  "C5'" "H5''" sing N N 79  
DA  "C4'" "O4'"  sing N N 80  
DA  "C4'" "C3'"  sing N N 81  
DA  "C4'" "H4'"  sing N N 82  
DA  "O4'" "C1'"  sing N N 83  
DA  "C3'" "O3'"  sing N N 84  
DA  "C3'" "C2'"  sing N N 85  
DA  "C3'" "H3'"  sing N N 86  
DA  "O3'" "HO3'" sing N N 87  
DA  "C2'" "C1'"  sing N N 88  
DA  "C2'" "H2'"  sing N N 89  
DA  "C2'" "H2''" sing N N 90  
DA  "C1'" N9     sing N N 91  
DA  "C1'" "H1'"  sing N N 92  
DA  N9    C8     sing Y N 93  
DA  N9    C4     sing Y N 94  
DA  C8    N7     doub Y N 95  
DA  C8    H8     sing N N 96  
DA  N7    C5     sing Y N 97  
DA  C5    C6     sing Y N 98  
DA  C5    C4     doub Y N 99  
DA  C6    N6     sing N N 100 
DA  C6    N1     doub Y N 101 
DA  N6    H61    sing N N 102 
DA  N6    H62    sing N N 103 
DA  N1    C2     sing Y N 104 
DA  C2    N3     doub Y N 105 
DA  C2    H2     sing N N 106 
DA  N3    C4     sing Y N 107 
DC  OP3   P      sing N N 108 
DC  OP3   HOP3   sing N N 109 
DC  P     OP1    doub N N 110 
DC  P     OP2    sing N N 111 
DC  P     "O5'"  sing N N 112 
DC  OP2   HOP2   sing N N 113 
DC  "O5'" "C5'"  sing N N 114 
DC  "C5'" "C4'"  sing N N 115 
DC  "C5'" "H5'"  sing N N 116 
DC  "C5'" "H5''" sing N N 117 
DC  "C4'" "O4'"  sing N N 118 
DC  "C4'" "C3'"  sing N N 119 
DC  "C4'" "H4'"  sing N N 120 
DC  "O4'" "C1'"  sing N N 121 
DC  "C3'" "O3'"  sing N N 122 
DC  "C3'" "C2'"  sing N N 123 
DC  "C3'" "H3'"  sing N N 124 
DC  "O3'" "HO3'" sing N N 125 
DC  "C2'" "C1'"  sing N N 126 
DC  "C2'" "H2'"  sing N N 127 
DC  "C2'" "H2''" sing N N 128 
DC  "C1'" N1     sing N N 129 
DC  "C1'" "H1'"  sing N N 130 
DC  N1    C2     sing N N 131 
DC  N1    C6     sing N N 132 
DC  C2    O2     doub N N 133 
DC  C2    N3     sing N N 134 
DC  N3    C4     doub N N 135 
DC  C4    N4     sing N N 136 
DC  C4    C5     sing N N 137 
DC  N4    H41    sing N N 138 
DC  N4    H42    sing N N 139 
DC  C5    C6     doub N N 140 
DC  C5    H5     sing N N 141 
DC  C6    H6     sing N N 142 
DG  OP3   P      sing N N 143 
DG  OP3   HOP3   sing N N 144 
DG  P     OP1    doub N N 145 
DG  P     OP2    sing N N 146 
DG  P     "O5'"  sing N N 147 
DG  OP2   HOP2   sing N N 148 
DG  "O5'" "C5'"  sing N N 149 
DG  "C5'" "C4'"  sing N N 150 
DG  "C5'" "H5'"  sing N N 151 
DG  "C5'" "H5''" sing N N 152 
DG  "C4'" "O4'"  sing N N 153 
DG  "C4'" "C3'"  sing N N 154 
DG  "C4'" "H4'"  sing N N 155 
DG  "O4'" "C1'"  sing N N 156 
DG  "C3'" "O3'"  sing N N 157 
DG  "C3'" "C2'"  sing N N 158 
DG  "C3'" "H3'"  sing N N 159 
DG  "O3'" "HO3'" sing N N 160 
DG  "C2'" "C1'"  sing N N 161 
DG  "C2'" "H2'"  sing N N 162 
DG  "C2'" "H2''" sing N N 163 
DG  "C1'" N9     sing N N 164 
DG  "C1'" "H1'"  sing N N 165 
DG  N9    C8     sing Y N 166 
DG  N9    C4     sing Y N 167 
DG  C8    N7     doub Y N 168 
DG  C8    H8     sing N N 169 
DG  N7    C5     sing Y N 170 
DG  C5    C6     sing N N 171 
DG  C5    C4     doub Y N 172 
DG  C6    O6     doub N N 173 
DG  C6    N1     sing N N 174 
DG  N1    C2     sing N N 175 
DG  N1    H1     sing N N 176 
DG  C2    N2     sing N N 177 
DG  C2    N3     doub N N 178 
DG  N2    H21    sing N N 179 
DG  N2    H22    sing N N 180 
DG  N3    C4     sing N N 181 
DT  OP3   P      sing N N 182 
DT  OP3   HOP3   sing N N 183 
DT  P     OP1    doub N N 184 
DT  P     OP2    sing N N 185 
DT  P     "O5'"  sing N N 186 
DT  OP2   HOP2   sing N N 187 
DT  "O5'" "C5'"  sing N N 188 
DT  "C5'" "C4'"  sing N N 189 
DT  "C5'" "H5'"  sing N N 190 
DT  "C5'" "H5''" sing N N 191 
DT  "C4'" "O4'"  sing N N 192 
DT  "C4'" "C3'"  sing N N 193 
DT  "C4'" "H4'"  sing N N 194 
DT  "O4'" "C1'"  sing N N 195 
DT  "C3'" "O3'"  sing N N 196 
DT  "C3'" "C2'"  sing N N 197 
DT  "C3'" "H3'"  sing N N 198 
DT  "O3'" "HO3'" sing N N 199 
DT  "C2'" "C1'"  sing N N 200 
DT  "C2'" "H2'"  sing N N 201 
DT  "C2'" "H2''" sing N N 202 
DT  "C1'" N1     sing N N 203 
DT  "C1'" "H1'"  sing N N 204 
DT  N1    C2     sing N N 205 
DT  N1    C6     sing N N 206 
DT  C2    O2     doub N N 207 
DT  C2    N3     sing N N 208 
DT  N3    C4     sing N N 209 
DT  N3    H3     sing N N 210 
DT  C4    O4     doub N N 211 
DT  C4    C5     sing N N 212 
DT  C5    C7     sing N N 213 
DT  C5    C6     doub N N 214 
DT  C7    H71    sing N N 215 
DT  C7    H72    sing N N 216 
DT  C7    H73    sing N N 217 
DT  C6    H6     sing N N 218 
GLN N     CA     sing N N 219 
GLN N     H      sing N N 220 
GLN N     H2     sing N N 221 
GLN CA    C      sing N N 222 
GLN CA    CB     sing N N 223 
GLN CA    HA     sing N N 224 
GLN C     O      doub N N 225 
GLN C     OXT    sing N N 226 
GLN CB    CG     sing N N 227 
GLN CB    HB2    sing N N 228 
GLN CB    HB3    sing N N 229 
GLN CG    CD     sing N N 230 
GLN CG    HG2    sing N N 231 
GLN CG    HG3    sing N N 232 
GLN CD    OE1    doub N N 233 
GLN CD    NE2    sing N N 234 
GLN NE2   HE21   sing N N 235 
GLN NE2   HE22   sing N N 236 
GLN OXT   HXT    sing N N 237 
GLU N     CA     sing N N 238 
GLU N     H      sing N N 239 
GLU N     H2     sing N N 240 
GLU CA    C      sing N N 241 
GLU CA    CB     sing N N 242 
GLU CA    HA     sing N N 243 
GLU C     O      doub N N 244 
GLU C     OXT    sing N N 245 
GLU CB    CG     sing N N 246 
GLU CB    HB2    sing N N 247 
GLU CB    HB3    sing N N 248 
GLU CG    CD     sing N N 249 
GLU CG    HG2    sing N N 250 
GLU CG    HG3    sing N N 251 
GLU CD    OE1    doub N N 252 
GLU CD    OE2    sing N N 253 
GLU OE2   HE2    sing N N 254 
GLU OXT   HXT    sing N N 255 
GLY N     CA     sing N N 256 
GLY N     H      sing N N 257 
GLY N     H2     sing N N 258 
GLY CA    C      sing N N 259 
GLY CA    HA2    sing N N 260 
GLY CA    HA3    sing N N 261 
GLY C     O      doub N N 262 
GLY C     OXT    sing N N 263 
GLY OXT   HXT    sing N N 264 
HIS N     CA     sing N N 265 
HIS N     H      sing N N 266 
HIS N     H2     sing N N 267 
HIS CA    C      sing N N 268 
HIS CA    CB     sing N N 269 
HIS CA    HA     sing N N 270 
HIS C     O      doub N N 271 
HIS C     OXT    sing N N 272 
HIS CB    CG     sing N N 273 
HIS CB    HB2    sing N N 274 
HIS CB    HB3    sing N N 275 
HIS CG    ND1    sing Y N 276 
HIS CG    CD2    doub Y N 277 
HIS ND1   CE1    doub Y N 278 
HIS ND1   HD1    sing N N 279 
HIS CD2   NE2    sing Y N 280 
HIS CD2   HD2    sing N N 281 
HIS CE1   NE2    sing Y N 282 
HIS CE1   HE1    sing N N 283 
HIS NE2   HE2    sing N N 284 
HIS OXT   HXT    sing N N 285 
HOH O     H1     sing N N 286 
HOH O     H2     sing N N 287 
ILE N     CA     sing N N 288 
ILE N     H      sing N N 289 
ILE N     H2     sing N N 290 
ILE CA    C      sing N N 291 
ILE CA    CB     sing N N 292 
ILE CA    HA     sing N N 293 
ILE C     O      doub N N 294 
ILE C     OXT    sing N N 295 
ILE CB    CG1    sing N N 296 
ILE CB    CG2    sing N N 297 
ILE CB    HB     sing N N 298 
ILE CG1   CD1    sing N N 299 
ILE CG1   HG12   sing N N 300 
ILE CG1   HG13   sing N N 301 
ILE CG2   HG21   sing N N 302 
ILE CG2   HG22   sing N N 303 
ILE CG2   HG23   sing N N 304 
ILE CD1   HD11   sing N N 305 
ILE CD1   HD12   sing N N 306 
ILE CD1   HD13   sing N N 307 
ILE OXT   HXT    sing N N 308 
LEU N     CA     sing N N 309 
LEU N     H      sing N N 310 
LEU N     H2     sing N N 311 
LEU CA    C      sing N N 312 
LEU CA    CB     sing N N 313 
LEU CA    HA     sing N N 314 
LEU C     O      doub N N 315 
LEU C     OXT    sing N N 316 
LEU CB    CG     sing N N 317 
LEU CB    HB2    sing N N 318 
LEU CB    HB3    sing N N 319 
LEU CG    CD1    sing N N 320 
LEU CG    CD2    sing N N 321 
LEU CG    HG     sing N N 322 
LEU CD1   HD11   sing N N 323 
LEU CD1   HD12   sing N N 324 
LEU CD1   HD13   sing N N 325 
LEU CD2   HD21   sing N N 326 
LEU CD2   HD22   sing N N 327 
LEU CD2   HD23   sing N N 328 
LEU OXT   HXT    sing N N 329 
LYS N     CA     sing N N 330 
LYS N     H      sing N N 331 
LYS N     H2     sing N N 332 
LYS CA    C      sing N N 333 
LYS CA    CB     sing N N 334 
LYS CA    HA     sing N N 335 
LYS C     O      doub N N 336 
LYS C     OXT    sing N N 337 
LYS CB    CG     sing N N 338 
LYS CB    HB2    sing N N 339 
LYS CB    HB3    sing N N 340 
LYS CG    CD     sing N N 341 
LYS CG    HG2    sing N N 342 
LYS CG    HG3    sing N N 343 
LYS CD    CE     sing N N 344 
LYS CD    HD2    sing N N 345 
LYS CD    HD3    sing N N 346 
LYS CE    NZ     sing N N 347 
LYS CE    HE2    sing N N 348 
LYS CE    HE3    sing N N 349 
LYS NZ    HZ1    sing N N 350 
LYS NZ    HZ2    sing N N 351 
LYS NZ    HZ3    sing N N 352 
LYS OXT   HXT    sing N N 353 
MET N     CA     sing N N 354 
MET N     H      sing N N 355 
MET N     H2     sing N N 356 
MET CA    C      sing N N 357 
MET CA    CB     sing N N 358 
MET CA    HA     sing N N 359 
MET C     O      doub N N 360 
MET C     OXT    sing N N 361 
MET CB    CG     sing N N 362 
MET CB    HB2    sing N N 363 
MET CB    HB3    sing N N 364 
MET CG    SD     sing N N 365 
MET CG    HG2    sing N N 366 
MET CG    HG3    sing N N 367 
MET SD    CE     sing N N 368 
MET CE    HE1    sing N N 369 
MET CE    HE2    sing N N 370 
MET CE    HE3    sing N N 371 
MET OXT   HXT    sing N N 372 
PRO N     CA     sing N N 373 
PRO N     CD     sing N N 374 
PRO N     H      sing N N 375 
PRO CA    C      sing N N 376 
PRO CA    CB     sing N N 377 
PRO CA    HA     sing N N 378 
PRO C     O      doub N N 379 
PRO C     OXT    sing N N 380 
PRO CB    CG     sing N N 381 
PRO CB    HB2    sing N N 382 
PRO CB    HB3    sing N N 383 
PRO CG    CD     sing N N 384 
PRO CG    HG2    sing N N 385 
PRO CG    HG3    sing N N 386 
PRO CD    HD2    sing N N 387 
PRO CD    HD3    sing N N 388 
PRO OXT   HXT    sing N N 389 
SER N     CA     sing N N 390 
SER N     H      sing N N 391 
SER N     H2     sing N N 392 
SER CA    C      sing N N 393 
SER CA    CB     sing N N 394 
SER CA    HA     sing N N 395 
SER C     O      doub N N 396 
SER C     OXT    sing N N 397 
SER CB    OG     sing N N 398 
SER CB    HB2    sing N N 399 
SER CB    HB3    sing N N 400 
SER OG    HG     sing N N 401 
SER OXT   HXT    sing N N 402 
THR N     CA     sing N N 403 
THR N     H      sing N N 404 
THR N     H2     sing N N 405 
THR CA    C      sing N N 406 
THR CA    CB     sing N N 407 
THR CA    HA     sing N N 408 
THR C     O      doub N N 409 
THR C     OXT    sing N N 410 
THR CB    OG1    sing N N 411 
THR CB    CG2    sing N N 412 
THR CB    HB     sing N N 413 
THR OG1   HG1    sing N N 414 
THR CG2   HG21   sing N N 415 
THR CG2   HG22   sing N N 416 
THR CG2   HG23   sing N N 417 
THR OXT   HXT    sing N N 418 
TYR N     CA     sing N N 419 
TYR N     H      sing N N 420 
TYR N     H2     sing N N 421 
TYR CA    C      sing N N 422 
TYR CA    CB     sing N N 423 
TYR CA    HA     sing N N 424 
TYR C     O      doub N N 425 
TYR C     OXT    sing N N 426 
TYR CB    CG     sing N N 427 
TYR CB    HB2    sing N N 428 
TYR CB    HB3    sing N N 429 
TYR CG    CD1    doub Y N 430 
TYR CG    CD2    sing Y N 431 
TYR CD1   CE1    sing Y N 432 
TYR CD1   HD1    sing N N 433 
TYR CD2   CE2    doub Y N 434 
TYR CD2   HD2    sing N N 435 
TYR CE1   CZ     doub Y N 436 
TYR CE1   HE1    sing N N 437 
TYR CE2   CZ     sing Y N 438 
TYR CE2   HE2    sing N N 439 
TYR CZ    OH     sing N N 440 
TYR OH    HH     sing N N 441 
TYR OXT   HXT    sing N N 442 
VAL N     CA     sing N N 443 
VAL N     H      sing N N 444 
VAL N     H2     sing N N 445 
VAL CA    C      sing N N 446 
VAL CA    CB     sing N N 447 
VAL CA    HA     sing N N 448 
VAL C     O      doub N N 449 
VAL C     OXT    sing N N 450 
VAL CB    CG1    sing N N 451 
VAL CB    CG2    sing N N 452 
VAL CB    HB     sing N N 453 
VAL CG1   HG11   sing N N 454 
VAL CG1   HG12   sing N N 455 
VAL CG1   HG13   sing N N 456 
VAL CG2   HG21   sing N N 457 
VAL CG2   HG22   sing N N 458 
VAL CG2   HG23   sing N N 459 
VAL OXT   HXT    sing N N 460 
# 
_ndb_struct_conf_na.entry_id   2DGC 
_ndb_struct_conf_na.feature    'b-form double helix' 
# 
loop_
_ndb_struct_na_base_pair.model_number 
_ndb_struct_na_base_pair.i_label_asym_id 
_ndb_struct_na_base_pair.i_label_comp_id 
_ndb_struct_na_base_pair.i_label_seq_id 
_ndb_struct_na_base_pair.i_symmetry 
_ndb_struct_na_base_pair.j_label_asym_id 
_ndb_struct_na_base_pair.j_label_comp_id 
_ndb_struct_na_base_pair.j_label_seq_id 
_ndb_struct_na_base_pair.j_symmetry 
_ndb_struct_na_base_pair.shear 
_ndb_struct_na_base_pair.stretch 
_ndb_struct_na_base_pair.stagger 
_ndb_struct_na_base_pair.buckle 
_ndb_struct_na_base_pair.propeller 
_ndb_struct_na_base_pair.opening 
_ndb_struct_na_base_pair.pair_number 
_ndb_struct_na_base_pair.pair_name 
_ndb_struct_na_base_pair.i_auth_asym_id 
_ndb_struct_na_base_pair.i_auth_seq_id 
_ndb_struct_na_base_pair.i_PDB_ins_code 
_ndb_struct_na_base_pair.j_auth_asym_id 
_ndb_struct_na_base_pair.j_auth_seq_id 
_ndb_struct_na_base_pair.j_PDB_ins_code 
_ndb_struct_na_base_pair.hbond_type_28 
_ndb_struct_na_base_pair.hbond_type_12 
1 A DG 2  1_555 A DC 19 8_775 -0.412 -0.637 0.001  -1.072 -7.222  -0.816 1  B_DG-9:DC9_B B -9 ? B 9  ? 19 1 
1 A DG 3  1_555 A DC 18 8_775 -0.503 -0.656 0.155  4.147  1.692   -5.297 2  B_DG-8:DC8_B B -8 ? B 8  ? 19 1 
1 A DA 4  1_555 A DT 17 8_775 0.064  -0.506 0.010  0.148  -9.951  0.184  3  B_DA-7:DT7_B B -7 ? B 7  ? 20 1 
1 A DG 5  1_555 A DC 16 8_775 -0.245 -0.270 -0.258 -0.393 -13.066 1.894  4  B_DG-6:DC6_B B -6 ? B 6  ? 19 1 
1 A DA 6  1_555 A DT 15 8_775 0.300  -0.175 0.236  -2.346 -10.316 6.510  5  B_DA-5:DT5_B B -5 ? B 5  ? 20 1 
1 A DT 7  1_555 A DA 14 8_775 0.098  -0.367 0.516  1.580  -10.495 1.592  6  B_DT-4:DA4_B B -4 ? B 4  ? 20 1 
1 A DG 8  1_555 A DC 13 8_775 -0.184 -0.231 -0.008 -3.513 -10.423 -0.715 7  B_DG-3:DC3_B B -3 ? B 3  ? 19 1 
1 A DA 9  1_555 A DT 12 8_775 -0.260 -0.201 -0.182 3.660  -8.678  0.658  8  B_DA-2:DT2_B B -2 ? B 2  ? 20 1 
1 A DC 10 1_555 A DG 11 8_775 0.295  -0.093 0.072  -4.747 -12.407 1.330  9  B_DC-1:DG1_B B -1 ? B 1  ? 19 1 
1 A DG 11 1_555 A DC 10 8_775 -0.295 -0.093 0.072  4.747  -12.407 1.330  10 B_DG1:DC-1_B B 1  ? B -1 ? 19 1 
1 A DT 12 1_555 A DA 9  8_775 0.260  -0.201 -0.182 -3.660 -8.678  0.658  11 B_DT2:DA-2_B B 2  ? B -2 ? 20 1 
1 A DC 13 1_555 A DG 8  8_775 0.184  -0.231 -0.008 3.513  -10.423 -0.715 12 B_DC3:DG-3_B B 3  ? B -3 ? 19 1 
1 A DA 14 1_555 A DT 7  8_775 -0.098 -0.367 0.516  -1.580 -10.495 1.592  13 B_DA4:DT-4_B B 4  ? B -4 ? 20 1 
1 A DT 15 1_555 A DA 6  8_775 -0.300 -0.175 0.236  2.346  -10.316 6.510  14 B_DT5:DA-5_B B 5  ? B -5 ? 20 1 
1 A DC 16 1_555 A DG 5  8_775 0.245  -0.270 -0.258 0.393  -13.066 1.894  15 B_DC6:DG-6_B B 6  ? B -6 ? 19 1 
1 A DT 17 1_555 A DA 4  8_775 -0.064 -0.506 0.010  -0.148 -9.951  0.184  16 B_DT7:DA-7_B B 7  ? B -7 ? 20 1 
1 A DC 18 1_555 A DG 3  8_775 0.503  -0.656 0.155  -4.147 1.692   -5.297 17 B_DC8:DG-8_B B 8  ? B -8 ? 19 1 
1 A DC 19 1_555 A DG 2  8_775 0.412  -0.637 0.001  1.072  -7.222  -0.816 18 B_DC9:DG-9_B B 9  ? B -9 ? 19 1 
# 
loop_
_ndb_struct_na_base_pair_step.model_number 
_ndb_struct_na_base_pair_step.i_label_asym_id_1 
_ndb_struct_na_base_pair_step.i_label_comp_id_1 
_ndb_struct_na_base_pair_step.i_label_seq_id_1 
_ndb_struct_na_base_pair_step.i_symmetry_1 
_ndb_struct_na_base_pair_step.j_label_asym_id_1 
_ndb_struct_na_base_pair_step.j_label_comp_id_1 
_ndb_struct_na_base_pair_step.j_label_seq_id_1 
_ndb_struct_na_base_pair_step.j_symmetry_1 
_ndb_struct_na_base_pair_step.i_label_asym_id_2 
_ndb_struct_na_base_pair_step.i_label_comp_id_2 
_ndb_struct_na_base_pair_step.i_label_seq_id_2 
_ndb_struct_na_base_pair_step.i_symmetry_2 
_ndb_struct_na_base_pair_step.j_label_asym_id_2 
_ndb_struct_na_base_pair_step.j_label_comp_id_2 
_ndb_struct_na_base_pair_step.j_label_seq_id_2 
_ndb_struct_na_base_pair_step.j_symmetry_2 
_ndb_struct_na_base_pair_step.shift 
_ndb_struct_na_base_pair_step.slide 
_ndb_struct_na_base_pair_step.rise 
_ndb_struct_na_base_pair_step.tilt 
_ndb_struct_na_base_pair_step.roll 
_ndb_struct_na_base_pair_step.twist 
_ndb_struct_na_base_pair_step.x_displacement 
_ndb_struct_na_base_pair_step.y_displacement 
_ndb_struct_na_base_pair_step.helical_rise 
_ndb_struct_na_base_pair_step.inclination 
_ndb_struct_na_base_pair_step.tip 
_ndb_struct_na_base_pair_step.helical_twist 
_ndb_struct_na_base_pair_step.step_number 
_ndb_struct_na_base_pair_step.step_name 
_ndb_struct_na_base_pair_step.i_auth_asym_id_1 
_ndb_struct_na_base_pair_step.i_auth_seq_id_1 
_ndb_struct_na_base_pair_step.i_PDB_ins_code_1 
_ndb_struct_na_base_pair_step.j_auth_asym_id_1 
_ndb_struct_na_base_pair_step.j_auth_seq_id_1 
_ndb_struct_na_base_pair_step.j_PDB_ins_code_1 
_ndb_struct_na_base_pair_step.i_auth_asym_id_2 
_ndb_struct_na_base_pair_step.i_auth_seq_id_2 
_ndb_struct_na_base_pair_step.i_PDB_ins_code_2 
_ndb_struct_na_base_pair_step.j_auth_asym_id_2 
_ndb_struct_na_base_pair_step.j_auth_seq_id_2 
_ndb_struct_na_base_pair_step.j_PDB_ins_code_2 
1 A DG 2  1_555 A DC 19 8_775 A DG 3  1_555 A DC 18 8_775 0.070  0.251  3.278 -0.381 0.536  30.346 0.372  -0.210 3.281 1.023  
0.727  30.353 1  BB_DG-9DG-8:DC8DC9_BB B -9 ? B 9  ? B -8 ? B 8  ? 
1 A DG 3  1_555 A DC 18 8_775 A DA 4  1_555 A DT 17 8_775 -0.308 0.217  3.595 1.081  4.914  40.082 -0.294 0.580  3.586 7.136  
-1.570 40.384 2  BB_DG-8DA-7:DT7DC8_BB B -8 ? B 8  ? B -7 ? B 7  ? 
1 A DA 4  1_555 A DT 17 8_775 A DG 5  1_555 A DC 16 8_775 0.014  -0.143 3.497 1.915  5.290  28.312 -1.542 0.427  3.408 10.682 
-3.867 28.855 3  BB_DA-7DG-6:DC6DT7_BB B -7 ? B 7  ? B -6 ? B 6  ? 
1 A DG 5  1_555 A DC 16 8_775 A DA 6  1_555 A DT 15 8_775 -0.022 -0.074 3.245 -6.943 5.045  43.921 -0.554 -0.601 3.186 6.670  
9.178  44.711 4  BB_DG-6DA-5:DT5DC6_BB B -6 ? B 6  ? B -5 ? B 5  ? 
1 A DA 6  1_555 A DT 15 8_775 A DT 7  1_555 A DA 14 8_775 -0.366 -0.677 3.387 -2.923 -4.370 25.326 -0.226 -0.044 3.471 -9.832 
6.576  25.857 5  BB_DA-5DT-4:DA4DT5_BB B -5 ? B 5  ? B -4 ? B 4  ? 
1 A DT 7  1_555 A DA 14 8_775 A DG 8  1_555 A DC 13 8_775 -0.590 0.199  3.380 1.684  7.565  40.123 -0.576 1.037  3.335 10.904 
-2.427 40.835 6  BB_DT-4DG-3:DC3DA4_BB B -4 ? B 4  ? B -3 ? B 3  ? 
1 A DG 8  1_555 A DC 13 8_775 A DA 9  1_555 A DT 12 8_775 0.091  -0.072 3.119 0.321  6.942  33.019 -1.197 -0.107 3.042 12.048 
-0.558 33.722 7  BB_DG-3DA-2:DT2DC3_BB B -3 ? B 3  ? B -2 ? B 2  ? 
1 A DA 9  1_555 A DT 12 8_775 A DC 10 1_555 A DG 11 8_775 0.086  -0.619 3.627 -3.048 1.147  34.856 -1.221 -0.650 3.585 1.910  
5.075  35.003 8  BB_DA-2DC-1:DG1DT2_BB B -2 ? B 2  ? B -1 ? B 1  ? 
1 A DC 10 1_555 A DG 11 8_775 A DG 11 1_555 A DC 10 8_775 0.000  0.449  3.209 0.000  11.432 28.629 -1.410 0.000  3.152 22.041 
0.000  30.783 9  BB_DC-1DG1:DC-1DG1_BB B -1 ? B 1  ? B 1  ? B -1 ? 
1 A DG 11 1_555 A DC 10 8_775 A DT 12 1_555 A DA 9  8_775 -0.086 -0.619 3.627 3.048  1.147  34.856 -1.221 0.650  3.585 1.910  
-5.075 35.003 10 BB_DG1DT2:DA-2DC-1_BB B 1  ? B -1 ? B 2  ? B -2 ? 
1 A DT 12 1_555 A DA 9  8_775 A DC 13 1_555 A DG 8  8_775 -0.091 -0.072 3.119 -0.322 6.942  33.019 -1.197 0.107  3.042 12.048 
0.558  33.722 11 BB_DT2DC3:DG-3DA-2_BB B 2  ? B -2 ? B 3  ? B -3 ? 
1 A DC 13 1_555 A DG 8  8_775 A DA 14 1_555 A DT 7  8_775 0.590  0.199  3.380 -1.684 7.565  40.123 -0.576 -1.037 3.335 10.904 
2.427  40.835 12 BB_DC3DA4:DT-4DG-3_BB B 3  ? B -3 ? B 4  ? B -4 ? 
1 A DA 14 1_555 A DT 7  8_775 A DT 15 1_555 A DA 6  8_775 0.366  -0.677 3.387 2.923  -4.370 25.326 -0.226 0.044  3.471 -9.832 
-6.576 25.857 13 BB_DA4DT5:DA-5DT-4_BB B 4  ? B -4 ? B 5  ? B -5 ? 
1 A DT 15 1_555 A DA 6  8_775 A DC 16 1_555 A DG 5  8_775 0.022  -0.074 3.245 6.943  5.045  43.921 -0.554 0.601  3.186 6.670  
-9.178 44.711 14 BB_DT5DC6:DG-6DA-5_BB B 5  ? B -5 ? B 6  ? B -6 ? 
1 A DC 16 1_555 A DG 5  8_775 A DT 17 1_555 A DA 4  8_775 -0.014 -0.143 3.497 -1.915 5.290  28.312 -1.542 -0.427 3.408 10.682 
3.867  28.855 15 BB_DC6DT7:DA-7DG-6_BB B 6  ? B -6 ? B 7  ? B -7 ? 
1 A DT 17 1_555 A DA 4  8_775 A DC 18 1_555 A DG 3  8_775 0.308  0.217  3.595 -1.081 4.914  40.082 -0.294 -0.580 3.586 7.136  
1.570  40.384 16 BB_DT7DC8:DG-8DA-7_BB B 7  ? B -7 ? B 8  ? B -8 ? 
1 A DC 18 1_555 A DG 3  8_775 A DC 19 1_555 A DG 2  8_775 -0.070 0.251  3.278 0.381  0.536  30.346 0.372  0.210  3.281 1.023  
-0.727 30.353 17 BB_DC8DC9:DG-9DG-8_BB B 8  ? B -8 ? B 9  ? B -9 ? 
# 
_atom_sites.entry_id                    2DGC 
_atom_sites.fract_transf_matrix[1][1]   -0.00650054 
_atom_sites.fract_transf_matrix[1][2]   -0.00012361 
_atom_sites.fract_transf_matrix[1][3]   0.01575842 
_atom_sites.fract_transf_matrix[2][1]   0.01259467 
_atom_sites.fract_transf_matrix[2][2]   0.01020507 
_atom_sites.fract_transf_matrix[2][3]   0.00527550 
_atom_sites.fract_transf_matrix[3][1]   -0.00639537 
_atom_sites.fract_transf_matrix[3][2]   0.00921932 
_atom_sites.fract_transf_matrix[3][3]   -0.00256585 
_atom_sites.fract_transf_vector[1]      0.842469 
_atom_sites.fract_transf_vector[2]      1.203483 
_atom_sites.fract_transf_vector[3]      0.196769 
# 
loop_
_atom_type.symbol 
C 
N 
O 
P 
S 
# 
loop_
_atom_site.group_PDB 
_atom_site.id 
_atom_site.type_symbol 
_atom_site.label_atom_id 
_atom_site.label_alt_id 
_atom_site.label_comp_id 
_atom_site.label_asym_id 
_atom_site.label_entity_id 
_atom_site.label_seq_id 
_atom_site.pdbx_PDB_ins_code 
_atom_site.Cartn_x 
_atom_site.Cartn_y 
_atom_site.Cartn_z 
_atom_site.occupancy 
_atom_site.B_iso_or_equiv 
_atom_site.pdbx_formal_charge 
_atom_site.auth_seq_id 
_atom_site.auth_comp_id 
_atom_site.auth_asym_id 
_atom_site.auth_atom_id 
_atom_site.pdbx_PDB_model_num 
ATOM   1   O "O5'" . DT  A 1 1  ? 8.065   -6.163  -39.296 1.00 72.59 ? -10 DT  B "O5'" 1 
ATOM   2   C "C5'" . DT  A 1 1  ? 9.316   -6.403  -40.043 1.00 72.19 ? -10 DT  B "C5'" 1 
ATOM   3   C "C4'" . DT  A 1 1  ? 10.060  -5.181  -40.692 1.00 67.77 ? -10 DT  B "C4'" 1 
ATOM   4   O "O4'" . DT  A 1 1  ? 9.021   -4.300  -41.195 1.00 68.06 ? -10 DT  B "O4'" 1 
ATOM   5   C "C3'" . DT  A 1 1  ? 10.862  -4.306  -39.769 1.00 67.68 ? -10 DT  B "C3'" 1 
ATOM   6   O "O3'" . DT  A 1 1  ? 11.608  -3.386  -40.540 1.00 70.61 ? -10 DT  B "O3'" 1 
ATOM   7   C "C2'" . DT  A 1 1  ? 9.732   -3.491  -39.212 1.00 65.65 ? -10 DT  B "C2'" 1 
ATOM   8   C "C1'" . DT  A 1 1  ? 8.806   -3.134  -40.356 1.00 62.53 ? -10 DT  B "C1'" 1 
ATOM   9   N N1    . DT  A 1 1  ? 7.400   -2.855  -39.875 1.00 56.32 ? -10 DT  B N1    1 
ATOM   10  C C2    . DT  A 1 1  ? 6.780   -1.617  -40.243 1.00 55.96 ? -10 DT  B C2    1 
ATOM   11  O O2    . DT  A 1 1  ? 7.279   -0.742  -40.956 1.00 53.10 ? -10 DT  B O2    1 
ATOM   12  N N3    . DT  A 1 1  ? 5.483   -1.390  -39.747 1.00 53.83 ? -10 DT  B N3    1 
ATOM   13  C C4    . DT  A 1 1  ? 4.768   -2.286  -38.928 1.00 53.07 ? -10 DT  B C4    1 
ATOM   14  O O4    . DT  A 1 1  ? 3.635   -2.018  -38.526 1.00 54.74 ? -10 DT  B O4    1 
ATOM   15  C C5    . DT  A 1 1  ? 5.476   -3.515  -38.618 1.00 50.67 ? -10 DT  B C5    1 
ATOM   16  C C7    . DT  A 1 1  ? 4.778   -4.526  -37.750 1.00 48.58 ? -10 DT  B C7    1 
ATOM   17  C C6    . DT  A 1 1  ? 6.722   -3.760  -39.072 1.00 51.74 ? -10 DT  B C6    1 
ATOM   18  P P     . DG  A 1 2  ? 13.184  -3.045  -40.296 1.00 75.51 ? -9  DG  B P     1 
ATOM   19  O OP1   . DG  A 1 2  ? 13.934  -3.757  -41.380 1.00 76.59 ? -9  DG  B OP1   1 
ATOM   20  O OP2   . DG  A 1 2  ? 13.553  -3.269  -38.851 1.00 73.39 ? -9  DG  B OP2   1 
ATOM   21  O "O5'" . DG  A 1 2  ? 13.321  -1.445  -40.663 1.00 72.42 ? -9  DG  B "O5'" 1 
ATOM   22  C "C5'" . DG  A 1 2  ? 12.326  -0.676  -41.412 1.00 69.50 ? -9  DG  B "C5'" 1 
ATOM   23  C "C4'" . DG  A 1 2  ? 11.560  0.390   -40.552 1.00 66.10 ? -9  DG  B "C4'" 1 
ATOM   24  O "O4'" . DG  A 1 2  ? 10.526  -0.157  -39.721 1.00 60.50 ? -9  DG  B "O4'" 1 
ATOM   25  C "C3'" . DG  A 1 2  ? 12.605  1.021   -39.607 1.00 65.79 ? -9  DG  B "C3'" 1 
ATOM   26  O "O3'" . DG  A 1 2  ? 13.067  2.267   -40.140 1.00 70.20 ? -9  DG  B "O3'" 1 
ATOM   27  C "C2'" . DG  A 1 2  ? 12.026  0.954   -38.218 1.00 58.81 ? -9  DG  B "C2'" 1 
ATOM   28  C "C1'" . DG  A 1 2  ? 10.607  0.530   -38.447 1.00 55.54 ? -9  DG  B "C1'" 1 
ATOM   29  N N9    . DG  A 1 2  ? 10.188  -0.495  -37.524 1.00 48.04 ? -9  DG  B N9    1 
ATOM   30  C C8    . DG  A 1 2  ? 10.899  -1.540  -36.988 1.00 45.74 ? -9  DG  B C8    1 
ATOM   31  N N7    . DG  A 1 2  ? 10.154  -2.303  -36.220 1.00 45.70 ? -9  DG  B N7    1 
ATOM   32  C C5    . DG  A 1 2  ? 8.894   -1.710  -36.267 1.00 41.93 ? -9  DG  B C5    1 
ATOM   33  C C6    . DG  A 1 2  ? 7.704   -2.071  -35.639 1.00 39.71 ? -9  DG  B C6    1 
ATOM   34  O O6    . DG  A 1 2  ? 7.512   -3.006  -34.896 1.00 43.88 ? -9  DG  B O6    1 
ATOM   35  N N1    . DG  A 1 2  ? 6.675   -1.251  -35.924 1.00 35.11 ? -9  DG  B N1    1 
ATOM   36  C C2    . DG  A 1 2  ? 6.786   -0.168  -36.738 1.00 40.62 ? -9  DG  B C2    1 
ATOM   37  N N2    . DG  A 1 2  ? 5.705   0.569   -36.957 1.00 43.21 ? -9  DG  B N2    1 
ATOM   38  N N3    . DG  A 1 2  ? 7.911   0.206   -37.341 1.00 41.79 ? -9  DG  B N3    1 
ATOM   39  C C4    . DG  A 1 2  ? 8.919   -0.614  -37.060 1.00 43.16 ? -9  DG  B C4    1 
ATOM   40  P P     . DG  A 1 3  ? 12.873  3.675   -39.385 1.00 75.00 ? -8  DG  B P     1 
ATOM   41  O OP1   . DG  A 1 3  ? 13.168  4.760   -40.376 1.00 75.62 ? -8  DG  B OP1   1 
ATOM   42  O OP2   . DG  A 1 3  ? 13.646  3.622   -38.096 1.00 74.14 ? -8  DG  B OP2   1 
ATOM   43  O "O5'" . DG  A 1 3  ? 11.209  3.613   -39.107 1.00 71.52 ? -8  DG  B "O5'" 1 
ATOM   44  C "C5'" . DG  A 1 3  ? 10.206  4.644   -39.235 1.00 65.23 ? -8  DG  B "C5'" 1 
ATOM   45  C "C4'" . DG  A 1 3  ? 9.542   5.100   -37.887 1.00 62.95 ? -8  DG  B "C4'" 1 
ATOM   46  O "O4'" . DG  A 1 3  ? 8.999   4.022   -37.063 1.00 60.14 ? -8  DG  B "O4'" 1 
ATOM   47  C "C3'" . DG  A 1 3  ? 10.420  5.930   -36.949 1.00 62.11 ? -8  DG  B "C3'" 1 
ATOM   48  O "O3'" . DG  A 1 3  ? 9.507   6.719   -36.191 1.00 66.29 ? -8  DG  B "O3'" 1 
ATOM   49  C "C2'" . DG  A 1 3  ? 10.882  4.879   -35.990 1.00 58.04 ? -8  DG  B "C2'" 1 
ATOM   50  C "C1'" . DG  A 1 3  ? 9.585   4.144   -35.739 1.00 53.52 ? -8  DG  B "C1'" 1 
ATOM   51  N N9    . DG  A 1 3  ? 9.781   2.861   -35.068 1.00 45.40 ? -8  DG  B N9    1 
ATOM   52  C C8    . DG  A 1 3  ? 10.907  2.107   -34.945 1.00 42.65 ? -8  DG  B C8    1 
ATOM   53  N N7    . DG  A 1 3  ? 10.701  1.013   -34.262 1.00 40.98 ? -8  DG  B N7    1 
ATOM   54  C C5    . DG  A 1 3  ? 9.363   1.056   -33.914 1.00 35.95 ? -8  DG  B C5    1 
ATOM   55  C C6    . DG  A 1 3  ? 8.593   0.143   -33.186 1.00 33.35 ? -8  DG  B C6    1 
ATOM   56  O O6    . DG  A 1 3  ? 8.935   -0.920  -32.700 1.00 31.75 ? -8  DG  B O6    1 
ATOM   57  N N1    . DG  A 1 3  ? 7.315   0.561   -33.054 1.00 31.69 ? -8  DG  B N1    1 
ATOM   58  C C2    . DG  A 1 3  ? 6.812   1.716   -33.570 1.00 34.20 ? -8  DG  B C2    1 
ATOM   59  N N2    . DG  A 1 3  ? 5.534   1.977   -33.379 1.00 36.41 ? -8  DG  B N2    1 
ATOM   60  N N3    . DG  A 1 3  ? 7.512   2.595   -34.253 1.00 37.25 ? -8  DG  B N3    1 
ATOM   61  C C4    . DG  A 1 3  ? 8.792   2.188   -34.398 1.00 40.31 ? -8  DG  B C4    1 
ATOM   62  P P     . DA  A 1 4  ? 9.585   8.318   -36.124 1.00 70.84 ? -7  DA  B P     1 
ATOM   63  O OP1   . DA  A 1 4  ? 9.274   8.806   -37.517 1.00 69.10 ? -7  DA  B OP1   1 
ATOM   64  O OP2   . DA  A 1 4  ? 10.876  8.691   -35.418 1.00 69.24 ? -7  DA  B OP2   1 
ATOM   65  O "O5'" . DA  A 1 4  ? 8.351   8.679   -35.110 1.00 63.53 ? -7  DA  B "O5'" 1 
ATOM   66  C "C5'" . DA  A 1 4  ? 7.004   8.267   -35.330 1.00 58.43 ? -7  DA  B "C5'" 1 
ATOM   67  C "C4'" . DA  A 1 4  ? 6.309   7.891   -34.008 1.00 55.18 ? -7  DA  B "C4'" 1 
ATOM   68  O "O4'" . DA  A 1 4  ? 6.494   6.557   -33.475 1.00 51.85 ? -7  DA  B "O4'" 1 
ATOM   69  C "C3'" . DA  A 1 4  ? 6.715   8.853   -32.932 1.00 53.14 ? -7  DA  B "C3'" 1 
ATOM   70  O "O3'" . DA  A 1 4  ? 5.532   9.484   -32.506 1.00 55.67 ? -7  DA  B "O3'" 1 
ATOM   71  C "C2'" . DA  A 1 4  ? 7.295   7.949   -31.897 1.00 49.15 ? -7  DA  B "C2'" 1 
ATOM   72  C "C1'" . DA  A 1 4  ? 6.691   6.577   -32.069 1.00 43.35 ? -7  DA  B "C1'" 1 
ATOM   73  N N9    . DA  A 1 4  ? 7.752   5.615   -31.824 1.00 34.95 ? -7  DA  B N9    1 
ATOM   74  C C8    . DA  A 1 4  ? 9.056   5.675   -32.236 1.00 33.84 ? -7  DA  B C8    1 
ATOM   75  N N7    . DA  A 1 4  ? 9.770   4.644   -31.855 1.00 34.76 ? -7  DA  B N7    1 
ATOM   76  C C5    . DA  A 1 4  ? 8.870   3.856   -31.165 1.00 27.79 ? -7  DA  B C5    1 
ATOM   77  C C6    . DA  A 1 4  ? 9.008   2.630   -30.534 1.00 28.28 ? -7  DA  B C6    1 
ATOM   78  N N6    . DA  A 1 4  ? 10.158  1.962   -30.486 1.00 27.91 ? -7  DA  B N6    1 
ATOM   79  N N1    . DA  A 1 4  ? 7.921   2.124   -29.947 1.00 28.05 ? -7  DA  B N1    1 
ATOM   80  C C2    . DA  A 1 4  ? 6.774   2.787   -30.002 1.00 27.78 ? -7  DA  B C2    1 
ATOM   81  N N3    . DA  A 1 4  ? 6.527   3.952   -30.572 1.00 31.14 ? -7  DA  B N3    1 
ATOM   82  C C4    . DA  A 1 4  ? 7.641   4.439   -31.148 1.00 30.91 ? -7  DA  B C4    1 
ATOM   83  P P     . DG  A 1 5  ? 5.486   10.618  -31.385 1.00 55.92 ? -6  DG  B P     1 
ATOM   84  O OP1   . DG  A 1 5  ? 4.288   11.436  -31.721 1.00 57.50 ? -6  DG  B OP1   1 
ATOM   85  O OP2   . DG  A 1 5  ? 6.824   11.219  -31.325 1.00 57.05 ? -6  DG  B OP2   1 
ATOM   86  O "O5'" . DG  A 1 5  ? 5.240   9.774   -30.043 1.00 50.50 ? -6  DG  B "O5'" 1 
ATOM   87  C "C5'" . DG  A 1 5  ? 3.959   9.176   -29.830 1.00 43.67 ? -6  DG  B "C5'" 1 
ATOM   88  C "C4'" . DG  A 1 5  ? 3.906   8.196   -28.647 1.00 37.92 ? -6  DG  B "C4'" 1 
ATOM   89  O "O4'" . DG  A 1 5  ? 4.950   7.232   -28.735 1.00 36.54 ? -6  DG  B "O4'" 1 
ATOM   90  C "C3'" . DG  A 1 5  ? 4.040   8.853   -27.289 1.00 36.69 ? -6  DG  B "C3'" 1 
ATOM   91  O "O3'" . DG  A 1 5  ? 3.027   8.295   -26.435 1.00 37.67 ? -6  DG  B "O3'" 1 
ATOM   92  C "C2'" . DG  A 1 5  ? 5.453   8.483   -26.913 1.00 36.04 ? -6  DG  B "C2'" 1 
ATOM   93  C "C1'" . DG  A 1 5  ? 5.606   7.104   -27.476 1.00 32.72 ? -6  DG  B "C1'" 1 
ATOM   94  N N9    . DG  A 1 5  ? 6.972   6.709   -27.730 1.00 28.09 ? -6  DG  B N9    1 
ATOM   95  C C8    . DG  A 1 5  ? 7.991   7.368   -28.406 1.00 25.03 ? -6  DG  B C8    1 
ATOM   96  N N7    . DG  A 1 5  ? 9.110   6.658   -28.491 1.00 28.31 ? -6  DG  B N7    1 
ATOM   97  C C5    . DG  A 1 5  ? 8.782   5.463   -27.809 1.00 29.36 ? -6  DG  B C5    1 
ATOM   98  C C6    . DG  A 1 5  ? 9.587   4.292   -27.541 1.00 31.49 ? -6  DG  B C6    1 
ATOM   99  O O6    . DG  A 1 5  ? 10.769  4.083   -27.862 1.00 30.35 ? -6  DG  B O6    1 
ATOM   100 N N1    . DG  A 1 5  ? 8.852   3.306   -26.838 1.00 28.07 ? -6  DG  B N1    1 
ATOM   101 C C2    . DG  A 1 5  ? 7.544   3.449   -26.451 1.00 27.04 ? -6  DG  B C2    1 
ATOM   102 N N2    . DG  A 1 5  ? 7.050   2.417   -25.805 1.00 24.45 ? -6  DG  B N2    1 
ATOM   103 N N3    . DG  A 1 5  ? 6.799   4.558   -26.677 1.00 26.34 ? -6  DG  B N3    1 
ATOM   104 C C4    . DG  A 1 5  ? 7.475   5.503   -27.360 1.00 26.76 ? -6  DG  B C4    1 
ATOM   105 P P     . DA  A 1 6  ? 2.933   8.773   -24.929 1.00 37.88 ? -5  DA  B P     1 
ATOM   106 O OP1   . DA  A 1 6  ? 1.543   8.847   -24.483 1.00 40.74 ? -5  DA  B OP1   1 
ATOM   107 O OP2   . DA  A 1 6  ? 3.829   9.934   -24.759 1.00 36.58 ? -5  DA  B OP2   1 
ATOM   108 O "O5'" . DA  A 1 6  ? 3.515   7.476   -24.271 1.00 39.43 ? -5  DA  B "O5'" 1 
ATOM   109 C "C5'" . DA  A 1 6  ? 2.714   6.323   -24.013 1.00 34.15 ? -5  DA  B "C5'" 1 
ATOM   110 C "C4'" . DA  A 1 6  ? 3.428   5.427   -22.986 1.00 30.41 ? -5  DA  B "C4'" 1 
ATOM   111 O "O4'" . DA  A 1 6  ? 4.753   5.066   -23.410 1.00 27.09 ? -5  DA  B "O4'" 1 
ATOM   112 C "C3'" . DA  A 1 6  ? 3.618   6.124   -21.709 1.00 29.13 ? -5  DA  B "C3'" 1 
ATOM   113 O "O3'" . DA  A 1 6  ? 3.083   5.259   -20.738 1.00 33.87 ? -5  DA  B "O3'" 1 
ATOM   114 C "C2'" . DA  A 1 6  ? 5.130   6.314   -21.633 1.00 26.25 ? -5  DA  B "C2'" 1 
ATOM   115 C "C1'" . DA  A 1 6  ? 5.778   5.291   -22.471 1.00 22.99 ? -5  DA  B "C1'" 1 
ATOM   116 N N9    . DA  A 1 6  ? 6.912   5.824   -23.235 1.00 20.86 ? -5  DA  B N9    1 
ATOM   117 C C8    . DA  A 1 6  ? 6.982   6.956   -23.968 1.00 20.80 ? -5  DA  B C8    1 
ATOM   118 N N7    . DA  A 1 6  ? 8.121   7.128   -24.559 1.00 22.53 ? -5  DA  B N7    1 
ATOM   119 C C5    . DA  A 1 6  ? 8.881   6.026   -24.196 1.00 17.47 ? -5  DA  B C5    1 
ATOM   120 C C6    . DA  A 1 6  ? 10.192  5.625   -24.494 1.00 18.29 ? -5  DA  B C6    1 
ATOM   121 N N6    . DA  A 1 6  ? 11.054  6.303   -25.254 1.00 18.45 ? -5  DA  B N6    1 
ATOM   122 N N1    . DA  A 1 6  ? 10.622  4.480   -23.976 1.00 19.12 ? -5  DA  B N1    1 
ATOM   123 C C2    . DA  A 1 6  ? 9.781   3.781   -23.206 1.00 22.47 ? -5  DA  B C2    1 
ATOM   124 N N3    . DA  A 1 6  ? 8.542   4.060   -22.832 1.00 23.17 ? -5  DA  B N3    1 
ATOM   125 C C4    . DA  A 1 6  ? 8.140   5.224   -23.389 1.00 21.35 ? -5  DA  B C4    1 
ATOM   126 P P     . DT  A 1 7  ? 3.090   5.658   -19.210 1.00 37.08 ? -4  DT  B P     1 
ATOM   127 O OP1   . DT  A 1 7  ? 1.952   4.993   -18.556 1.00 39.23 ? -4  DT  B OP1   1 
ATOM   128 O OP2   . DT  A 1 7  ? 3.267   7.120   -18.998 1.00 39.08 ? -4  DT  B OP2   1 
ATOM   129 O "O5'" . DT  A 1 7  ? 4.479   5.002   -18.735 1.00 37.55 ? -4  DT  B "O5'" 1 
ATOM   130 C "C5'" . DT  A 1 7  ? 4.776   3.610   -18.715 1.00 34.07 ? -4  DT  B "C5'" 1 
ATOM   131 C "C4'" . DT  A 1 7  ? 6.244   3.460   -18.387 1.00 32.60 ? -4  DT  B "C4'" 1 
ATOM   132 O "O4'" . DT  A 1 7  ? 7.101   4.036   -19.399 1.00 29.62 ? -4  DT  B "O4'" 1 
ATOM   133 C "C3'" . DT  A 1 7  ? 6.521   4.134   -17.076 1.00 35.19 ? -4  DT  B "C3'" 1 
ATOM   134 O "O3'" . DT  A 1 7  ? 6.838   3.028   -16.193 1.00 44.23 ? -4  DT  B "O3'" 1 
ATOM   135 C "C2'" . DT  A 1 7  ? 7.663   5.046   -17.479 1.00 31.17 ? -4  DT  B "C2'" 1 
ATOM   136 C "C1'" . DT  A 1 7  ? 8.246   4.473   -18.744 1.00 26.00 ? -4  DT  B "C1'" 1 
ATOM   137 N N1    . DT  A 1 7  ? 8.972   5.440   -19.560 1.00 25.36 ? -4  DT  B N1    1 
ATOM   138 C C2    . DT  A 1 7  ? 10.259  5.124   -19.933 1.00 26.33 ? -4  DT  B C2    1 
ATOM   139 O O2    . DT  A 1 7  ? 10.837  4.080   -19.639 1.00 27.90 ? -4  DT  B O2    1 
ATOM   140 N N3    . DT  A 1 7  ? 10.918  6.081   -20.680 1.00 26.03 ? -4  DT  B N3    1 
ATOM   141 C C4    . DT  A 1 7  ? 10.438  7.296   -21.096 1.00 22.82 ? -4  DT  B C4    1 
ATOM   142 O O4    . DT  A 1 7  ? 11.172  8.010   -21.762 1.00 29.07 ? -4  DT  B O4    1 
ATOM   143 C C5    . DT  A 1 7  ? 9.101   7.575   -20.684 1.00 22.68 ? -4  DT  B C5    1 
ATOM   144 C C7    . DT  A 1 7  ? 8.424   8.889   -21.076 1.00 21.35 ? -4  DT  B C7    1 
ATOM   145 C C6    . DT  A 1 7  ? 8.419   6.653   -19.943 1.00 25.56 ? -4  DT  B C6    1 
ATOM   146 P P     . DG  A 1 8  ? 6.773   2.864   -14.545 1.00 49.86 ? -3  DG  B P     1 
ATOM   147 O OP1   . DG  A 1 8  ? 5.912   1.683   -14.210 1.00 51.18 ? -3  DG  B OP1   1 
ATOM   148 O OP2   . DG  A 1 8  ? 6.503   4.139   -13.831 1.00 51.54 ? -3  DG  B OP2   1 
ATOM   149 O "O5'" . DG  A 1 8  ? 8.360   2.619   -14.361 1.00 47.23 ? -3  DG  B "O5'" 1 
ATOM   150 C "C5'" . DG  A 1 8  ? 8.996   1.397   -14.697 1.00 42.95 ? -3  DG  B "C5'" 1 
ATOM   151 C "C4'" . DG  A 1 8  ? 10.483  1.470   -14.487 1.00 39.94 ? -3  DG  B "C4'" 1 
ATOM   152 O "O4'" . DG  A 1 8  ? 11.138  2.159   -15.562 1.00 37.07 ? -3  DG  B "O4'" 1 
ATOM   153 C "C3'" . DG  A 1 8  ? 10.870  2.073   -13.134 1.00 39.96 ? -3  DG  B "C3'" 1 
ATOM   154 O "O3'" . DG  A 1 8  ? 11.971  1.292   -12.601 1.00 47.94 ? -3  DG  B "O3'" 1 
ATOM   155 C "C2'" . DG  A 1 8  ? 11.393  3.402   -13.621 1.00 37.78 ? -3  DG  B "C2'" 1 
ATOM   156 C "C1'" . DG  A 1 8  ? 12.023  3.147   -14.997 1.00 32.41 ? -3  DG  B "C1'" 1 
ATOM   157 N N9    . DG  A 1 8  ? 11.874  4.390   -15.797 1.00 28.39 ? -3  DG  B N9    1 
ATOM   158 C C8    . DG  A 1 8  ? 10.747  5.195   -15.859 1.00 20.81 ? -3  DG  B C8    1 
ATOM   159 N N7    . DG  A 1 8  ? 10.895  6.226   -16.622 1.00 22.44 ? -3  DG  B N7    1 
ATOM   160 C C5    . DG  A 1 8  ? 12.199  6.091   -17.127 1.00 22.55 ? -3  DG  B C5    1 
ATOM   161 C C6    . DG  A 1 8  ? 12.921  6.910   -18.027 1.00 20.66 ? -3  DG  B C6    1 
ATOM   162 O O6    . DG  A 1 8  ? 12.539  7.929   -18.563 1.00 23.05 ? -3  DG  B O6    1 
ATOM   163 N N1    . DG  A 1 8  ? 14.195  6.457   -18.276 1.00 18.98 ? -3  DG  B N1    1 
ATOM   164 C C2    . DG  A 1 8  ? 14.740  5.326   -17.727 1.00 16.47 ? -3  DG  B C2    1 
ATOM   165 N N2    . DG  A 1 8  ? 15.990  5.020   -18.066 1.00 18.60 ? -3  DG  B N2    1 
ATOM   166 N N3    . DG  A 1 8  ? 14.086  4.561   -16.880 1.00 15.52 ? -3  DG  B N3    1 
ATOM   167 C C4    . DG  A 1 8  ? 12.815  4.971   -16.631 1.00 21.47 ? -3  DG  B C4    1 
ATOM   168 P P     . DA  A 1 9  ? 12.685  1.323   -11.104 1.00 49.40 ? -2  DA  B P     1 
ATOM   169 O OP1   . DA  A 1 9  ? 13.248  -0.043  -10.914 1.00 51.49 ? -2  DA  B OP1   1 
ATOM   170 O OP2   . DA  A 1 9  ? 11.686  1.898   -10.155 1.00 46.83 ? -2  DA  B OP2   1 
ATOM   171 O "O5'" . DA  A 1 9  ? 13.958  2.321   -11.192 1.00 43.65 ? -2  DA  B "O5'" 1 
ATOM   172 C "C5'" . DA  A 1 9  ? 15.125  1.760   -11.772 1.00 39.97 ? -2  DA  B "C5'" 1 
ATOM   173 C "C4'" . DA  A 1 9  ? 16.204  2.770   -12.090 1.00 38.42 ? -2  DA  B "C4'" 1 
ATOM   174 O "O4'" . DA  A 1 9  ? 15.785  3.644   -13.158 1.00 36.33 ? -2  DA  B "O4'" 1 
ATOM   175 C "C3'" . DA  A 1 9  ? 16.616  3.582   -10.877 1.00 38.65 ? -2  DA  B "C3'" 1 
ATOM   176 O "O3'" . DA  A 1 9  ? 18.043  3.406   -10.634 1.00 39.94 ? -2  DA  B "O3'" 1 
ATOM   177 C "C2'" . DA  A 1 9  ? 16.198  4.977   -11.359 1.00 35.76 ? -2  DA  B "C2'" 1 
ATOM   178 C "C1'" . DA  A 1 9  ? 16.259  4.941   -12.887 1.00 33.88 ? -2  DA  B "C1'" 1 
ATOM   179 N N9    . DA  A 1 9  ? 15.330  5.914   -13.481 1.00 30.09 ? -2  DA  B N9    1 
ATOM   180 C C8    . DA  A 1 9  ? 14.032  6.085   -13.127 1.00 28.10 ? -2  DA  B C8    1 
ATOM   181 N N7    . DA  A 1 9  ? 13.433  7.008   -13.817 1.00 28.61 ? -2  DA  B N7    1 
ATOM   182 C C5    . DA  A 1 9  ? 14.397  7.516   -14.696 1.00 25.44 ? -2  DA  B C5    1 
ATOM   183 C C6    . DA  A 1 9  ? 14.355  8.535   -15.684 1.00 23.76 ? -2  DA  B C6    1 
ATOM   184 N N6    . DA  A 1 9  ? 13.244  9.220   -15.922 1.00 17.26 ? -2  DA  B N6    1 
ATOM   185 N N1    . DA  A 1 9  ? 15.455  8.785   -16.402 1.00 23.27 ? -2  DA  B N1    1 
ATOM   186 C C2    . DA  A 1 9  ? 16.537  8.062   -16.138 1.00 25.20 ? -2  DA  B C2    1 
ATOM   187 N N3    . DA  A 1 9  ? 16.721  7.086   -15.236 1.00 24.13 ? -2  DA  B N3    1 
ATOM   188 C C4    . DA  A 1 9  ? 15.577  6.844   -14.524 1.00 27.52 ? -2  DA  B C4    1 
ATOM   189 P P     . DC  A 1 10 ? 18.991  4.199   -9.541  1.00 40.87 ? -1  DC  B P     1 
ATOM   190 O OP1   . DC  A 1 10 ? 20.062  3.228   -9.188  1.00 43.73 ? -1  DC  B OP1   1 
ATOM   191 O OP2   . DC  A 1 10 ? 18.162  4.798   -8.466  1.00 42.20 ? -1  DC  B OP2   1 
ATOM   192 O "O5'" . DC  A 1 10 ? 19.620  5.371   -10.313 1.00 35.14 ? -1  DC  B "O5'" 1 
ATOM   193 C "C5'" . DC  A 1 10 ? 20.287  5.140   -11.524 1.00 32.57 ? -1  DC  B "C5'" 1 
ATOM   194 C "C4'" . DC  A 1 10 ? 20.457  6.461   -12.237 1.00 30.36 ? -1  DC  B "C4'" 1 
ATOM   195 O "O4'" . DC  A 1 10 ? 19.225  6.974   -12.740 1.00 26.71 ? -1  DC  B "O4'" 1 
ATOM   196 C "C3'" . DC  A 1 10 ? 20.996  7.499   -11.255 1.00 27.62 ? -1  DC  B "C3'" 1 
ATOM   197 O "O3'" . DC  A 1 10 ? 22.431  7.347   -11.224 1.00 26.47 ? -1  DC  B "O3'" 1 
ATOM   198 C "C2'" . DC  A 1 10 ? 20.544  8.767   -11.933 1.00 26.65 ? -1  DC  B "C2'" 1 
ATOM   199 C "C1'" . DC  A 1 10 ? 19.436  8.378   -12.821 1.00 23.74 ? -1  DC  B "C1'" 1 
ATOM   200 N N1    . DC  A 1 10 ? 18.110  8.924   -12.604 1.00 22.77 ? -1  DC  B N1    1 
ATOM   201 C C2    . DC  A 1 10 ? 17.754  10.013  -13.409 1.00 22.63 ? -1  DC  B C2    1 
ATOM   202 O O2    . DC  A 1 10 ? 18.557  10.527  -14.196 1.00 22.04 ? -1  DC  B O2    1 
ATOM   203 N N3    . DC  A 1 10 ? 16.464  10.501  -13.288 1.00 23.17 ? -1  DC  B N3    1 
ATOM   204 C C4    . DC  A 1 10 ? 15.569  9.940   -12.424 1.00 19.24 ? -1  DC  B C4    1 
ATOM   205 N N4    . DC  A 1 10 ? 14.353  10.464  -12.365 1.00 15.84 ? -1  DC  B N4    1 
ATOM   206 C C5    . DC  A 1 10 ? 15.929  8.800   -11.593 1.00 19.62 ? -1  DC  B C5    1 
ATOM   207 C C6    . DC  A 1 10 ? 17.200  8.338   -11.723 1.00 20.89 ? -1  DC  B C6    1 
ATOM   208 P P     . DG  A 1 11 ? 23.291  8.051   -10.155 1.00 28.75 ? 1   DG  B P     1 
ATOM   209 O OP1   . DG  A 1 11 ? 24.692  7.545   -10.229 1.00 32.35 ? 1   DG  B OP1   1 
ATOM   210 O OP2   . DG  A 1 11 ? 22.491  7.934   -8.911  1.00 27.19 ? 1   DG  B OP2   1 
ATOM   211 O "O5'" . DG  A 1 11 ? 23.457  9.587   -10.502 1.00 31.16 ? 1   DG  B "O5'" 1 
ATOM   212 C "C5'" . DG  A 1 11 ? 24.183  10.178  -11.574 1.00 29.21 ? 1   DG  B "C5'" 1 
ATOM   213 C "C4'" . DG  A 1 11 ? 23.737  11.654  -11.676 1.00 30.37 ? 1   DG  B "C4'" 1 
ATOM   214 O "O4'" . DG  A 1 11 ? 22.266  11.684  -11.888 1.00 30.64 ? 1   DG  B "O4'" 1 
ATOM   215 C "C3'" . DG  A 1 11 ? 24.092  12.531  -10.411 1.00 31.19 ? 1   DG  B "C3'" 1 
ATOM   216 O "O3'" . DG  A 1 11 ? 24.868  13.700  -10.856 1.00 31.90 ? 1   DG  B "O3'" 1 
ATOM   217 C "C2'" . DG  A 1 11 ? 22.683  12.820  -9.845  1.00 27.05 ? 1   DG  B "C2'" 1 
ATOM   218 C "C1'" . DG  A 1 11 ? 21.768  12.717  -11.056 1.00 24.90 ? 1   DG  B "C1'" 1 
ATOM   219 N N9    . DG  A 1 11 ? 20.409  12.421  -10.733 1.00 21.55 ? 1   DG  B N9    1 
ATOM   220 C C8    . DG  A 1 11 ? 19.917  11.497  -9.899  1.00 19.42 ? 1   DG  B C8    1 
ATOM   221 N N7    . DG  A 1 11 ? 18.622  11.512  -9.809  1.00 20.16 ? 1   DG  B N7    1 
ATOM   222 C C5    . DG  A 1 11 ? 18.220  12.538  -10.638 1.00 19.17 ? 1   DG  B C5    1 
ATOM   223 C C6    . DG  A 1 11 ? 16.940  13.002  -10.921 1.00 18.55 ? 1   DG  B C6    1 
ATOM   224 O O6    . DG  A 1 11 ? 15.867  12.585  -10.512 1.00 22.22 ? 1   DG  B O6    1 
ATOM   225 N N1    . DG  A 1 11 ? 16.972  14.034  -11.775 1.00 18.19 ? 1   DG  B N1    1 
ATOM   226 C C2    . DG  A 1 11 ? 18.110  14.555  -12.314 1.00 19.17 ? 1   DG  B C2    1 
ATOM   227 N N2    . DG  A 1 11 ? 17.959  15.574  -13.133 1.00 21.72 ? 1   DG  B N2    1 
ATOM   228 N N3    . DG  A 1 11 ? 19.338  14.132  -12.073 1.00 19.54 ? 1   DG  B N3    1 
ATOM   229 C C4    . DG  A 1 11 ? 19.314  13.113  -11.212 1.00 22.13 ? 1   DG  B C4    1 
ATOM   230 P P     . DT  A 1 12 ? 25.608  14.918  -10.085 1.00 38.07 ? 2   DT  B P     1 
ATOM   231 O OP1   . DT  A 1 12 ? 26.651  15.382  -11.027 1.00 38.06 ? 2   DT  B OP1   1 
ATOM   232 O OP2   . DT  A 1 12 ? 26.014  14.522  -8.719  1.00 35.11 ? 2   DT  B OP2   1 
ATOM   233 O "O5'" . DT  A 1 12 ? 24.558  16.135  -9.967  1.00 36.75 ? 2   DT  B "O5'" 1 
ATOM   234 C "C5'" . DT  A 1 12 ? 24.198  16.808  -11.187 1.00 35.17 ? 2   DT  B "C5'" 1 
ATOM   235 C "C4'" . DT  A 1 12 ? 22.920  17.613  -11.167 1.00 34.38 ? 2   DT  B "C4'" 1 
ATOM   236 O "O4'" . DT  A 1 12 ? 21.761  16.815  -10.963 1.00 34.01 ? 2   DT  B "O4'" 1 
ATOM   237 C "C3'" . DT  A 1 12 ? 23.042  18.509  -10.004 1.00 36.90 ? 2   DT  B "C3'" 1 
ATOM   238 O "O3'" . DT  A 1 12 ? 23.482  19.765  -10.460 1.00 44.64 ? 2   DT  B "O3'" 1 
ATOM   239 C "C2'" . DT  A 1 12 ? 21.673  18.523  -9.359  1.00 36.67 ? 2   DT  B "C2'" 1 
ATOM   240 C "C1'" . DT  A 1 12 ? 20.816  17.610  -10.190 1.00 32.98 ? 2   DT  B "C1'" 1 
ATOM   241 N N1    . DT  A 1 12 ? 19.920  16.714  -9.423  1.00 29.28 ? 2   DT  B N1    1 
ATOM   242 C C2    . DT  A 1 12 ? 18.564  16.902  -9.544  1.00 27.33 ? 2   DT  B C2    1 
ATOM   243 O O2    . DT  A 1 12 ? 18.058  17.777  -10.200 1.00 29.71 ? 2   DT  B O2    1 
ATOM   244 N N3    . DT  A 1 12 ? 17.732  16.048  -8.877  1.00 27.10 ? 2   DT  B N3    1 
ATOM   245 C C4    . DT  A 1 12 ? 18.132  15.001  -8.065  1.00 26.04 ? 2   DT  B C4    1 
ATOM   246 O O4    . DT  A 1 12 ? 17.264  14.308  -7.517  1.00 28.37 ? 2   DT  B O4    1 
ATOM   247 C C5    . DT  A 1 12 ? 19.588  14.848  -7.958  1.00 27.05 ? 2   DT  B C5    1 
ATOM   248 C C7    . DT  A 1 12 ? 20.184  13.712  -7.071  1.00 20.03 ? 2   DT  B C7    1 
ATOM   249 C C6    . DT  A 1 12 ? 20.416  15.694  -8.643  1.00 27.37 ? 2   DT  B C6    1 
ATOM   250 P P     . DC  A 1 13 ? 23.924  20.950  -9.421  1.00 50.37 ? 3   DC  B P     1 
ATOM   251 O OP1   . DC  A 1 13 ? 25.026  21.730  -10.044 1.00 52.71 ? 3   DC  B OP1   1 
ATOM   252 O OP2   . DC  A 1 13 ? 24.115  20.442  -8.030  1.00 52.26 ? 3   DC  B OP2   1 
ATOM   253 O "O5'" . DC  A 1 13 ? 22.545  21.819  -9.343  1.00 49.39 ? 3   DC  B "O5'" 1 
ATOM   254 C "C5'" . DC  A 1 13 ? 21.737  22.336  -10.406 1.00 41.05 ? 3   DC  B "C5'" 1 
ATOM   255 C "C4'" . DC  A 1 13 ? 20.397  22.767  -9.859  1.00 36.75 ? 3   DC  B "C4'" 1 
ATOM   256 O "O4'" . DC  A 1 13 ? 19.661  21.641  -9.488  1.00 32.97 ? 3   DC  B "O4'" 1 
ATOM   257 C "C3'" . DC  A 1 13 ? 20.486  23.600  -8.593  1.00 40.79 ? 3   DC  B "C3'" 1 
ATOM   258 O "O3'" . DC  A 1 13 ? 19.668  24.759  -8.776  1.00 50.66 ? 3   DC  B "O3'" 1 
ATOM   259 C "C2'" . DC  A 1 13 ? 19.863  22.724  -7.525  1.00 36.17 ? 3   DC  B "C2'" 1 
ATOM   260 C "C1'" . DC  A 1 13 ? 18.893  21.869  -8.293  1.00 33.01 ? 3   DC  B "C1'" 1 
ATOM   261 N N1    . DC  A 1 13 ? 18.631  20.602  -7.554  1.00 31.42 ? 3   DC  B N1    1 
ATOM   262 C C2    . DC  A 1 13 ? 17.313  20.123  -7.371  1.00 34.11 ? 3   DC  B C2    1 
ATOM   263 O O2    . DC  A 1 13 ? 16.297  20.708  -7.765  1.00 36.41 ? 3   DC  B O2    1 
ATOM   264 N N3    . DC  A 1 13 ? 17.144  18.931  -6.684  1.00 31.93 ? 3   DC  B N3    1 
ATOM   265 C C4    . DC  A 1 13 ? 18.180  18.261  -6.188  1.00 23.62 ? 3   DC  B C4    1 
ATOM   266 N N4    . DC  A 1 13 ? 17.953  17.152  -5.522  1.00 22.49 ? 3   DC  B N4    1 
ATOM   267 C C5    . DC  A 1 13 ? 19.504  18.716  -6.379  1.00 25.13 ? 3   DC  B C5    1 
ATOM   268 C C6    . DC  A 1 13 ? 19.685  19.880  -7.046  1.00 29.29 ? 3   DC  B C6    1 
ATOM   269 P P     . DA  A 1 14 ? 19.654  26.079  -7.800  1.00 53.15 ? 4   DA  B P     1 
ATOM   270 O OP1   . DA  A 1 14 ? 19.834  27.229  -8.716  1.00 53.27 ? 4   DA  B OP1   1 
ATOM   271 O OP2   . DA  A 1 14 ? 20.602  25.871  -6.673  1.00 53.08 ? 4   DA  B OP2   1 
ATOM   272 O "O5'" . DA  A 1 14 ? 18.200  26.137  -7.154  1.00 48.98 ? 4   DA  B "O5'" 1 
ATOM   273 C "C5'" . DA  A 1 14 ? 17.034  26.045  -7.944  1.00 47.78 ? 4   DA  B "C5'" 1 
ATOM   274 C "C4'" . DA  A 1 14 ? 15.884  25.679  -7.034  1.00 48.68 ? 4   DA  B "C4'" 1 
ATOM   275 O "O4'" . DA  A 1 14 ? 15.967  24.331  -6.607  1.00 48.62 ? 4   DA  B "O4'" 1 
ATOM   276 C "C3'" . DA  A 1 14 ? 15.919  26.513  -5.746  1.00 50.36 ? 4   DA  B "C3'" 1 
ATOM   277 O "O3'" . DA  A 1 14 ? 14.820  27.413  -5.900  1.00 53.85 ? 4   DA  B "O3'" 1 
ATOM   278 C "C2'" . DA  A 1 14 ? 15.846  25.520  -4.602  1.00 46.97 ? 4   DA  B "C2'" 1 
ATOM   279 C "C1'" . DA  A 1 14 ? 15.516  24.186  -5.237  1.00 42.77 ? 4   DA  B "C1'" 1 
ATOM   280 N N9    . DA  A 1 14 ? 16.349  23.091  -4.711  1.00 32.37 ? 4   DA  B N9    1 
ATOM   281 C C8    . DA  A 1 14 ? 17.710  23.009  -4.743  1.00 33.65 ? 4   DA  B C8    1 
ATOM   282 N N7    . DA  A 1 14 ? 18.184  21.903  -4.228  1.00 32.95 ? 4   DA  B N7    1 
ATOM   283 C C5    . DA  A 1 14 ? 17.036  21.212  -3.848  1.00 28.45 ? 4   DA  B C5    1 
ATOM   284 C C6    . DA  A 1 14 ? 16.855  19.975  -3.225  1.00 27.01 ? 4   DA  B C6    1 
ATOM   285 N N6    . DA  A 1 14 ? 17.874  19.190  -2.894  1.00 28.28 ? 4   DA  B N6    1 
ATOM   286 N N1    . DA  A 1 14 ? 15.599  19.595  -2.981  1.00 25.73 ? 4   DA  B N1    1 
ATOM   287 C C2    . DA  A 1 14 ? 14.616  20.415  -3.324  1.00 26.37 ? 4   DA  B C2    1 
ATOM   288 N N3    . DA  A 1 14 ? 14.674  21.598  -3.906  1.00 23.99 ? 4   DA  B N3    1 
ATOM   289 C C4    . DA  A 1 14 ? 15.922  21.935  -4.154  1.00 26.88 ? 4   DA  B C4    1 
ATOM   290 P P     . DT  A 1 15 ? 14.016  28.254  -4.823  1.00 54.54 ? 5   DT  B P     1 
ATOM   291 O OP1   . DT  A 1 15 ? 13.379  29.317  -5.633  1.00 58.30 ? 5   DT  B OP1   1 
ATOM   292 O OP2   . DT  A 1 15 ? 14.852  28.615  -3.639  1.00 52.85 ? 5   DT  B OP2   1 
ATOM   293 O "O5'" . DT  A 1 15 ? 12.882  27.211  -4.379  1.00 53.16 ? 5   DT  B "O5'" 1 
ATOM   294 C "C5'" . DT  A 1 15 ? 12.550  27.221  -3.001  1.00 50.26 ? 5   DT  B "C5'" 1 
ATOM   295 C "C4'" . DT  A 1 15 ? 12.399  25.851  -2.407  1.00 48.93 ? 5   DT  B "C4'" 1 
ATOM   296 O "O4'" . DT  A 1 15 ? 13.536  24.994  -2.480  1.00 42.74 ? 5   DT  B "O4'" 1 
ATOM   297 C "C3'" . DT  A 1 15 ? 12.238  26.156  -0.975  1.00 49.30 ? 5   DT  B "C3'" 1 
ATOM   298 O "O3'" . DT  A 1 15 ? 10.852  26.275  -0.797  1.00 55.87 ? 5   DT  B "O3'" 1 
ATOM   299 C "C2'" . DT  A 1 15 ? 12.804  24.995  -0.244  1.00 45.33 ? 5   DT  B "C2'" 1 
ATOM   300 C "C1'" . DT  A 1 15 ? 13.395  24.169  -1.316  1.00 40.50 ? 5   DT  B "C1'" 1 
ATOM   301 N N1    . DT  A 1 15 ? 14.691  23.551  -0.977  1.00 35.46 ? 5   DT  B N1    1 
ATOM   302 C C2    . DT  A 1 15 ? 14.676  22.217  -0.509  1.00 34.47 ? 5   DT  B C2    1 
ATOM   303 O O2    . DT  A 1 15 ? 13.620  21.575  -0.337  1.00 33.42 ? 5   DT  B O2    1 
ATOM   304 N N3    . DT  A 1 15 ? 15.939  21.670  -0.247  1.00 31.80 ? 5   DT  B N3    1 
ATOM   305 C C4    . DT  A 1 15 ? 17.143  22.330  -0.427  1.00 32.21 ? 5   DT  B C4    1 
ATOM   306 O O4    . DT  A 1 15 ? 18.201  21.767  -0.184  1.00 33.26 ? 5   DT  B O4    1 
ATOM   307 C C5    . DT  A 1 15 ? 17.023  23.687  -0.914  1.00 32.51 ? 5   DT  B C5    1 
ATOM   308 C C7    . DT  A 1 15 ? 18.265  24.501  -1.166  1.00 33.08 ? 5   DT  B C7    1 
ATOM   309 C C6    . DT  A 1 15 ? 15.844  24.243  -1.165  1.00 29.72 ? 5   DT  B C6    1 
ATOM   310 P P     . DC  A 1 16 ? 10.347  26.835  0.617   1.00 63.20 ? 6   DC  B P     1 
ATOM   311 O OP1   . DC  A 1 16 ? 8.969   27.405  0.398   1.00 60.92 ? 6   DC  B OP1   1 
ATOM   312 O OP2   . DC  A 1 16 ? 11.444  27.717  1.159   1.00 60.54 ? 6   DC  B OP2   1 
ATOM   313 O "O5'" . DC  A 1 16 ? 10.306  25.445  1.568   1.00 61.51 ? 6   DC  B "O5'" 1 
ATOM   314 C "C5'" . DC  A 1 16 ? 9.306   24.407  1.489   1.00 62.41 ? 6   DC  B "C5'" 1 
ATOM   315 C "C4'" . DC  A 1 16 ? 9.498   23.204  2.441   1.00 63.49 ? 6   DC  B "C4'" 1 
ATOM   316 O "O4'" . DC  A 1 16 ? 10.769  22.506  2.260   1.00 61.56 ? 6   DC  B "O4'" 1 
ATOM   317 C "C3'" . DC  A 1 16 ? 9.420   23.669  3.868   1.00 66.91 ? 6   DC  B "C3'" 1 
ATOM   318 O "O3'" . DC  A 1 16 ? 8.451   22.904  4.675   1.00 76.49 ? 6   DC  B "O3'" 1 
ATOM   319 C "C2'" . DC  A 1 16 ? 10.887  23.550  4.293   1.00 63.03 ? 6   DC  B "C2'" 1 
ATOM   320 C "C1'" . DC  A 1 16 ? 11.513  22.404  3.490   1.00 56.94 ? 6   DC  B "C1'" 1 
ATOM   321 N N1    . DC  A 1 16 ? 12.995  22.627  3.286   1.00 50.41 ? 6   DC  B N1    1 
ATOM   322 C C2    . DC  A 1 16 ? 13.906  21.558  3.423   1.00 46.88 ? 6   DC  B C2    1 
ATOM   323 O O2    . DC  A 1 16 ? 13.563  20.420  3.725   1.00 46.11 ? 6   DC  B O2    1 
ATOM   324 N N3    . DC  A 1 16 ? 15.241  21.793  3.234   1.00 43.11 ? 6   DC  B N3    1 
ATOM   325 C C4    . DC  A 1 16 ? 15.682  23.019  2.930   1.00 41.29 ? 6   DC  B C4    1 
ATOM   326 N N4    . DC  A 1 16 ? 16.975  23.210  2.756   1.00 38.57 ? 6   DC  B N4    1 
ATOM   327 C C5    . DC  A 1 16 ? 14.781  24.123  2.784   1.00 43.24 ? 6   DC  B C5    1 
ATOM   328 C C6    . DC  A 1 16 ? 13.463  23.882  2.974   1.00 46.68 ? 6   DC  B C6    1 
ATOM   329 P P     . DT  A 1 17 ? 8.358   23.064  6.389   1.00 83.48 ? 7   DT  B P     1 
ATOM   330 O OP1   . DT  A 1 17 ? 7.038   22.560  6.905   1.00 81.80 ? 7   DT  B OP1   1 
ATOM   331 O OP2   . DT  A 1 17 ? 8.926   24.396  6.840   1.00 81.39 ? 7   DT  B OP2   1 
ATOM   332 O "O5'" . DT  A 1 17 ? 9.424   21.962  6.761   1.00 80.19 ? 7   DT  B "O5'" 1 
ATOM   333 C "C5'" . DT  A 1 17 ? 9.288   20.598  6.312   1.00 76.72 ? 7   DT  B "C5'" 1 
ATOM   334 C "C4'" . DT  A 1 17 ? 10.332  19.834  7.038   1.00 72.71 ? 7   DT  B "C4'" 1 
ATOM   335 O "O4'" . DT  A 1 17 ? 11.633  20.365  6.721   1.00 68.29 ? 7   DT  B "O4'" 1 
ATOM   336 C "C3'" . DT  A 1 17 ? 10.080  20.205  8.490   1.00 74.09 ? 7   DT  B "C3'" 1 
ATOM   337 O "O3'" . DT  A 1 17 ? 9.905   18.933  9.097   1.00 80.55 ? 7   DT  B "O3'" 1 
ATOM   338 C "C2'" . DT  A 1 17 ? 11.261  21.154  8.867   1.00 67.92 ? 7   DT  B "C2'" 1 
ATOM   339 C "C1'" . DT  A 1 17 ? 12.353  20.697  7.926   1.00 60.72 ? 7   DT  B "C1'" 1 
ATOM   340 N N1    . DT  A 1 17 ? 13.423  21.611  7.500   1.00 50.97 ? 7   DT  B N1    1 
ATOM   341 C C2    . DT  A 1 17 ? 14.710  21.107  7.423   1.00 47.37 ? 7   DT  B C2    1 
ATOM   342 O O2    . DT  A 1 17 ? 15.049  19.977  7.729   1.00 47.82 ? 7   DT  B O2    1 
ATOM   343 N N3    . DT  A 1 17 ? 15.682  21.941  6.982   1.00 44.00 ? 7   DT  B N3    1 
ATOM   344 C C4    . DT  A 1 17 ? 15.538  23.229  6.602   1.00 44.90 ? 7   DT  B C4    1 
ATOM   345 O O4    . DT  A 1 17 ? 16.516  23.862  6.227   1.00 44.57 ? 7   DT  B O4    1 
ATOM   346 C C5    . DT  A 1 17 ? 14.182  23.700  6.691   1.00 47.27 ? 7   DT  B C5    1 
ATOM   347 C C7    . DT  A 1 17 ? 13.880  25.138  6.294   1.00 47.02 ? 7   DT  B C7    1 
ATOM   348 C C6    . DT  A 1 17 ? 13.175  22.886  7.117   1.00 49.30 ? 7   DT  B C6    1 
ATOM   349 P P     . DC  A 1 18 ? 9.439   18.785  10.654  1.00 87.23 ? 8   DC  B P     1 
ATOM   350 O OP1   . DC  A 1 18 ? 8.092   18.102  10.662  1.00 84.79 ? 8   DC  B OP1   1 
ATOM   351 O OP2   . DC  A 1 18 ? 9.648   20.090  11.386  1.00 84.97 ? 8   DC  B OP2   1 
ATOM   352 O "O5'" . DC  A 1 18 ? 10.659  17.719  11.078  1.00 84.40 ? 8   DC  B "O5'" 1 
ATOM   353 C "C5'" . DC  A 1 18 ? 12.017  18.058  10.697  1.00 79.72 ? 8   DC  B "C5'" 1 
ATOM   354 C "C4'" . DC  A 1 18 ? 13.039  18.106  11.836  1.00 76.89 ? 8   DC  B "C4'" 1 
ATOM   355 O "O4'" . DC  A 1 18 ? 14.187  18.866  11.354  1.00 72.95 ? 8   DC  B "O4'" 1 
ATOM   356 C "C3'" . DC  A 1 18 ? 12.571  18.750  13.161  1.00 76.38 ? 8   DC  B "C3'" 1 
ATOM   357 O "O3'" . DC  A 1 18 ? 13.218  18.030  14.254  1.00 78.97 ? 8   DC  B "O3'" 1 
ATOM   358 C "C2'" . DC  A 1 18 ? 13.153  20.125  12.978  1.00 72.53 ? 8   DC  B "C2'" 1 
ATOM   359 C "C1'" . DC  A 1 18 ? 14.480  19.944  12.228  1.00 67.02 ? 8   DC  B "C1'" 1 
ATOM   360 N N1    . DC  A 1 18 ? 14.832  21.184  11.507  1.00 61.49 ? 8   DC  B N1    1 
ATOM   361 C C2    . DC  A 1 18 ? 16.161  21.481  11.168  1.00 58.43 ? 8   DC  B C2    1 
ATOM   362 O O2    . DC  A 1 18 ? 17.104  20.747  11.424  1.00 54.68 ? 8   DC  B O2    1 
ATOM   363 N N3    . DC  A 1 18 ? 16.430  22.660  10.526  1.00 56.59 ? 8   DC  B N3    1 
ATOM   364 C C4    . DC  A 1 18 ? 15.437  23.523  10.216  1.00 57.43 ? 8   DC  B C4    1 
ATOM   365 N N4    . DC  A 1 18 ? 15.684  24.669  9.585   1.00 55.22 ? 8   DC  B N4    1 
ATOM   366 C C5    . DC  A 1 18 ? 14.076  23.232  10.552  1.00 59.02 ? 8   DC  B C5    1 
ATOM   367 C C6    . DC  A 1 18 ? 13.833  22.060  11.180  1.00 60.69 ? 8   DC  B C6    1 
ATOM   368 P P     . DC  A 1 19 ? 13.367  18.436  15.868  1.00 80.32 ? 9   DC  B P     1 
ATOM   369 O OP1   . DC  A 1 19 ? 12.095  18.059  16.571  1.00 79.72 ? 9   DC  B OP1   1 
ATOM   370 O OP2   . DC  A 1 19 ? 13.869  19.840  15.991  1.00 76.16 ? 9   DC  B OP2   1 
ATOM   371 O "O5'" . DC  A 1 19 ? 14.559  17.330  16.299  1.00 77.46 ? 9   DC  B "O5'" 1 
ATOM   372 C "C5'" . DC  A 1 19 ? 15.561  17.595  17.301  1.00 74.74 ? 9   DC  B "C5'" 1 
ATOM   373 C "C4'" . DC  A 1 19 ? 16.906  18.093  16.738  1.00 73.26 ? 9   DC  B "C4'" 1 
ATOM   374 O "O4'" . DC  A 1 19 ? 16.745  18.830  15.514  1.00 72.11 ? 9   DC  B "O4'" 1 
ATOM   375 C "C3'" . DC  A 1 19 ? 17.542  19.094  17.729  1.00 73.77 ? 9   DC  B "C3'" 1 
ATOM   376 O "O3'" . DC  A 1 19 ? 18.312  18.461  18.763  1.00 75.33 ? 9   DC  B "O3'" 1 
ATOM   377 C "C2'" . DC  A 1 19 ? 18.382  19.981  16.847  1.00 72.62 ? 9   DC  B "C2'" 1 
ATOM   378 C "C1'" . DC  A 1 19 ? 17.779  19.837  15.448  1.00 71.37 ? 9   DC  B "C1'" 1 
ATOM   379 N N1    . DC  A 1 19 ? 17.251  21.138  14.928  1.00 70.64 ? 9   DC  B N1    1 
ATOM   380 C C2    . DC  A 1 19 ? 18.136  22.012  14.273  1.00 67.74 ? 9   DC  B C2    1 
ATOM   381 O O2    . DC  A 1 19 ? 19.318  21.737  14.128  1.00 64.30 ? 9   DC  B O2    1 
ATOM   382 N N3    . DC  A 1 19 ? 17.671  23.194  13.790  1.00 64.61 ? 9   DC  B N3    1 
ATOM   383 C C4    . DC  A 1 19 ? 16.372  23.508  13.955  1.00 67.72 ? 9   DC  B C4    1 
ATOM   384 N N4    . DC  A 1 19 ? 15.927  24.665  13.482  1.00 69.09 ? 9   DC  B N4    1 
ATOM   385 C C5    . DC  A 1 19 ? 15.435  22.638  14.617  1.00 67.79 ? 9   DC  B C5    1 
ATOM   386 C C6    . DC  A 1 19 ? 15.923  21.472  15.084  1.00 69.53 ? 9   DC  B C6    1 
ATOM   387 N N     . ALA B 2 11 ? 31.759  17.216  -6.580  1.00 61.77 ? 229 ALA A N     1 
ATOM   388 C CA    . ALA B 2 11 ? 31.706  17.855  -5.235  1.00 61.06 ? 229 ALA A CA    1 
ATOM   389 C C     . ALA B 2 11 ? 31.142  16.859  -4.224  1.00 59.88 ? 229 ALA A C     1 
ATOM   390 O O     . ALA B 2 11 ? 30.528  15.864  -4.606  1.00 59.19 ? 229 ALA A O     1 
ATOM   391 C CB    . ALA B 2 11 ? 30.848  19.127  -5.275  1.00 58.74 ? 229 ALA A CB    1 
ATOM   392 N N     . LEU B 2 12 ? 31.336  17.160  -2.941  1.00 58.68 ? 230 LEU A N     1 
ATOM   393 C CA    . LEU B 2 12 ? 30.882  16.316  -1.841  1.00 56.53 ? 230 LEU A CA    1 
ATOM   394 C C     . LEU B 2 12 ? 29.398  16.403  -1.493  1.00 53.67 ? 230 LEU A C     1 
ATOM   395 O O     . LEU B 2 12 ? 28.762  15.373  -1.247  1.00 55.13 ? 230 LEU A O     1 
ATOM   396 C CB    . LEU B 2 12 ? 31.737  16.586  -0.601  1.00 59.17 ? 230 LEU A CB    1 
ATOM   397 C CG    . LEU B 2 12 ? 33.032  15.774  -0.465  1.00 60.56 ? 230 LEU A CG    1 
ATOM   398 C CD1   . LEU B 2 12 ? 33.741  15.616  -1.801  1.00 56.68 ? 230 LEU A CD1   1 
ATOM   399 C CD2   . LEU B 2 12 ? 33.933  16.439  0.571   1.00 63.15 ? 230 LEU A CD2   1 
ATOM   400 N N     . LYS B 2 13 ? 28.849  17.615  -1.432  1.00 50.96 ? 231 LYS A N     1 
ATOM   401 C CA    . LYS B 2 13 ? 27.425  17.779  -1.128  1.00 45.92 ? 231 LYS A CA    1 
ATOM   402 C C     . LYS B 2 13 ? 26.596  17.127  -2.232  1.00 38.45 ? 231 LYS A C     1 
ATOM   403 O O     . LYS B 2 13 ? 25.527  16.601  -1.980  1.00 37.77 ? 231 LYS A O     1 
ATOM   404 C CB    . LYS B 2 13 ? 27.045  19.258  -0.993  1.00 47.59 ? 231 LYS A CB    1 
ATOM   405 C CG    . LYS B 2 13 ? 27.358  20.098  -2.220  0.50 49.61 ? 231 LYS A CG    1 
ATOM   406 C CD    . LYS B 2 13 ? 26.520  21.367  -2.264  0.50 48.66 ? 231 LYS A CD    1 
ATOM   407 C CE    . LYS B 2 13 ? 26.861  22.205  -3.489  0.50 48.60 ? 231 LYS A CE    1 
ATOM   408 N NZ    . LYS B 2 13 ? 26.749  21.442  -4.767  0.50 43.12 ? 231 LYS A NZ    1 
ATOM   409 N N     . ARG B 2 14 ? 27.102  17.155  -3.456  1.00 35.56 ? 232 ARG A N     1 
ATOM   410 C CA    . ARG B 2 14 ? 26.396  16.538  -4.563  1.00 39.96 ? 232 ARG A CA    1 
ATOM   411 C C     . ARG B 2 14 ? 26.366  15.016  -4.382  1.00 41.71 ? 232 ARG A C     1 
ATOM   412 O O     . ARG B 2 14 ? 25.313  14.382  -4.519  1.00 43.88 ? 232 ARG A O     1 
ATOM   413 C CB    . ARG B 2 14 ? 27.047  16.918  -5.895  1.00 42.42 ? 232 ARG A CB    1 
ATOM   414 C CG    . ARG B 2 14 ? 27.025  18.413  -6.176  1.00 47.65 ? 232 ARG A CG    1 
ATOM   415 C CD    . ARG B 2 14 ? 27.230  18.725  -7.645  1.00 53.76 ? 232 ARG A CD    1 
ATOM   416 N NE    . ARG B 2 14 ? 28.436  18.095  -8.172  1.00 65.47 ? 232 ARG A NE    1 
ATOM   417 C CZ    . ARG B 2 14 ? 28.543  17.602  -9.405  1.00 72.34 ? 232 ARG A CZ    1 
ATOM   418 N NH1   . ARG B 2 14 ? 27.511  17.668  -10.242 1.00 73.64 ? 232 ARG A NH1   1 
ATOM   419 N NH2   . ARG B 2 14 ? 29.680  17.031  -9.802  1.00 72.78 ? 232 ARG A NH2   1 
ATOM   420 N N     . ALA B 2 15 ? 27.514  14.445  -4.021  1.00 40.97 ? 233 ALA A N     1 
ATOM   421 C CA    . ALA B 2 15 ? 27.643  13.009  -3.808  1.00 34.50 ? 233 ALA A CA    1 
ATOM   422 C C     . ALA B 2 15 ? 26.653  12.523  -2.771  1.00 31.37 ? 233 ALA A C     1 
ATOM   423 O O     . ALA B 2 15 ? 25.988  11.508  -2.973  1.00 32.87 ? 233 ALA A O     1 
ATOM   424 C CB    . ALA B 2 15 ? 29.054  12.665  -3.381  1.00 36.69 ? 233 ALA A CB    1 
ATOM   425 N N     . ARG B 2 16 ? 26.559  13.246  -1.660  1.00 28.78 ? 234 ARG A N     1 
ATOM   426 C CA    . ARG B 2 16 ? 25.629  12.886  -0.594  1.00 32.08 ? 234 ARG A CA    1 
ATOM   427 C C     . ARG B 2 16 ? 24.172  12.987  -1.051  1.00 32.05 ? 234 ARG A C     1 
ATOM   428 O O     . ARG B 2 16 ? 23.360  12.099  -0.752  1.00 34.03 ? 234 ARG A O     1 
ATOM   429 C CB    . ARG B 2 16 ? 25.834  13.768  0.644   1.00 33.37 ? 234 ARG A CB    1 
ATOM   430 C CG    . ARG B 2 16 ? 27.199  13.628  1.293   1.00 45.36 ? 234 ARG A CG    1 
ATOM   431 C CD    . ARG B 2 16 ? 27.202  14.114  2.742   1.00 48.37 ? 234 ARG A CD    1 
ATOM   432 N NE    . ARG B 2 16 ? 26.259  13.376  3.585   1.00 50.34 ? 234 ARG A NE    1 
ATOM   433 C CZ    . ARG B 2 16 ? 26.479  12.166  4.087   1.00 54.49 ? 234 ARG A CZ    1 
ATOM   434 N NH1   . ARG B 2 16 ? 27.616  11.533  3.839   1.00 57.96 ? 234 ARG A NH1   1 
ATOM   435 N NH2   . ARG B 2 16 ? 25.553  11.582  4.840   1.00 56.58 ? 234 ARG A NH2   1 
ATOM   436 N N     . ASN B 2 17 ? 23.850  14.047  -1.798  1.00 30.84 ? 235 ASN A N     1 
ATOM   437 C CA    . ASN B 2 17 ? 22.488  14.261  -2.284  1.00 29.17 ? 235 ASN A CA    1 
ATOM   438 C C     . ASN B 2 17 ? 22.093  13.188  -3.276  1.00 24.29 ? 235 ASN A C     1 
ATOM   439 O O     . ASN B 2 17 ? 20.946  12.750  -3.293  1.00 29.82 ? 235 ASN A O     1 
ATOM   440 C CB    . ASN B 2 17 ? 22.312  15.657  -2.897  1.00 28.69 ? 235 ASN A CB    1 
ATOM   441 C CG    . ASN B 2 17 ? 20.870  15.936  -3.315  1.00 26.68 ? 235 ASN A CG    1 
ATOM   442 O OD1   . ASN B 2 17 ? 20.572  16.093  -4.504  1.00 28.43 ? 235 ASN A OD1   1 
ATOM   443 N ND2   . ASN B 2 17 ? 19.969  15.989  -2.344  1.00 22.08 ? 235 ASN A ND2   1 
ATOM   444 N N     . THR B 2 18 ? 23.047  12.724  -4.072  1.00 24.56 ? 236 THR A N     1 
ATOM   445 C CA    . THR B 2 18 ? 22.775  11.664  -5.043  1.00 25.51 ? 236 THR A CA    1 
ATOM   446 C C     . THR B 2 18 ? 22.332  10.363  -4.346  1.00 25.72 ? 236 THR A C     1 
ATOM   447 O O     . THR B 2 18 ? 21.488  9.620   -4.860  1.00 24.25 ? 236 THR A O     1 
ATOM   448 C CB    . THR B 2 18 ? 23.987  11.434  -5.944  1.00 21.98 ? 236 THR A CB    1 
ATOM   449 O OG1   . THR B 2 18 ? 24.273  12.651  -6.627  1.00 29.98 ? 236 THR A OG1   1 
ATOM   450 C CG2   . THR B 2 18 ? 23.720  10.362  -6.980  1.00 27.12 ? 236 THR A CG2   1 
ATOM   451 N N     . GLU B 2 19 ? 22.857  10.131  -3.144  1.00 27.78 ? 237 GLU A N     1 
ATOM   452 C CA    . GLU B 2 19 ? 22.496  8.944   -2.380  1.00 25.16 ? 237 GLU A CA    1 
ATOM   453 C C     . GLU B 2 19 ? 21.216  9.188   -1.619  1.00 20.89 ? 237 GLU A C     1 
ATOM   454 O O     . GLU B 2 19 ? 20.400  8.282   -1.476  1.00 23.91 ? 237 GLU A O     1 
ATOM   455 C CB    . GLU B 2 19 ? 23.618  8.530   -1.422  1.00 27.59 ? 237 GLU A CB    1 
ATOM   456 C CG    . GLU B 2 19 ? 24.804  7.886   -2.112  1.00 24.60 ? 237 GLU A CG    1 
ATOM   457 C CD    . GLU B 2 19 ? 24.385  6.837   -3.122  1.00 25.05 ? 237 GLU A CD    1 
ATOM   458 O OE1   . GLU B 2 19 ? 23.701  5.870   -2.745  1.00 29.46 ? 237 GLU A OE1   1 
ATOM   459 O OE2   . GLU B 2 19 ? 24.716  6.993   -4.308  1.00 29.88 ? 237 GLU A OE2   1 
ATOM   460 N N     . ALA B 2 20 ? 21.031  10.412  -1.134  1.00 21.91 ? 238 ALA A N     1 
ATOM   461 C CA    . ALA B 2 20 ? 19.807  10.744  -0.404  1.00 24.70 ? 238 ALA A CA    1 
ATOM   462 C C     . ALA B 2 20 ? 18.611  10.590  -1.346  1.00 24.10 ? 238 ALA A C     1 
ATOM   463 O O     . ALA B 2 20 ? 17.532  10.169  -0.919  1.00 26.21 ? 238 ALA A O     1 
ATOM   464 C CB    . ALA B 2 20 ? 19.876  12.157  0.158   1.00 22.64 ? 238 ALA A CB    1 
ATOM   465 N N     . ALA B 2 21 ? 18.816  10.927  -2.623  1.00 20.94 ? 239 ALA A N     1 
ATOM   466 C CA    . ALA B 2 21 ? 17.777  10.796  -3.649  1.00 20.86 ? 239 ALA A CA    1 
ATOM   467 C C     . ALA B 2 21 ? 17.501  9.318   -3.903  1.00 17.91 ? 239 ALA A C     1 
ATOM   468 O O     . ALA B 2 21 ? 16.351  8.911   -3.993  1.00 23.27 ? 239 ALA A O     1 
ATOM   469 C CB    . ALA B 2 21 ? 18.197  11.482  -4.940  1.00 16.11 ? 239 ALA A CB    1 
ATOM   470 N N     . ARG B 2 22 ? 18.554  8.507   -3.965  1.00 22.62 ? 240 ARG A N     1 
ATOM   471 C CA    . ARG B 2 22 ? 18.423  7.059   -4.188  1.00 21.48 ? 240 ARG A CA    1 
ATOM   472 C C     . ARG B 2 22 ? 17.576  6.405   -3.074  1.00 19.54 ? 240 ARG A C     1 
ATOM   473 O O     . ARG B 2 22 ? 16.649  5.630   -3.346  1.00 21.32 ? 240 ARG A O     1 
ATOM   474 C CB    . ARG B 2 22 ? 19.814  6.415   -4.250  1.00 22.15 ? 240 ARG A CB    1 
ATOM   475 C CG    . ARG B 2 22 ? 19.873  5.122   -5.042  1.00 25.38 ? 240 ARG A CG    1 
ATOM   476 C CD    . ARG B 2 22 ? 21.216  4.374   -4.878  1.00 24.63 ? 240 ARG A CD    1 
ATOM   477 N NE    . ARG B 2 22 ? 22.367  5.168   -5.287  1.00 27.69 ? 240 ARG A NE    1 
ATOM   478 C CZ    . ARG B 2 22 ? 22.606  5.560   -6.535  1.00 29.10 ? 240 ARG A CZ    1 
ATOM   479 N NH1   . ARG B 2 22 ? 21.779  5.221   -7.514  1.00 29.02 ? 240 ARG A NH1   1 
ATOM   480 N NH2   . ARG B 2 22 ? 23.648  6.336   -6.797  1.00 27.44 ? 240 ARG A NH2   1 
ATOM   481 N N     . ARG B 2 23 ? 17.883  6.742   -1.823  1.00 22.10 ? 241 ARG A N     1 
ATOM   482 C CA    . ARG B 2 23 ? 17.147  6.211   -0.675  1.00 22.19 ? 241 ARG A CA    1 
ATOM   483 C C     . ARG B 2 23 ? 15.696  6.675   -0.673  1.00 24.03 ? 241 ARG A C     1 
ATOM   484 O O     . ARG B 2 23 ? 14.796  5.896   -0.350  1.00 25.44 ? 241 ARG A O     1 
ATOM   485 C CB    . ARG B 2 23 ? 17.819  6.633   0.631   1.00 20.10 ? 241 ARG A CB    1 
ATOM   486 C CG    . ARG B 2 23 ? 19.255  6.174   0.734   1.00 26.46 ? 241 ARG A CG    1 
ATOM   487 C CD    . ARG B 2 23 ? 19.786  6.303   2.147   1.00 30.41 ? 241 ARG A CD    1 
ATOM   488 N NE    . ARG B 2 23 ? 19.940  7.694   2.569   1.00 33.12 ? 241 ARG A NE    1 
ATOM   489 C CZ    . ARG B 2 23 ? 21.077  8.380   2.480   1.00 32.79 ? 241 ARG A CZ    1 
ATOM   490 N NH1   . ARG B 2 23 ? 22.171  7.814   1.971   1.00 27.64 ? 241 ARG A NH1   1 
ATOM   491 N NH2   . ARG B 2 23 ? 21.134  9.621   2.943   1.00 32.60 ? 241 ARG A NH2   1 
ATOM   492 N N     . SER B 2 24 ? 15.479  7.944   -1.031  1.00 27.23 ? 242 SER A N     1 
ATOM   493 C CA    . SER B 2 24 ? 14.142  8.545   -1.090  1.00 24.50 ? 242 SER A CA    1 
ATOM   494 C C     . SER B 2 24 ? 13.269  7.861   -2.147  1.00 25.77 ? 242 SER A C     1 
ATOM   495 O O     . SER B 2 24 ? 12.102  7.544   -1.877  1.00 30.22 ? 242 SER A O     1 
ATOM   496 C CB    . SER B 2 24 ? 14.246  10.049  -1.372  1.00 29.54 ? 242 SER A CB    1 
ATOM   497 O OG    . SER B 2 24 ? 13.026  10.721  -1.111  1.00 27.15 ? 242 SER A OG    1 
ATOM   498 N N     . ARG B 2 25 ? 13.822  7.622   -3.339  1.00 21.30 ? 243 ARG A N     1 
ATOM   499 C CA    . ARG B 2 25 ? 13.076  6.946   -4.402  1.00 21.49 ? 243 ARG A CA    1 
ATOM   500 C C     . ARG B 2 25 ? 12.666  5.546   -3.961  1.00 23.33 ? 243 ARG A C     1 
ATOM   501 O O     . ARG B 2 25 ? 11.555  5.081   -4.232  1.00 21.40 ? 243 ARG A O     1 
ATOM   502 C CB    A ARG B 2 25 ? 13.930  6.781   -5.655  0.50 24.39 ? 243 ARG A CB    1 
ATOM   503 C CB    B ARG B 2 25 ? 13.903  6.883   -5.685  0.50 21.46 ? 243 ARG A CB    1 
ATOM   504 C CG    A ARG B 2 25 ? 14.440  8.038   -6.309  0.50 27.08 ? 243 ARG A CG    1 
ATOM   505 C CG    B ARG B 2 25 ? 14.127  8.239   -6.339  0.50 17.97 ? 243 ARG A CG    1 
ATOM   506 C CD    A ARG B 2 25 ? 15.186  7.640   -7.571  0.50 29.72 ? 243 ARG A CD    1 
ATOM   507 C CD    B ARG B 2 25 ? 14.681  8.092   -7.752  0.50 20.57 ? 243 ARG A CD    1 
ATOM   508 N NE    A ARG B 2 25 ? 16.152  8.644   -7.997  0.50 34.37 ? 243 ARG A NE    1 
ATOM   509 N NE    B ARG B 2 25 ? 16.031  7.533   -7.798  0.50 19.21 ? 243 ARG A NE    1 
ATOM   510 C CZ    A ARG B 2 25 ? 17.467  8.451   -8.042  0.50 38.16 ? 243 ARG A CZ    1 
ATOM   511 C CZ    B ARG B 2 25 ? 17.145  8.258   -7.870  0.50 22.85 ? 243 ARG A CZ    1 
ATOM   512 N NH1   A ARG B 2 25 ? 18.002  7.288   -7.688  0.50 36.69 ? 243 ARG A NH1   1 
ATOM   513 N NH1   B ARG B 2 25 ? 17.077  9.584   -7.897  0.50 17.31 ? 243 ARG A NH1   1 
ATOM   514 N NH2   A ARG B 2 25 ? 18.252  9.432   -8.443  0.50 37.75 ? 243 ARG A NH2   1 
ATOM   515 N NH2   B ARG B 2 25 ? 18.329  7.654   -7.941  0.50 17.70 ? 243 ARG A NH2   1 
ATOM   516 N N     . ALA B 2 26 ? 13.594  4.860   -3.310  1.00 28.41 ? 244 ALA A N     1 
ATOM   517 C CA    . ALA B 2 26 ? 13.357  3.514   -2.822  1.00 28.14 ? 244 ALA A CA    1 
ATOM   518 C C     . ALA B 2 26 ? 12.180  3.475   -1.845  1.00 30.36 ? 244 ALA A C     1 
ATOM   519 O O     . ALA B 2 26 ? 11.372  2.541   -1.877  1.00 32.38 ? 244 ALA A O     1 
ATOM   520 C CB    . ALA B 2 26 ? 14.620  2.971   -2.166  1.00 26.54 ? 244 ALA A CB    1 
ATOM   521 N N     . ARG B 2 27 ? 12.096  4.470   -0.965  1.00 30.83 ? 245 ARG A N     1 
ATOM   522 C CA    . ARG B 2 27 ? 10.999  4.538   -0.004  1.00 29.36 ? 245 ARG A CA    1 
ATOM   523 C C     . ARG B 2 27 ? 9.671   4.765   -0.723  1.00 29.79 ? 245 ARG A C     1 
ATOM   524 O O     . ARG B 2 27 ? 8.661   4.158   -0.372  1.00 29.58 ? 245 ARG A O     1 
ATOM   525 C CB    . ARG B 2 27 ? 11.234  5.649   1.013   1.00 30.82 ? 245 ARG A CB    1 
ATOM   526 C CG    . ARG B 2 27 ? 12.449  5.448   1.889   1.00 32.79 ? 245 ARG A CG    1 
ATOM   527 C CD    . ARG B 2 27 ? 12.601  6.580   2.891   1.00 33.45 ? 245 ARG A CD    1 
ATOM   528 N NE    . ARG B 2 27 ? 13.992  6.714   3.305   1.00 40.06 ? 245 ARG A NE    1 
ATOM   529 C CZ    . ARG B 2 27 ? 14.727  7.808   3.122   1.00 44.74 ? 245 ARG A CZ    1 
ATOM   530 N NH1   . ARG B 2 27 ? 14.204  8.881   2.542   1.00 37.62 ? 245 ARG A NH1   1 
ATOM   531 N NH2   . ARG B 2 27 ? 16.005  7.814   3.477   1.00 53.16 ? 245 ARG A NH2   1 
ATOM   532 N N     . LYS B 2 28 ? 9.675   5.624   -1.740  1.00 32.38 ? 246 LYS A N     1 
ATOM   533 C CA    . LYS B 2 28 ? 8.466   5.909   -2.509  1.00 33.08 ? 246 LYS A CA    1 
ATOM   534 C C     . LYS B 2 28 ? 7.969   4.683   -3.285  1.00 32.93 ? 246 LYS A C     1 
ATOM   535 O O     . LYS B 2 28 ? 6.766   4.542   -3.518  1.00 32.93 ? 246 LYS A O     1 
ATOM   536 C CB    . LYS B 2 28 ? 8.685   7.081   -3.478  1.00 33.25 ? 246 LYS A CB    1 
ATOM   537 C CG    . LYS B 2 28 ? 8.944   8.413   -2.802  1.00 44.64 ? 246 LYS A CG    1 
ATOM   538 C CD    . LYS B 2 28 ? 8.985   9.564   -3.806  1.00 53.26 ? 246 LYS A CD    1 
ATOM   539 C CE    . LYS B 2 28 ? 10.371  9.768   -4.438  1.00 58.39 ? 246 LYS A CE    1 
ATOM   540 N NZ    . LYS B 2 28 ? 11.329  10.463  -3.518  1.00 57.74 ? 246 LYS A NZ    1 
ATOM   541 N N     . LEU B 2 29 ? 8.886   3.816   -3.705  1.00 28.91 ? 247 LEU A N     1 
ATOM   542 C CA    . LEU B 2 29 ? 8.509   2.611   -4.441  1.00 29.11 ? 247 LEU A CA    1 
ATOM   543 C C     . LEU B 2 29 ? 7.858   1.577   -3.517  1.00 31.82 ? 247 LEU A C     1 
ATOM   544 O O     . LEU B 2 29 ? 6.911   0.890   -3.909  1.00 34.13 ? 247 LEU A O     1 
ATOM   545 C CB    . LEU B 2 29 ? 9.726   1.994   -5.121  1.00 33.43 ? 247 LEU A CB    1 
ATOM   546 C CG    . LEU B 2 29 ? 9.507   1.313   -6.474  1.00 33.28 ? 247 LEU A CG    1 
ATOM   547 C CD1   . LEU B 2 29 ? 10.807  0.677   -6.903  1.00 41.52 ? 247 LEU A CD1   1 
ATOM   548 C CD2   . LEU B 2 29 ? 8.417   0.272   -6.408  1.00 32.76 ? 247 LEU A CD2   1 
ATOM   549 N N     . GLN B 2 30 ? 8.363   1.466   -2.293  1.00 32.96 ? 248 GLN A N     1 
ATOM   550 C CA    . GLN B 2 30 ? 7.807   0.525   -1.335  1.00 36.66 ? 248 GLN A CA    1 
ATOM   551 C C     . GLN B 2 30 ? 6.463   1.027   -0.798  1.00 35.00 ? 248 GLN A C     1 
ATOM   552 O O     . GLN B 2 30 ? 5.548   0.235   -0.552  1.00 34.38 ? 248 GLN A O     1 
ATOM   553 C CB    . GLN B 2 30 ? 8.783   0.264   -0.184  1.00 47.93 ? 248 GLN A CB    1 
ATOM   554 C CG    . GLN B 2 30 ? 8.978   1.443   0.756   1.00 61.64 ? 248 GLN A CG    1 
ATOM   555 C CD    . GLN B 2 30 ? 9.714   1.074   2.034   1.00 67.40 ? 248 GLN A CD    1 
ATOM   556 O OE1   . GLN B 2 30 ? 9.307   1.475   3.129   1.00 71.39 ? 248 GLN A OE1   1 
ATOM   557 N NE2   . GLN B 2 30 ? 10.805  0.320   1.904   1.00 64.32 ? 248 GLN A NE2   1 
ATOM   558 N N     . ARG B 2 31 ? 6.352   2.338   -0.597  1.00 31.49 ? 249 ARG A N     1 
ATOM   559 C CA    . ARG B 2 31 ? 5.106   2.930   -0.114  1.00 31.89 ? 249 ARG A CA    1 
ATOM   560 C C     . ARG B 2 31 ? 3.978   2.656   -1.106  1.00 27.88 ? 249 ARG A C     1 
ATOM   561 O O     . ARG B 2 31 ? 2.882   2.282   -0.705  1.00 28.65 ? 249 ARG A O     1 
ATOM   562 C CB    . ARG B 2 31 ? 5.267   4.438   0.111   1.00 34.39 ? 249 ARG A CB    1 
ATOM   563 C CG    . ARG B 2 31 ? 6.122   4.798   1.324   1.00 46.52 ? 249 ARG A CG    1 
ATOM   564 C CD    . ARG B 2 31 ? 6.245   6.318   1.513   1.00 56.14 ? 249 ARG A CD    1 
ATOM   565 N NE    . ARG B 2 31 ? 7.563   6.838   1.142   1.00 59.60 ? 249 ARG A NE    1 
ATOM   566 C CZ    . ARG B 2 31 ? 7.785   8.047   0.627   1.00 58.69 ? 249 ARG A CZ    1 
ATOM   567 N NH1   . ARG B 2 31 ? 6.780   8.883   0.404   1.00 58.53 ? 249 ARG A NH1   1 
ATOM   568 N NH2   . ARG B 2 31 ? 9.025   8.429   0.347   1.00 63.15 ? 249 ARG A NH2   1 
ATOM   569 N N     . MET B 2 32 ? 4.272   2.802   -2.395  1.00 24.94 ? 250 MET A N     1 
ATOM   570 C CA    . MET B 2 32 ? 3.306   2.558   -3.452  1.00 24.54 ? 250 MET A CA    1 
ATOM   571 C C     . MET B 2 32 ? 2.812   1.114   -3.400  1.00 31.22 ? 250 MET A C     1 
ATOM   572 O O     . MET B 2 32 ? 1.602   0.862   -3.431  1.00 30.50 ? 250 MET A O     1 
ATOM   573 C CB    A MET B 2 32 ? 3.922   2.834   -4.823  0.50 26.40 ? 250 MET A CB    1 
ATOM   574 C CB    B MET B 2 32 ? 3.964   2.817   -4.799  0.50 29.12 ? 250 MET A CB    1 
ATOM   575 C CG    A MET B 2 32 ? 2.935   2.778   -5.972  0.50 27.79 ? 250 MET A CG    1 
ATOM   576 C CG    B MET B 2 32 ? 3.047   2.621   -5.973  0.50 33.16 ? 250 MET A CG    1 
ATOM   577 S SD    A MET B 2 32 ? 1.641   4.038   -5.883  0.50 35.90 ? 250 MET A SD    1 
ATOM   578 S SD    B MET B 2 32 ? 3.982   2.211   -7.451  0.50 47.85 ? 250 MET A SD    1 
ATOM   579 C CE    A MET B 2 32 ? 0.766   3.733   -7.388  0.50 31.87 ? 250 MET A CE    1 
ATOM   580 C CE    B MET B 2 32 ? 5.131   3.587   -7.525  0.50 38.70 ? 250 MET A CE    1 
ATOM   581 N N     . LYS B 2 33 ? 3.750   0.165   -3.332  1.00 33.62 ? 251 LYS A N     1 
ATOM   582 C CA    . LYS B 2 33 ? 3.420   -1.268  -3.273  1.00 33.31 ? 251 LYS A CA    1 
ATOM   583 C C     . LYS B 2 33 ? 2.611   -1.623  -2.034  1.00 27.11 ? 251 LYS A C     1 
ATOM   584 O O     . LYS B 2 33 ? 1.634   -2.363  -2.113  1.00 25.20 ? 251 LYS A O     1 
ATOM   585 C CB    . LYS B 2 33 ? 4.698   -2.117  -3.361  1.00 43.00 ? 251 LYS A CB    1 
ATOM   586 C CG    . LYS B 2 33 ? 5.341   -2.089  -4.748  1.00 49.89 ? 251 LYS A CG    1 
ATOM   587 C CD    . LYS B 2 33 ? 6.516   -3.044  -4.869  1.00 57.43 ? 251 LYS A CD    1 
ATOM   588 C CE    . LYS B 2 33 ? 7.687   -2.597  -4.008  1.00 65.63 ? 251 LYS A CE    1 
ATOM   589 N NZ    . LYS B 2 33 ? 8.933   -3.370  -4.293  1.00 72.28 ? 251 LYS A NZ    1 
ATOM   590 N N     . GLN B 2 34 ? 3.021   -1.071  -0.900  1.00 26.17 ? 252 GLN A N     1 
ATOM   591 C CA    . GLN B 2 34 ? 2.342   -1.262  0.364   1.00 29.65 ? 252 GLN A CA    1 
ATOM   592 C C     . GLN B 2 34 ? 0.884   -0.845  0.181   1.00 34.67 ? 252 GLN A C     1 
ATOM   593 O O     . GLN B 2 34 ? -0.046  -1.602  0.493   1.00 35.26 ? 252 GLN A O     1 
ATOM   594 C CB    . GLN B 2 34 ? 3.011   -0.375  1.415   1.00 40.22 ? 252 GLN A CB    1 
ATOM   595 C CG    . GLN B 2 34 ? 2.246   -0.188  2.725   1.00 55.81 ? 252 GLN A CG    1 
ATOM   596 C CD    . GLN B 2 34 ? 2.598   1.129   3.414   1.00 65.21 ? 252 GLN A CD    1 
ATOM   597 O OE1   . GLN B 2 34 ? 1.791   2.061   3.449   1.00 71.27 ? 252 GLN A OE1   1 
ATOM   598 N NE2   . GLN B 2 34 ? 3.815   1.219   3.941   1.00 68.43 ? 252 GLN A NE2   1 
ATOM   599 N N     . LEU B 2 35 ? 0.703   0.355   -0.363  1.00 37.96 ? 253 LEU A N     1 
ATOM   600 C CA    . LEU B 2 35 ? -0.613  0.937   -0.624  1.00 32.95 ? 253 LEU A CA    1 
ATOM   601 C C     . LEU B 2 35 ? -1.432  0.069   -1.581  1.00 30.53 ? 253 LEU A C     1 
ATOM   602 O O     . LEU B 2 35 ? -2.605  -0.186  -1.335  1.00 30.83 ? 253 LEU A O     1 
ATOM   603 C CB    . LEU B 2 35 ? -0.438  2.341   -1.210  1.00 34.41 ? 253 LEU A CB    1 
ATOM   604 C CG    . LEU B 2 35 ? -1.660  3.249   -1.275  1.00 40.51 ? 253 LEU A CG    1 
ATOM   605 C CD1   . LEU B 2 35 ? -2.203  3.421   0.124   1.00 41.41 ? 253 LEU A CD1   1 
ATOM   606 C CD2   . LEU B 2 35 ? -1.287  4.597   -1.873  1.00 38.34 ? 253 LEU A CD2   1 
ATOM   607 N N     . GLU B 2 36 ? -0.812  -0.406  -2.656  1.00 29.41 ? 254 GLU A N     1 
ATOM   608 C CA    . GLU B 2 36 ? -1.514  -1.248  -3.615  1.00 31.13 ? 254 GLU A CA    1 
ATOM   609 C C     . GLU B 2 36 ? -2.011  -2.547  -2.984  1.00 33.27 ? 254 GLU A C     1 
ATOM   610 O O     . GLU B 2 36 ? -3.105  -3.011  -3.311  1.00 32.31 ? 254 GLU A O     1 
ATOM   611 C CB    . GLU B 2 36 ? -0.628  -1.551  -4.817  1.00 34.52 ? 254 GLU A CB    1 
ATOM   612 C CG    . GLU B 2 36 ? -0.174  -0.310  -5.548  1.00 44.41 ? 254 GLU A CG    1 
ATOM   613 C CD    . GLU B 2 36 ? 0.654   -0.628  -6.765  1.00 49.62 ? 254 GLU A CD    1 
ATOM   614 O OE1   . GLU B 2 36 ? 0.053   -0.781  -7.848  1.00 57.49 ? 254 GLU A OE1   1 
ATOM   615 O OE2   . GLU B 2 36 ? 1.896   -0.728  -6.643  1.00 53.94 ? 254 GLU A OE2   1 
ATOM   616 N N     . ASP B 2 37 ? -1.212  -3.120  -2.079  1.00 33.34 ? 255 ASP A N     1 
ATOM   617 C CA    . ASP B 2 37 ? -1.573  -4.359  -1.384  1.00 32.54 ? 255 ASP A CA    1 
ATOM   618 C C     . ASP B 2 37 ? -2.775  -4.133  -0.473  1.00 33.65 ? 255 ASP A C     1 
ATOM   619 O O     . ASP B 2 37 ? -3.661  -4.990  -0.370  1.00 33.89 ? 255 ASP A O     1 
ATOM   620 C CB    . ASP B 2 37 ? -0.409  -4.880  -0.524  1.00 32.78 ? 255 ASP A CB    1 
ATOM   621 C CG    . ASP B 2 37 ? 0.659   -5.615  -1.333  1.00 29.75 ? 255 ASP A CG    1 
ATOM   622 O OD1   . ASP B 2 37 ? 0.365   -6.167  -2.416  1.00 25.92 ? 255 ASP A OD1   1 
ATOM   623 O OD2   . ASP B 2 37 ? 1.806   -5.648  -0.854  1.00 27.62 ? 255 ASP A OD2   1 
ATOM   624 N N     . LYS B 2 38 ? -2.781  -2.983  0.199   1.00 32.91 ? 256 LYS A N     1 
ATOM   625 C CA    . LYS B 2 38 ? -3.854  -2.611  1.118   1.00 30.58 ? 256 LYS A CA    1 
ATOM   626 C C     . LYS B 2 38 ? -5.212  -2.547  0.427   1.00 28.93 ? 256 LYS A C     1 
ATOM   627 O O     . LYS B 2 38 ? -6.216  -3.022  0.963   1.00 29.34 ? 256 LYS A O     1 
ATOM   628 C CB    . LYS B 2 38 ? -3.541  -1.268  1.772   1.00 30.23 ? 256 LYS A CB    1 
ATOM   629 C CG    . LYS B 2 38 ? -4.470  -0.893  2.909   1.00 37.76 ? 256 LYS A CG    1 
ATOM   630 C CD    . LYS B 2 38 ? -4.384  -1.891  4.053   1.00 46.30 ? 256 LYS A CD    1 
ATOM   631 C CE    . LYS B 2 38 ? -5.187  -1.419  5.250   1.00 51.02 ? 256 LYS A CE    1 
ATOM   632 N NZ    . LYS B 2 38 ? -4.749  -0.054  5.685   1.00 55.52 ? 256 LYS A NZ    1 
ATOM   633 N N     . VAL B 2 39 ? -5.236  -1.972  -0.769  1.00 28.55 ? 257 VAL A N     1 
ATOM   634 C CA    . VAL B 2 39 ? -6.470  -1.861  -1.537  1.00 31.77 ? 257 VAL A CA    1 
ATOM   635 C C     . VAL B 2 39 ? -6.961  -3.263  -1.877  1.00 31.72 ? 257 VAL A C     1 
ATOM   636 O O     . VAL B 2 39 ? -8.162  -3.534  -1.864  1.00 35.79 ? 257 VAL A O     1 
ATOM   637 C CB    . VAL B 2 39 ? -6.259  -1.050  -2.858  1.00 29.18 ? 257 VAL A CB    1 
ATOM   638 C CG1   . VAL B 2 39 ? -7.523  -1.079  -3.709  1.00 26.30 ? 257 VAL A CG1   1 
ATOM   639 C CG2   . VAL B 2 39 ? -5.894  0.394   -2.540  1.00 29.43 ? 257 VAL A CG2   1 
ATOM   640 N N     . GLU B 2 40 ? -6.020  -4.163  -2.142  1.00 31.42 ? 258 GLU A N     1 
ATOM   641 C CA    . GLU B 2 40 ? -6.338  -5.541  -2.494  1.00 30.17 ? 258 GLU A CA    1 
ATOM   642 C C     . GLU B 2 40 ? -6.920  -6.258  -1.278  1.00 26.46 ? 258 GLU A C     1 
ATOM   643 O O     . GLU B 2 40 ? -7.922  -6.967  -1.379  1.00 26.98 ? 258 GLU A O     1 
ATOM   644 C CB    . GLU B 2 40 ? -5.070  -6.250  -2.986  1.00 35.61 ? 258 GLU A CB    1 
ATOM   645 C CG    . GLU B 2 40 ? -5.322  -7.522  -3.787  1.00 48.69 ? 258 GLU A CG    1 
ATOM   646 C CD    . GLU B 2 40 ? -4.038  -8.240  -4.190  1.00 54.21 ? 258 GLU A CD    1 
ATOM   647 O OE1   . GLU B 2 40 ? -3.243  -7.648  -4.953  1.00 53.51 ? 258 GLU A OE1   1 
ATOM   648 O OE2   . GLU B 2 40 ? -3.834  -9.399  -3.751  1.00 50.36 ? 258 GLU A OE2   1 
ATOM   649 N N     . GLU B 2 41 ? -6.297  -6.031  -0.126  1.00 25.32 ? 259 GLU A N     1 
ATOM   650 C CA    . GLU B 2 41 ? -6.710  -6.622  1.136   1.00 22.89 ? 259 GLU A CA    1 
ATOM   651 C C     . GLU B 2 41 ? -8.102  -6.142  1.545   1.00 24.99 ? 259 GLU A C     1 
ATOM   652 O O     . GLU B 2 41 ? -8.952  -6.954  1.923   1.00 23.16 ? 259 GLU A O     1 
ATOM   653 C CB    . GLU B 2 41 ? -5.674  -6.271  2.205   1.00 25.70 ? 259 GLU A CB    1 
ATOM   654 C CG    . GLU B 2 41 ? -5.827  -6.996  3.522   1.00 38.83 ? 259 GLU A CG    1 
ATOM   655 C CD    . GLU B 2 41 ? -6.821  -6.337  4.452   1.00 48.96 ? 259 GLU A CD    1 
ATOM   656 O OE1   . GLU B 2 41 ? -6.489  -5.288  5.052   1.00 54.33 ? 259 GLU A OE1   1 
ATOM   657 O OE2   . GLU B 2 41 ? -7.941  -6.874  4.588   1.00 57.46 ? 259 GLU A OE2   1 
ATOM   658 N N     . LEU B 2 42 ? -8.334  -4.830  1.466   1.00 23.86 ? 260 LEU A N     1 
ATOM   659 C CA    . LEU B 2 42 ? -9.627  -4.234  1.826   1.00 22.30 ? 260 LEU A CA    1 
ATOM   660 C C     . LEU B 2 42 ? -10.744 -4.624  0.864   1.00 21.23 ? 260 LEU A C     1 
ATOM   661 O O     . LEU B 2 42 ? -11.879 -4.837  1.277   1.00 23.46 ? 260 LEU A O     1 
ATOM   662 C CB    . LEU B 2 42 ? -9.516  -2.705  1.947   1.00 19.89 ? 260 LEU A CB    1 
ATOM   663 C CG    . LEU B 2 42 ? -8.751  -2.194  3.170   1.00 16.31 ? 260 LEU A CG    1 
ATOM   664 C CD1   . LEU B 2 42 ? -8.440  -0.722  3.044   1.00 21.80 ? 260 LEU A CD1   1 
ATOM   665 C CD2   . LEU B 2 42 ? -9.553  -2.465  4.416   1.00 21.10 ? 260 LEU A CD2   1 
ATOM   666 N N     . LEU B 2 43 ? -10.431 -4.751  -0.414  1.00 19.06 ? 261 LEU A N     1 
ATOM   667 C CA    . LEU B 2 43 ? -11.437 -5.156  -1.378  1.00 24.28 ? 261 LEU A CA    1 
ATOM   668 C C     . LEU B 2 43 ? -11.979 -6.546  -1.007  1.00 28.50 ? 261 LEU A C     1 
ATOM   669 O O     . LEU B 2 43 ? -13.197 -6.774  -1.032  1.00 30.49 ? 261 LEU A O     1 
ATOM   670 C CB    . LEU B 2 43 ? -10.829 -5.158  -2.784  1.00 28.55 ? 261 LEU A CB    1 
ATOM   671 C CG    . LEU B 2 43 ? -11.346 -4.210  -3.878  1.00 26.74 ? 261 LEU A CG    1 
ATOM   672 C CD1   . LEU B 2 43 ? -12.024 -3.004  -3.321  1.00 28.17 ? 261 LEU A CD1   1 
ATOM   673 C CD2   . LEU B 2 43 ? -10.199 -3.787  -4.746  1.00 25.87 ? 261 LEU A CD2   1 
ATOM   674 N N     . SER B 2 44 ? -11.082 -7.455  -0.612  1.00 30.64 ? 262 SER A N     1 
ATOM   675 C CA    . SER B 2 44 ? -11.461 -8.822  -0.226  1.00 28.69 ? 262 SER A CA    1 
ATOM   676 C C     . SER B 2 44 ? -12.197 -8.870  1.111   1.00 25.06 ? 262 SER A C     1 
ATOM   677 O O     . SER B 2 44 ? -13.188 -9.589  1.265   1.00 24.35 ? 262 SER A O     1 
ATOM   678 C CB    . SER B 2 44 ? -10.235 -9.754  -0.187  1.00 35.33 ? 262 SER A CB    1 
ATOM   679 O OG    . SER B 2 44 ? -9.498  -9.643  1.027   1.00 46.49 ? 262 SER A OG    1 
ATOM   680 N N     . LYS B 2 45 ? -11.692 -8.139  2.096   1.00 21.08 ? 263 LYS A N     1 
ATOM   681 C CA    . LYS B 2 45 ? -12.338 -8.101  3.391   1.00 24.40 ? 263 LYS A CA    1 
ATOM   682 C C     . LYS B 2 45 ? -13.751 -7.545  3.194   1.00 24.13 ? 263 LYS A C     1 
ATOM   683 O O     . LYS B 2 45 ? -14.713 -8.054  3.758   1.00 28.50 ? 263 LYS A O     1 
ATOM   684 C CB    . LYS B 2 45 ? -11.538 -7.233  4.357   1.00 26.61 ? 263 LYS A CB    1 
ATOM   685 C CG    . LYS B 2 45 ? -11.966 -7.396  5.806   1.00 39.77 ? 263 LYS A CG    1 
ATOM   686 C CD    . LYS B 2 45 ? -10.954 -6.774  6.771   1.00 49.71 ? 263 LYS A CD    1 
ATOM   687 C CE    . LYS B 2 45 ? -9.698  -7.632  6.928   1.00 48.01 ? 263 LYS A CE    1 
ATOM   688 N NZ    . LYS B 2 45 ? -8.607  -6.898  7.631   1.00 44.29 ? 263 LYS A NZ    1 
ATOM   689 N N     . ASN B 2 46 ? -13.869 -6.537  2.335   1.00 25.53 ? 264 ASN A N     1 
ATOM   690 C CA    . ASN B 2 46 ? -15.147 -5.893  2.019   1.00 26.95 ? 264 ASN A CA    1 
ATOM   691 C C     . ASN B 2 46 ? -16.141 -6.906  1.465   1.00 28.04 ? 264 ASN A C     1 
ATOM   692 O O     . ASN B 2 46 ? -17.282 -6.966  1.928   1.00 29.57 ? 264 ASN A O     1 
ATOM   693 C CB    A ASN B 2 46 ? -14.924 -4.735  1.025   0.50 30.94 ? 264 ASN A CB    1 
ATOM   694 C CB    B ASN B 2 46 ? -14.928 -4.791  0.984   0.50 25.93 ? 264 ASN A CB    1 
ATOM   695 C CG    A ASN B 2 46 ? -16.219 -4.018  0.634   0.50 34.18 ? 264 ASN A CG    1 
ATOM   696 C CG    B ASN B 2 46 ? -15.212 -3.417  1.528   0.50 27.01 ? 264 ASN A CG    1 
ATOM   697 O OD1   A ASN B 2 46 ? -16.573 -3.960  -0.542  0.50 35.05 ? 264 ASN A OD1   1 
ATOM   698 O OD1   B ASN B 2 46 ? -14.873 -3.103  2.676   0.50 19.70 ? 264 ASN A OD1   1 
ATOM   699 N ND2   A ASN B 2 46 ? -16.895 -3.423  1.607   0.50 38.12 ? 264 ASN A ND2   1 
ATOM   700 N ND2   B ASN B 2 46 ? -15.843 -2.580  0.707   0.50 23.58 ? 264 ASN A ND2   1 
ATOM   701 N N     . TYR B 2 47 ? -15.699 -7.714  0.498   1.00 29.39 ? 265 TYR A N     1 
ATOM   702 C CA    . TYR B 2 47 ? -16.547 -8.729  -0.137  1.00 26.09 ? 265 TYR A CA    1 
ATOM   703 C C     . TYR B 2 47 ? -17.090 -9.751  0.851   1.00 26.52 ? 265 TYR A C     1 
ATOM   704 O O     . TYR B 2 47 ? -18.264 -10.121 0.802   1.00 28.03 ? 265 TYR A O     1 
ATOM   705 C CB    . TYR B 2 47 ? -15.787 -9.454  -1.253  1.00 37.11 ? 265 TYR A CB    1 
ATOM   706 C CG    . TYR B 2 47 ? -16.663 -10.362 -2.112  1.00 51.63 ? 265 TYR A CG    1 
ATOM   707 C CD1   . TYR B 2 47 ? -17.069 -11.627 -1.661  1.00 55.84 ? 265 TYR A CD1   1 
ATOM   708 C CD2   . TYR B 2 47 ? -17.087 -9.954  -3.379  1.00 53.51 ? 265 TYR A CD2   1 
ATOM   709 C CE1   . TYR B 2 47 ? -17.883 -12.452 -2.448  1.00 59.04 ? 265 TYR A CE1   1 
ATOM   710 C CE2   . TYR B 2 47 ? -17.897 -10.771 -4.170  1.00 58.33 ? 265 TYR A CE2   1 
ATOM   711 C CZ    . TYR B 2 47 ? -18.289 -12.017 -3.705  1.00 60.61 ? 265 TYR A CZ    1 
ATOM   712 O OH    . TYR B 2 47 ? -19.085 -12.820 -4.504  1.00 60.82 ? 265 TYR A OH    1 
ATOM   713 N N     . HIS B 2 48 ? -16.229 -10.243 1.728   1.00 31.26 ? 266 HIS A N     1 
ATOM   714 C CA    . HIS B 2 48 ? -16.645 -11.211 2.721   1.00 32.16 ? 266 HIS A CA    1 
ATOM   715 C C     . HIS B 2 48 ? -17.681 -10.620 3.688   1.00 31.04 ? 266 HIS A C     1 
ATOM   716 O O     . HIS B 2 48 ? -18.632 -11.305 4.068   1.00 31.74 ? 266 HIS A O     1 
ATOM   717 C CB    . HIS B 2 48 ? -15.428 -11.768 3.465   1.00 38.78 ? 266 HIS A CB    1 
ATOM   718 C CG    . HIS B 2 48 ? -14.485 -12.543 2.591   1.00 54.37 ? 266 HIS A CG    1 
ATOM   719 N ND1   . HIS B 2 48 ? -14.898 -13.270 1.494   1.00 56.84 ? 266 HIS A ND1   1 
ATOM   720 C CD2   . HIS B 2 48 ? -13.135 -12.715 2.657   1.00 57.33 ? 266 HIS A CD2   1 
ATOM   721 C CE1   . HIS B 2 48 ? -13.857 -13.856 0.927   1.00 53.73 ? 266 HIS A CE1   1 
ATOM   722 N NE2   . HIS B 2 48 ? -12.779 -13.532 1.617   1.00 53.96 ? 266 HIS A NE2   1 
ATOM   723 N N     . LEU B 2 49 ? -17.520 -9.356  4.075   1.00 27.49 ? 267 LEU A N     1 
ATOM   724 C CA    . LEU B 2 49 ? -18.478 -8.713  4.977   1.00 26.39 ? 267 LEU A CA    1 
ATOM   725 C C     . LEU B 2 49 ? -19.802 -8.445  4.264   1.00 28.71 ? 267 LEU A C     1 
ATOM   726 O O     . LEU B 2 49 ? -20.876 -8.653  4.822   1.00 30.67 ? 267 LEU A O     1 
ATOM   727 C CB    . LEU B 2 49 ? -17.930 -7.399  5.526   1.00 26.61 ? 267 LEU A CB    1 
ATOM   728 C CG    . LEU B 2 49 ? -16.764 -7.399  6.513   1.00 26.77 ? 267 LEU A CG    1 
ATOM   729 C CD1   . LEU B 2 49 ? -16.421 -5.966  6.858   1.00 29.06 ? 267 LEU A CD1   1 
ATOM   730 C CD2   . LEU B 2 49 ? -17.109 -8.168  7.771   1.00 25.55 ? 267 LEU A CD2   1 
ATOM   731 N N     . GLU B 2 50 ? -19.725 -7.999  3.016   1.00 33.97 ? 268 GLU A N     1 
ATOM   732 C CA    . GLU B 2 50 ? -20.919 -7.719  2.229   1.00 35.68 ? 268 GLU A CA    1 
ATOM   733 C C     . GLU B 2 50 ? -21.727 -8.999  2.060   1.00 39.18 ? 268 GLU A C     1 
ATOM   734 O O     . GLU B 2 50 ? -22.956 -9.000  2.166   1.00 41.44 ? 268 GLU A O     1 
ATOM   735 C CB    . GLU B 2 50 ? -20.530 -7.156  0.863   1.00 35.45 ? 268 GLU A CB    1 
ATOM   736 C CG    . GLU B 2 50 ? -21.630 -6.361  0.202   1.00 42.76 ? 268 GLU A CG    1 
ATOM   737 C CD    . GLU B 2 50 ? -21.944 -5.065  0.930   1.00 45.94 ? 268 GLU A CD    1 
ATOM   738 O OE1   . GLU B 2 50 ? -21.217 -4.075  0.713   1.00 44.88 ? 268 GLU A OE1   1 
ATOM   739 O OE2   . GLU B 2 50 ? -22.918 -5.030  1.714   1.00 48.77 ? 268 GLU A OE2   1 
ATOM   740 N N     . ASN B 2 51 ? -21.029 -10.102 1.835   1.00 41.77 ? 269 ASN A N     1 
ATOM   741 C CA    . ASN B 2 51 ? -21.674 -11.395 1.661   1.00 45.21 ? 269 ASN A CA    1 
ATOM   742 C C     . ASN B 2 51 ? -22.240 -11.857 3.007   1.00 46.57 ? 269 ASN A C     1 
ATOM   743 O O     . ASN B 2 51 ? -23.351 -12.395 3.087   1.00 44.72 ? 269 ASN A O     1 
ATOM   744 C CB    . ASN B 2 51 ? -20.652 -12.400 1.126   1.00 53.13 ? 269 ASN A CB    1 
ATOM   745 C CG    . ASN B 2 51 ? -21.269 -13.409 0.182   1.00 57.13 ? 269 ASN A CG    1 
ATOM   746 O OD1   . ASN B 2 51 ? -21.504 -14.563 0.557   1.00 63.82 ? 269 ASN A OD1   1 
ATOM   747 N ND2   . ASN B 2 51 ? -21.514 -12.992 -1.058  1.00 52.89 ? 269 ASN A ND2   1 
ATOM   748 N N     . GLU B 2 52 ? -21.471 -11.613 4.065   1.00 46.90 ? 270 GLU A N     1 
ATOM   749 C CA    . GLU B 2 52 ? -21.860 -11.961 5.426   1.00 42.88 ? 270 GLU A CA    1 
ATOM   750 C C     . GLU B 2 52 ? -23.143 -11.238 5.824   1.00 40.45 ? 270 GLU A C     1 
ATOM   751 O O     . GLU B 2 52 ? -24.040 -11.835 6.428   1.00 37.38 ? 270 GLU A O     1 
ATOM   752 C CB    . GLU B 2 52 ? -20.722 -11.616 6.397   1.00 43.74 ? 270 GLU A CB    1 
ATOM   753 C CG    . GLU B 2 52 ? -21.170 -11.341 7.821   1.00 48.79 ? 270 GLU A CG    1 
ATOM   754 C CD    . GLU B 2 52 ? -20.646 -12.345 8.821   1.00 51.86 ? 270 GLU A CD    1 
ATOM   755 O OE1   . GLU B 2 52 ? -21.322 -13.377 9.046   1.00 53.99 ? 270 GLU A OE1   1 
ATOM   756 O OE2   . GLU B 2 52 ? -19.569 -12.084 9.401   1.00 52.60 ? 270 GLU A OE2   1 
ATOM   757 N N     . VAL B 2 53 ? -23.233 -9.957  5.468   1.00 36.95 ? 271 VAL A N     1 
ATOM   758 C CA    . VAL B 2 53 ? -24.408 -9.149  5.784   1.00 38.04 ? 271 VAL A CA    1 
ATOM   759 C C     . VAL B 2 53 ? -25.654 -9.739  5.128   1.00 40.72 ? 271 VAL A C     1 
ATOM   760 O O     . VAL B 2 53 ? -26.683 -9.905  5.780   1.00 41.03 ? 271 VAL A O     1 
ATOM   761 C CB    . VAL B 2 53 ? -24.201 -7.653  5.382   1.00 33.65 ? 271 VAL A CB    1 
ATOM   762 C CG1   . VAL B 2 53 ? -25.529 -6.957  5.142   1.00 28.90 ? 271 VAL A CG1   1 
ATOM   763 C CG2   . VAL B 2 53 ? -23.458 -6.929  6.486   1.00 29.92 ? 271 VAL A CG2   1 
ATOM   764 N N     . ALA B 2 54 ? -25.539 -10.107 3.855   1.00 44.61 ? 272 ALA A N     1 
ATOM   765 C CA    . ALA B 2 54 ? -26.653 -10.696 3.121   1.00 42.60 ? 272 ALA A CA    1 
ATOM   766 C C     . ALA B 2 54 ? -27.151 -11.963 3.821   1.00 44.30 ? 272 ALA A C     1 
ATOM   767 O O     . ALA B 2 54 ? -28.359 -12.163 3.982   1.00 44.19 ? 272 ALA A O     1 
ATOM   768 C CB    . ALA B 2 54 ? -26.224 -11.013 1.698   1.00 42.92 ? 272 ALA A CB    1 
ATOM   769 N N     . ARG B 2 55 ? -26.209 -12.788 4.273   1.00 45.26 ? 273 ARG A N     1 
ATOM   770 C CA    . ARG B 2 55 ? -26.520 -14.039 4.953   1.00 44.32 ? 273 ARG A CA    1 
ATOM   771 C C     . ARG B 2 55 ? -27.265 -13.802 6.269   1.00 48.67 ? 273 ARG A C     1 
ATOM   772 O O     . ARG B 2 55 ? -28.377 -14.313 6.459   1.00 49.80 ? 273 ARG A O     1 
ATOM   773 C CB    A ARG B 2 55 ? -25.224 -14.807 5.233   0.50 41.27 ? 273 ARG A CB    1 
ATOM   774 C CB    B ARG B 2 55 ? -25.248 -14.864 5.170   0.50 44.10 ? 273 ARG A CB    1 
ATOM   775 C CG    A ARG B 2 55 ? -25.419 -16.251 5.682   0.50 41.02 ? 273 ARG A CG    1 
ATOM   776 C CG    B ARG B 2 55 ? -24.488 -15.150 3.871   0.50 46.46 ? 273 ARG A CG    1 
ATOM   777 C CD    A ARG B 2 55 ? -24.087 -16.934 6.019   0.50 36.12 ? 273 ARG A CD    1 
ATOM   778 C CD    B ARG B 2 55 ? -23.477 -16.290 4.004   0.50 47.84 ? 273 ARG A CD    1 
ATOM   779 N NE    A ARG B 2 55 ? -23.661 -16.671 7.391   0.50 32.09 ? 273 ARG A NE    1 
ATOM   780 N NE    B ARG B 2 55 ? -22.405 -16.015 4.962   0.50 45.61 ? 273 ARG A NE    1 
ATOM   781 C CZ    A ARG B 2 55 ? -23.791 -17.535 8.395   0.50 30.95 ? 273 ARG A CZ    1 
ATOM   782 C CZ    B ARG B 2 55 ? -21.236 -15.465 4.646   0.50 44.72 ? 273 ARG A CZ    1 
ATOM   783 N NH1   A ARG B 2 55 ? -24.327 -18.733 8.191   0.50 27.45 ? 273 ARG A NH1   1 
ATOM   784 N NH1   B ARG B 2 55 ? -20.973 -15.117 3.392   0.50 43.36 ? 273 ARG A NH1   1 
ATOM   785 N NH2   A ARG B 2 55 ? -23.421 -17.185 9.618   0.50 31.44 ? 273 ARG A NH2   1 
ATOM   786 N NH2   B ARG B 2 55 ? -20.321 -15.275 5.587   0.50 39.65 ? 273 ARG A NH2   1 
ATOM   787 N N     . LEU B 2 56 ? -26.675 -13.008 7.162   1.00 51.46 ? 274 LEU A N     1 
ATOM   788 C CA    . LEU B 2 56 ? -27.289 -12.701 8.456   1.00 51.82 ? 274 LEU A CA    1 
ATOM   789 C C     . LEU B 2 56 ? -28.630 -12.012 8.273   1.00 55.45 ? 274 LEU A C     1 
ATOM   790 O O     . LEU B 2 56 ? -29.544 -12.206 9.066   1.00 57.15 ? 274 LEU A O     1 
ATOM   791 C CB    . LEU B 2 56 ? -26.377 -11.813 9.298   1.00 51.30 ? 274 LEU A CB    1 
ATOM   792 C CG    . LEU B 2 56 ? -25.234 -12.476 10.070  1.00 52.76 ? 274 LEU A CG    1 
ATOM   793 C CD1   . LEU B 2 56 ? -24.225 -11.419 10.492  1.00 51.66 ? 274 LEU A CD1   1 
ATOM   794 C CD2   . LEU B 2 56 ? -25.776 -13.221 11.275  1.00 48.66 ? 274 LEU A CD2   1 
ATOM   795 N N     . LYS B 2 57 ? -28.735 -11.193 7.234   1.00 58.31 ? 275 LYS A N     1 
ATOM   796 C CA    . LYS B 2 57 ? -29.972 -10.491 6.940   1.00 58.92 ? 275 LYS A CA    1 
ATOM   797 C C     . LYS B 2 57 ? -31.059 -11.546 6.779   1.00 62.70 ? 275 LYS A C     1 
ATOM   798 O O     . LYS B 2 57 ? -32.087 -11.484 7.452   1.00 66.23 ? 275 LYS A O     1 
ATOM   799 C CB    . LYS B 2 57 ? -29.835 -9.700  5.640   1.00 59.02 ? 275 LYS A CB    1 
ATOM   800 C CG    . LYS B 2 57 ? -30.393 -8.297  5.698   1.00 63.27 ? 275 LYS A CG    1 
ATOM   801 C CD    . LYS B 2 57 ? -29.572 -7.424  6.627   1.00 67.14 ? 275 LYS A CD    1 
ATOM   802 C CE    . LYS B 2 57 ? -30.138 -6.009  6.714   1.00 76.24 ? 275 LYS A CE    1 
ATOM   803 N NZ    . LYS B 2 57 ? -29.340 -5.107  7.612   1.00 78.46 ? 275 LYS A NZ    1 
ATOM   804 N N     . LYS B 2 58 ? -30.805 -12.535 5.922   1.00 64.79 ? 276 LYS A N     1 
ATOM   805 C CA    . LYS B 2 58 ? -31.763 -13.615 5.668   1.00 65.76 ? 276 LYS A CA    1 
ATOM   806 C C     . LYS B 2 58 ? -32.125 -14.371 6.950   1.00 66.59 ? 276 LYS A C     1 
ATOM   807 O O     . LYS B 2 58 ? -33.302 -14.456 7.327   1.00 65.36 ? 276 LYS A O     1 
ATOM   808 C CB    . LYS B 2 58 ? -31.212 -14.583 4.619   1.00 62.50 ? 276 LYS A CB    1 
ATOM   809 N N     . LEU B 2 59 ? -31.112 -14.939 7.599   1.00 66.99 ? 277 LEU A N     1 
ATOM   810 C CA    . LEU B 2 59 ? -31.314 -15.678 8.836   1.00 66.22 ? 277 LEU A CA    1 
ATOM   811 C C     . LEU B 2 59 ? -31.569 -14.692 9.976   1.00 68.17 ? 277 LEU A C     1 
ATOM   812 O O     . LEU B 2 59 ? -32.574 -13.976 9.987   1.00 69.45 ? 277 LEU A O     1 
ATOM   813 C CB    . LEU B 2 59 ? -30.094 -16.539 9.142   1.00 62.84 ? 277 LEU A CB    1 
HETATM 814 O O     . HOH C 3 .  ? 12.851  9.070   -10.234 1.00 49.83 ? 10  HOH B O     1 
HETATM 815 O O     . HOH C 3 .  ? 10.511  1.092   -20.525 1.00 72.16 ? 11  HOH B O     1 
HETATM 816 O O     . HOH C 3 .  ? 16.503  26.486  5.480   1.00 58.53 ? 12  HOH B O     1 
HETATM 817 O O     . HOH C 3 .  ? 30.378  7.866   -21.339 1.00 64.62 ? 13  HOH B O     1 
HETATM 818 O O     . HOH C 3 .  ? 18.685  4.726   -15.167 1.00 40.66 ? 14  HOH B O     1 
HETATM 819 O O     . HOH C 3 .  ? 13.697  4.761   -9.172  1.00 69.32 ? 15  HOH B O     1 
HETATM 820 O O     . HOH C 3 .  ? 7.122   -10.172 -35.459 1.00 58.59 ? 16  HOH B O     1 
HETATM 821 O O     . HOH C 3 .  ? 15.681  27.885  -1.166  1.00 59.49 ? 17  HOH B O     1 
HETATM 822 O O     . HOH C 3 .  ? 18.809  25.950  2.336   1.00 56.20 ? 18  HOH B O     1 
HETATM 823 O O     . HOH C 3 .  ? 20.932  22.281  -0.153  1.00 53.99 ? 19  HOH B O     1 
HETATM 824 O O     . HOH C 3 .  ? 5.577   1.469   -23.648 1.00 51.52 ? 20  HOH B O     1 
HETATM 825 O O     . HOH C 3 .  ? 22.453  20.774  14.432  1.00 56.02 ? 21  HOH B O     1 
HETATM 826 O O     . HOH C 3 .  ? 11.948  5.891   -29.234 1.00 45.97 ? 22  HOH B O     1 
HETATM 827 O O     . HOH C 3 .  ? 21.086  10.958  -14.421 1.00 69.46 ? 23  HOH B O     1 
HETATM 828 O O     . HOH C 3 .  ? 26.859  9.034   -9.456  1.00 53.44 ? 24  HOH B O     1 
HETATM 829 O O     . HOH C 3 .  ? 20.752  9.041   -7.413  1.00 22.47 ? 25  HOH B O     1 
HETATM 830 O O     . HOH C 3 .  ? 15.052  11.405  -8.325  1.00 40.17 ? 26  HOH B O     1 
HETATM 831 O O     . HOH C 3 .  ? 20.823  17.903  16.999  1.00 58.73 ? 27  HOH B O     1 
HETATM 832 O O     . HOH C 3 .  ? 12.310  22.914  -4.470  1.00 51.70 ? 28  HOH B O     1 
HETATM 833 O O     . HOH C 3 .  ? 27.893  12.909  -7.564  1.00 46.51 ? 29  HOH B O     1 
HETATM 834 O O     . HOH C 3 .  ? 12.377  11.385  -7.774  1.00 59.50 ? 30  HOH B O     1 
HETATM 835 O O     . HOH C 3 .  ? 15.962  13.594  -5.089  1.00 22.27 ? 31  HOH B O     1 
HETATM 836 O O     . HOH C 3 .  ? 7.325   2.212   -21.613 1.00 33.59 ? 32  HOH B O     1 
HETATM 837 O O     . HOH C 3 .  ? 25.617  5.067   -9.469  1.00 45.53 ? 33  HOH B O     1 
HETATM 838 O O     . HOH D 3 .  ? 3.119   -4.611  2.197   1.00 52.68 ? 5   HOH A O     1 
HETATM 839 O O     . HOH D 3 .  ? 22.690  16.036  -6.265  1.00 41.44 ? 9   HOH A O     1 
HETATM 840 O O     . HOH D 3 .  ? 4.640   6.239   -3.568  1.00 39.79 ? 14  HOH A O     1 
HETATM 841 O O     . HOH D 3 .  ? 16.166  3.194   0.740   1.00 45.65 ? 16  HOH A O     1 
HETATM 842 O O     . HOH D 3 .  ? 32.132  15.336  -8.214  1.00 73.22 ? 18  HOH A O     1 
HETATM 843 O O     . HOH D 3 .  ? 23.763  10.641  1.751   1.00 29.47 ? 19  HOH A O     1 
HETATM 844 O O     . HOH D 3 .  ? 9.208   -4.691  -6.782  1.00 64.06 ? 20  HOH A O     1 
HETATM 845 O O     . HOH D 3 .  ? 16.798  9.950   1.616   1.00 35.50 ? 21  HOH A O     1 
HETATM 846 O O     . HOH D 3 .  ? -9.530  -11.246 3.245   1.00 32.16 ? 23  HOH A O     1 
HETATM 847 O O     . HOH D 3 .  ? 10.078  5.831   -7.020  1.00 35.73 ? 25  HOH A O     1 
HETATM 848 O O     . HOH D 3 .  ? 20.225  15.998  0.634   1.00 28.11 ? 26  HOH A O     1 
HETATM 849 O O     . HOH D 3 .  ? 11.683  -0.225  -3.066  1.00 42.60 ? 27  HOH A O     1 
HETATM 850 O O     . HOH D 3 .  ? -1.180  -5.847  -4.737  1.00 54.72 ? 30  HOH A O     1 
HETATM 851 O O     . HOH D 3 .  ? -25.078 -7.541  1.509   1.00 45.59 ? 32  HOH A O     1 
HETATM 852 O O     . HOH D 3 .  ? 21.335  18.383  -0.273  1.00 40.45 ? 33  HOH A O     1 
HETATM 853 O O     . HOH D 3 .  ? 13.436  12.624  -4.343  1.00 36.28 ? 37  HOH A O     1 
HETATM 854 O O     . HOH D 3 .  ? -0.062  -3.592  2.160   1.00 36.30 ? 38  HOH A O     1 
HETATM 855 O O     . HOH D 3 .  ? -8.885  -8.281  -3.653  1.00 31.19 ? 39  HOH A O     1 
HETATM 856 O O     . HOH D 3 .  ? -15.129 -6.781  -4.396  1.00 51.45 ? 42  HOH A O     1 
HETATM 857 O O     . HOH D 3 .  ? 31.037  8.741   -5.658  1.00 56.92 ? 43  HOH A O     1 
HETATM 858 O O     . HOH D 3 .  ? 26.857  9.266   -4.606  1.00 46.29 ? 44  HOH A O     1 
HETATM 859 O O     . HOH D 3 .  ? 29.446  8.360   -3.533  1.00 45.93 ? 46  HOH A O     1 
# 
